data_1RTV
# 
_entry.id   1RTV 
# 
_audit_conform.dict_name       mmcif_pdbx.dic 
_audit_conform.dict_version    5.376 
_audit_conform.dict_location   http://mmcif.pdb.org/dictionaries/ascii/mmcif_pdbx.dic 
# 
loop_
_database_2.database_id 
_database_2.database_code 
_database_2.pdbx_database_accession 
_database_2.pdbx_DOI 
PDB   1RTV         pdb_00001rtv 10.2210/pdb1rtv/pdb 
RCSB  RCSB021030   ?            ?                   
WWPDB D_1000021030 ?            ?                   
# 
_pdbx_database_status.status_code                     REL 
_pdbx_database_status.entry_id                        1RTV 
_pdbx_database_status.recvd_initial_deposition_date   2003-12-10 
_pdbx_database_status.deposit_site                    RCSB 
_pdbx_database_status.process_site                    RCSB 
_pdbx_database_status.SG_entry                        . 
_pdbx_database_status.status_code_sf                  REL 
_pdbx_database_status.pdb_format_compatible           Y 
_pdbx_database_status.status_code_mr                  ? 
_pdbx_database_status.status_code_cs                  ? 
_pdbx_database_status.status_code_nmr_data            ? 
_pdbx_database_status.methods_development_category    ? 
# 
loop_
_audit_author.name 
_audit_author.pdbx_ordinal 
'Dong, C.J.'     1 
'Naismith, J.H.' 2 
# 
_citation.id                        primary 
_citation.title                     
'RmlC (dTDP-6-deoxy-D-xylo-4-hexulose 3,5-epimerase) crystal structure from Pseudomonas aeruginosa, apo structure' 
_citation.journal_abbrev            'TO BE PUBLISHED' 
_citation.journal_volume            ? 
_citation.page_first                ? 
_citation.page_last                 ? 
_citation.year                      ? 
_citation.journal_id_ASTM           ? 
_citation.country                   ? 
_citation.journal_id_ISSN           ? 
_citation.journal_id_CSD            0353 
_citation.book_publisher            ? 
_citation.pdbx_database_id_PubMed   ? 
_citation.pdbx_database_id_DOI      ? 
# 
loop_
_citation_author.citation_id 
_citation_author.name 
_citation_author.ordinal 
_citation_author.identifier_ORCID 
primary 'Dong, C.J.'     1 ? 
primary 'Naismith, J.H.' 2 ? 
# 
_cell.entry_id           1RTV 
_cell.length_a           57.833 
_cell.length_b           57.833 
_cell.length_c           161.620 
_cell.angle_alpha        90.00 
_cell.angle_beta         90.00 
_cell.angle_gamma        90.00 
_cell.Z_PDB              8 
_cell.pdbx_unique_axis   ? 
# 
_symmetry.entry_id                         1RTV 
_symmetry.space_group_name_H-M             'P 41 21 2' 
_symmetry.pdbx_full_space_group_name_H-M   ? 
_symmetry.cell_setting                     ? 
_symmetry.Int_Tables_number                92 
# 
loop_
_entity.id 
_entity.type 
_entity.src_method 
_entity.pdbx_description 
_entity.formula_weight 
_entity.pdbx_number_of_molecules 
_entity.pdbx_ec 
_entity.pdbx_mutation 
_entity.pdbx_fragment 
_entity.details 
1 polymer     man 'dTDP-4-dehydrorhamnose 3,5-epimerase' 21082.795 1  5.1.3.13 ? ? ? 
2 non-polymer syn 'S,R MESO-TARTARIC ACID'               150.087   1  ?        ? ? ? 
3 water       nat water                                  18.015    20 ?        ? ? ? 
# 
_entity_name_com.entity_id   1 
_entity_name_com.name        'RmlC, dTDP-6-deoxy-D-xylo-4-hexulose 3,5-epimerase' 
# 
_entity_poly.entity_id                      1 
_entity_poly.type                           'polypeptide(L)' 
_entity_poly.nstd_linkage                   no 
_entity_poly.nstd_monomer                   no 
_entity_poly.pdbx_seq_one_letter_code       
;SMAMKATRLAIPDVILFEPRVFGDDRGFFFESYNQRAFEEACGHPVSFVQDNHSRSARGVLRGLHYQIRQAQGKLVRATL
GEVFDVAVDLRRGSPTFGQWVGERLSAENKRQMWIPAGFAHGFVVLSEYAEFLYKTTDFWAPEHERCIVWNDPELKIDWP
LQDAPLLSEKDRQGKAFADADCFP
;
_entity_poly.pdbx_seq_one_letter_code_can   
;SMAMKATRLAIPDVILFEPRVFGDDRGFFFESYNQRAFEEACGHPVSFVQDNHSRSARGVLRGLHYQIRQAQGKLVRATL
GEVFDVAVDLRRGSPTFGQWVGERLSAENKRQMWIPAGFAHGFVVLSEYAEFLYKTTDFWAPEHERCIVWNDPELKIDWP
LQDAPLLSEKDRQGKAFADADCFP
;
_entity_poly.pdbx_strand_id                 A 
_entity_poly.pdbx_target_identifier         ? 
# 
loop_
_entity_poly_seq.entity_id 
_entity_poly_seq.num 
_entity_poly_seq.mon_id 
_entity_poly_seq.hetero 
1 1   SER n 
1 2   MET n 
1 3   ALA n 
1 4   MET n 
1 5   LYS n 
1 6   ALA n 
1 7   THR n 
1 8   ARG n 
1 9   LEU n 
1 10  ALA n 
1 11  ILE n 
1 12  PRO n 
1 13  ASP n 
1 14  VAL n 
1 15  ILE n 
1 16  LEU n 
1 17  PHE n 
1 18  GLU n 
1 19  PRO n 
1 20  ARG n 
1 21  VAL n 
1 22  PHE n 
1 23  GLY n 
1 24  ASP n 
1 25  ASP n 
1 26  ARG n 
1 27  GLY n 
1 28  PHE n 
1 29  PHE n 
1 30  PHE n 
1 31  GLU n 
1 32  SER n 
1 33  TYR n 
1 34  ASN n 
1 35  GLN n 
1 36  ARG n 
1 37  ALA n 
1 38  PHE n 
1 39  GLU n 
1 40  GLU n 
1 41  ALA n 
1 42  CYS n 
1 43  GLY n 
1 44  HIS n 
1 45  PRO n 
1 46  VAL n 
1 47  SER n 
1 48  PHE n 
1 49  VAL n 
1 50  GLN n 
1 51  ASP n 
1 52  ASN n 
1 53  HIS n 
1 54  SER n 
1 55  ARG n 
1 56  SER n 
1 57  ALA n 
1 58  ARG n 
1 59  GLY n 
1 60  VAL n 
1 61  LEU n 
1 62  ARG n 
1 63  GLY n 
1 64  LEU n 
1 65  HIS n 
1 66  TYR n 
1 67  GLN n 
1 68  ILE n 
1 69  ARG n 
1 70  GLN n 
1 71  ALA n 
1 72  GLN n 
1 73  GLY n 
1 74  LYS n 
1 75  LEU n 
1 76  VAL n 
1 77  ARG n 
1 78  ALA n 
1 79  THR n 
1 80  LEU n 
1 81  GLY n 
1 82  GLU n 
1 83  VAL n 
1 84  PHE n 
1 85  ASP n 
1 86  VAL n 
1 87  ALA n 
1 88  VAL n 
1 89  ASP n 
1 90  LEU n 
1 91  ARG n 
1 92  ARG n 
1 93  GLY n 
1 94  SER n 
1 95  PRO n 
1 96  THR n 
1 97  PHE n 
1 98  GLY n 
1 99  GLN n 
1 100 TRP n 
1 101 VAL n 
1 102 GLY n 
1 103 GLU n 
1 104 ARG n 
1 105 LEU n 
1 106 SER n 
1 107 ALA n 
1 108 GLU n 
1 109 ASN n 
1 110 LYS n 
1 111 ARG n 
1 112 GLN n 
1 113 MET n 
1 114 TRP n 
1 115 ILE n 
1 116 PRO n 
1 117 ALA n 
1 118 GLY n 
1 119 PHE n 
1 120 ALA n 
1 121 HIS n 
1 122 GLY n 
1 123 PHE n 
1 124 VAL n 
1 125 VAL n 
1 126 LEU n 
1 127 SER n 
1 128 GLU n 
1 129 TYR n 
1 130 ALA n 
1 131 GLU n 
1 132 PHE n 
1 133 LEU n 
1 134 TYR n 
1 135 LYS n 
1 136 THR n 
1 137 THR n 
1 138 ASP n 
1 139 PHE n 
1 140 TRP n 
1 141 ALA n 
1 142 PRO n 
1 143 GLU n 
1 144 HIS n 
1 145 GLU n 
1 146 ARG n 
1 147 CYS n 
1 148 ILE n 
1 149 VAL n 
1 150 TRP n 
1 151 ASN n 
1 152 ASP n 
1 153 PRO n 
1 154 GLU n 
1 155 LEU n 
1 156 LYS n 
1 157 ILE n 
1 158 ASP n 
1 159 TRP n 
1 160 PRO n 
1 161 LEU n 
1 162 GLN n 
1 163 ASP n 
1 164 ALA n 
1 165 PRO n 
1 166 LEU n 
1 167 LEU n 
1 168 SER n 
1 169 GLU n 
1 170 LYS n 
1 171 ASP n 
1 172 ARG n 
1 173 GLN n 
1 174 GLY n 
1 175 LYS n 
1 176 ALA n 
1 177 PHE n 
1 178 ALA n 
1 179 ASP n 
1 180 ALA n 
1 181 ASP n 
1 182 CYS n 
1 183 PHE n 
1 184 PRO n 
# 
_entity_src_gen.entity_id                          1 
_entity_src_gen.pdbx_src_id                        1 
_entity_src_gen.pdbx_alt_source_flag               sample 
_entity_src_gen.pdbx_seq_type                      ? 
_entity_src_gen.pdbx_beg_seq_num                   ? 
_entity_src_gen.pdbx_end_seq_num                   ? 
_entity_src_gen.gene_src_common_name               ? 
_entity_src_gen.gene_src_genus                     Pseudomonas 
_entity_src_gen.pdbx_gene_src_gene                 rmlc 
_entity_src_gen.gene_src_species                   ? 
_entity_src_gen.gene_src_strain                    ? 
_entity_src_gen.gene_src_tissue                    ? 
_entity_src_gen.gene_src_tissue_fraction           ? 
_entity_src_gen.gene_src_details                   ? 
_entity_src_gen.pdbx_gene_src_fragment             ? 
_entity_src_gen.pdbx_gene_src_scientific_name      'Pseudomonas aeruginosa' 
_entity_src_gen.pdbx_gene_src_ncbi_taxonomy_id     287 
_entity_src_gen.pdbx_gene_src_variant              ? 
_entity_src_gen.pdbx_gene_src_cell_line            ? 
_entity_src_gen.pdbx_gene_src_atcc                 ? 
_entity_src_gen.pdbx_gene_src_organ                ? 
_entity_src_gen.pdbx_gene_src_organelle            ? 
_entity_src_gen.pdbx_gene_src_cell                 ? 
_entity_src_gen.pdbx_gene_src_cellular_location    ? 
_entity_src_gen.host_org_common_name               ? 
_entity_src_gen.pdbx_host_org_scientific_name      'Escherichia coli BL21(DE3)' 
_entity_src_gen.pdbx_host_org_ncbi_taxonomy_id     469008 
_entity_src_gen.host_org_genus                     Escherichia 
_entity_src_gen.pdbx_host_org_gene                 ? 
_entity_src_gen.pdbx_host_org_organ                ? 
_entity_src_gen.host_org_species                   'Escherichia coli' 
_entity_src_gen.pdbx_host_org_tissue               ? 
_entity_src_gen.pdbx_host_org_tissue_fraction      ? 
_entity_src_gen.pdbx_host_org_strain               'BL21(DE3)' 
_entity_src_gen.pdbx_host_org_variant              ? 
_entity_src_gen.pdbx_host_org_cell_line            ? 
_entity_src_gen.pdbx_host_org_atcc                 ? 
_entity_src_gen.pdbx_host_org_culture_collection   ? 
_entity_src_gen.pdbx_host_org_cell                 ? 
_entity_src_gen.pdbx_host_org_organelle            ? 
_entity_src_gen.pdbx_host_org_cellular_location    ? 
_entity_src_gen.pdbx_host_org_vector_type          plasmid 
_entity_src_gen.pdbx_host_org_vector               ? 
_entity_src_gen.host_org_details                   ? 
_entity_src_gen.expression_system_id               ? 
_entity_src_gen.plasmid_name                       'pET23a(+)' 
_entity_src_gen.plasmid_details                    ? 
_entity_src_gen.pdbx_description                   ? 
# 
_struct_ref.id                         1 
_struct_ref.db_name                    UNP 
_struct_ref.db_code                    Q9HU21_PSEAE 
_struct_ref.pdbx_db_accession          Q9HU21 
_struct_ref.entity_id                  1 
_struct_ref.pdbx_seq_one_letter_code   
;MKATRLAIPDVILFEPRVFGDDRGFFFESYNQRAFEEACGHPVSFVQDNHSRSARGVLRGLHYQIRQAQGKLVRATLGEV
FDVAVDLRRGSPTFGQWVGERLSAENKRQMWIPAGFAHGFVVLSEYAEFLYKTTDFWAPEHERCIVWNDPELKIDWPLQD
APLLSEKDRQGKAFADADCFP
;
_struct_ref.pdbx_align_begin           1 
_struct_ref.pdbx_db_isoform            ? 
# 
_struct_ref_seq.align_id                      1 
_struct_ref_seq.ref_id                        1 
_struct_ref_seq.pdbx_PDB_id_code              1RTV 
_struct_ref_seq.pdbx_strand_id                A 
_struct_ref_seq.seq_align_beg                 4 
_struct_ref_seq.pdbx_seq_align_beg_ins_code   ? 
_struct_ref_seq.seq_align_end                 184 
_struct_ref_seq.pdbx_seq_align_end_ins_code   ? 
_struct_ref_seq.pdbx_db_accession             Q9HU21 
_struct_ref_seq.db_align_beg                  1 
_struct_ref_seq.pdbx_db_align_beg_ins_code    ? 
_struct_ref_seq.db_align_end                  181 
_struct_ref_seq.pdbx_db_align_end_ins_code    ? 
_struct_ref_seq.pdbx_auth_seq_align_beg       1 
_struct_ref_seq.pdbx_auth_seq_align_end       181 
# 
loop_
_struct_ref_seq_dif.align_id 
_struct_ref_seq_dif.pdbx_pdb_id_code 
_struct_ref_seq_dif.mon_id 
_struct_ref_seq_dif.pdbx_pdb_strand_id 
_struct_ref_seq_dif.seq_num 
_struct_ref_seq_dif.pdbx_pdb_ins_code 
_struct_ref_seq_dif.pdbx_seq_db_name 
_struct_ref_seq_dif.pdbx_seq_db_accession_code 
_struct_ref_seq_dif.db_mon_id 
_struct_ref_seq_dif.pdbx_seq_db_seq_num 
_struct_ref_seq_dif.details 
_struct_ref_seq_dif.pdbx_auth_seq_num 
_struct_ref_seq_dif.pdbx_ordinal 
1 1RTV SER A 1 ? UNP Q9HU21 ? ? 'cloning artifact' -2 1 
1 1RTV MET A 2 ? UNP Q9HU21 ? ? 'cloning artifact' -1 2 
1 1RTV ALA A 3 ? UNP Q9HU21 ? ? 'cloning artifact' 0  3 
# 
loop_
_chem_comp.id 
_chem_comp.type 
_chem_comp.mon_nstd_flag 
_chem_comp.name 
_chem_comp.pdbx_synonyms 
_chem_comp.formula 
_chem_comp.formula_weight 
ALA 'L-peptide linking' y ALANINE                  ? 'C3 H7 N O2'     89.093  
ARG 'L-peptide linking' y ARGININE                 ? 'C6 H15 N4 O2 1' 175.209 
ASN 'L-peptide linking' y ASPARAGINE               ? 'C4 H8 N2 O3'    132.118 
ASP 'L-peptide linking' y 'ASPARTIC ACID'          ? 'C4 H7 N O4'     133.103 
CYS 'L-peptide linking' y CYSTEINE                 ? 'C3 H7 N O2 S'   121.158 
GLN 'L-peptide linking' y GLUTAMINE                ? 'C5 H10 N2 O3'   146.144 
GLU 'L-peptide linking' y 'GLUTAMIC ACID'          ? 'C5 H9 N O4'     147.129 
GLY 'peptide linking'   y GLYCINE                  ? 'C2 H5 N O2'     75.067  
HIS 'L-peptide linking' y HISTIDINE                ? 'C6 H10 N3 O2 1' 156.162 
HOH non-polymer         . WATER                    ? 'H2 O'           18.015  
ILE 'L-peptide linking' y ISOLEUCINE               ? 'C6 H13 N O2'    131.173 
LEU 'L-peptide linking' y LEUCINE                  ? 'C6 H13 N O2'    131.173 
LYS 'L-peptide linking' y LYSINE                   ? 'C6 H15 N2 O2 1' 147.195 
MET 'L-peptide linking' y METHIONINE               ? 'C5 H11 N O2 S'  149.211 
PHE 'L-peptide linking' y PHENYLALANINE            ? 'C9 H11 N O2'    165.189 
PRO 'L-peptide linking' y PROLINE                  ? 'C5 H9 N O2'     115.130 
SER 'L-peptide linking' y SERINE                   ? 'C3 H7 N O3'     105.093 
SRT non-polymer         . 'S,R MESO-TARTARIC ACID' ? 'C4 H6 O6'       150.087 
THR 'L-peptide linking' y THREONINE                ? 'C4 H9 N O3'     119.119 
TRP 'L-peptide linking' y TRYPTOPHAN               ? 'C11 H12 N2 O2'  204.225 
TYR 'L-peptide linking' y TYROSINE                 ? 'C9 H11 N O3'    181.189 
VAL 'L-peptide linking' y VALINE                   ? 'C5 H11 N O2'    117.146 
# 
_exptl.entry_id          1RTV 
_exptl.method            'X-RAY DIFFRACTION' 
_exptl.crystals_number   1 
# 
_exptl_crystal.id                    1 
_exptl_crystal.density_meas          ? 
_exptl_crystal.density_percent_sol   61.60 
_exptl_crystal.description           ? 
_exptl_crystal.density_Matthews      3.20 
# 
_exptl_crystal_grow.crystal_id      1 
_exptl_crystal_grow.method          'VAPOR DIFFUSION, SITTING DROP' 
_exptl_crystal_grow.temp            293 
_exptl_crystal_grow.temp_details    ? 
_exptl_crystal_grow.pH              6.5 
_exptl_crystal_grow.pdbx_details    
'0.2M Sodium tartrate, 0.1M MOPS, 8% PEG 8000, pH 6.5, VAPOR DIFFUSION, SITTING DROP, temperature 293K' 
_exptl_crystal_grow.pdbx_pH_range   . 
# 
_diffrn.id                     1 
_diffrn.ambient_temp           110 
_diffrn.ambient_temp_details   ? 
_diffrn.crystal_id             1 
# 
_diffrn_detector.diffrn_id              1 
_diffrn_detector.detector               'IMAGE PLATE' 
_diffrn_detector.type                   'MAC Science DIP-2000' 
_diffrn_detector.pdbx_collection_date   2000-05-10 
_diffrn_detector.details                ? 
# 
_diffrn_radiation.diffrn_id                        1 
_diffrn_radiation.wavelength_id                    1 
_diffrn_radiation.pdbx_monochromatic_or_laue_m_l   M 
_diffrn_radiation.monochromator                    ? 
_diffrn_radiation.pdbx_diffrn_protocol             'SINGLE WAVELENGTH' 
_diffrn_radiation.pdbx_scattering_type             x-ray 
# 
_diffrn_radiation_wavelength.id           1 
_diffrn_radiation_wavelength.wavelength   1.5418 
_diffrn_radiation_wavelength.wt           1.0 
# 
_diffrn_source.diffrn_id                   1 
_diffrn_source.source                      'ROTATING ANODE' 
_diffrn_source.type                        ENRAF-NONIUS 
_diffrn_source.pdbx_synchrotron_site       ? 
_diffrn_source.pdbx_synchrotron_beamline   ? 
_diffrn_source.pdbx_wavelength             ? 
_diffrn_source.pdbx_wavelength_list        1.5418 
# 
_reflns.entry_id                     1RTV 
_reflns.observed_criterion_sigma_F   2.367 
_reflns.observed_criterion_sigma_I   1.8 
_reflns.d_resolution_high            2.5 
_reflns.d_resolution_low             40.4 
_reflns.number_all                   9732 
_reflns.number_obs                   9710 
_reflns.percent_possible_obs         99.2 
_reflns.pdbx_Rmerge_I_obs            0.094 
_reflns.pdbx_Rsym_value              0.088 
_reflns.pdbx_netI_over_sigmaI        6.8 
_reflns.B_iso_Wilson_estimate        56.26 
_reflns.pdbx_redundancy              7.3 
_reflns.R_free_details               ? 
_reflns.limit_h_max                  ? 
_reflns.limit_h_min                  ? 
_reflns.limit_k_max                  ? 
_reflns.limit_k_min                  ? 
_reflns.limit_l_max                  ? 
_reflns.limit_l_min                  ? 
_reflns.observed_criterion_F_max     ? 
_reflns.observed_criterion_F_min     ? 
_reflns.pdbx_diffrn_id               1 
_reflns.pdbx_ordinal                 1 
# 
_reflns_shell.d_res_high             2.5 
_reflns_shell.d_res_low              2.67 
_reflns_shell.percent_possible_all   94.4 
_reflns_shell.Rmerge_I_obs           0.455 
_reflns_shell.pdbx_Rsym_value        0.419 
_reflns_shell.meanI_over_sigI_obs    4 
_reflns_shell.pdbx_redundancy        6.3 
_reflns_shell.percent_possible_obs   ? 
_reflns_shell.number_unique_all      1298 
_reflns_shell.pdbx_diffrn_id         ? 
_reflns_shell.pdbx_ordinal           1 
# 
_refine.entry_id                                 1RTV 
_refine.ls_number_reflns_obs                     9166 
_refine.ls_number_reflns_all                     9710 
_refine.pdbx_ls_sigma_I                          1.8 
_refine.pdbx_ls_sigma_F                          2.36 
_refine.pdbx_data_cutoff_high_absF               ? 
_refine.pdbx_data_cutoff_low_absF                ? 
_refine.pdbx_data_cutoff_high_rms_absF           ? 
_refine.ls_d_res_low                             54.23 
_refine.ls_d_res_high                            2.50 
_refine.ls_percent_reflns_obs                    95.17 
_refine.ls_R_factor_obs                          0.23326 
_refine.ls_R_factor_all                          0.25 
_refine.ls_R_factor_R_work                       0.23029 
_refine.ls_R_factor_R_free                       0.28971 
_refine.ls_R_factor_R_free_error                 ? 
_refine.ls_R_factor_R_free_error_details         ? 
_refine.ls_percent_reflns_R_free                 5.0 
_refine.ls_number_reflns_R_free                  485 
_refine.ls_number_parameters                     ? 
_refine.ls_number_restraints                     ? 
_refine.occupancy_min                            ? 
_refine.occupancy_max                            ? 
_refine.correlation_coeff_Fo_to_Fc               0.924 
_refine.correlation_coeff_Fo_to_Fc_free          0.870 
_refine.B_iso_mean                               30.642 
_refine.aniso_B[1][1]                            2.35 
_refine.aniso_B[2][2]                            2.35 
_refine.aniso_B[3][3]                            -4.70 
_refine.aniso_B[1][2]                            0.00 
_refine.aniso_B[1][3]                            0.00 
_refine.aniso_B[2][3]                            0.00 
_refine.solvent_model_details                    'BABINET MODEL WITH MASK' 
_refine.solvent_model_param_ksol                 ? 
_refine.solvent_model_param_bsol                 ? 
_refine.pdbx_solvent_vdw_probe_radii             1.40 
_refine.pdbx_solvent_ion_probe_radii             0.80 
_refine.pdbx_solvent_shrinkage_radii             0.80 
_refine.pdbx_ls_cross_valid_method               THROUGHOUT 
_refine.details                                  'HYDROGENS HAVE BEEN ADDED IN THE RIDING POSITIONS' 
_refine.pdbx_starting_model                      'pdb entry 1DZR' 
_refine.pdbx_method_to_determine_struct          'MOLECULAR REPLACEMENT' 
_refine.pdbx_isotropic_thermal_model             overall 
_refine.pdbx_stereochemistry_target_values       'MAXIMUM LIKELIHOOD' 
_refine.pdbx_stereochem_target_val_spec_case     ? 
_refine.pdbx_R_Free_selection_details            RANDOM 
_refine.pdbx_overall_ESU_R                       0.425 
_refine.pdbx_overall_ESU_R_Free                  0.307 
_refine.overall_SU_ML                            0.315 
_refine.overall_SU_B                             14.086 
_refine.ls_redundancy_reflns_obs                 ? 
_refine.B_iso_min                                ? 
_refine.B_iso_max                                ? 
_refine.overall_SU_R_Cruickshank_DPI             ? 
_refine.overall_SU_R_free                        ? 
_refine.pdbx_refine_id                           'X-RAY DIFFRACTION' 
_refine.pdbx_diffrn_id                           1 
_refine.pdbx_TLS_residual_ADP_flag               ? 
_refine.pdbx_overall_phase_error                 ? 
_refine.pdbx_overall_SU_R_free_Cruickshank_DPI   ? 
_refine.pdbx_overall_SU_R_Blow_DPI               ? 
_refine.pdbx_overall_SU_R_free_Blow_DPI          ? 
# 
_refine_hist.pdbx_refine_id                   'X-RAY DIFFRACTION' 
_refine_hist.cycle_id                         LAST 
_refine_hist.pdbx_number_atoms_protein        1490 
_refine_hist.pdbx_number_atoms_nucleic_acid   0 
_refine_hist.pdbx_number_atoms_ligand         10 
_refine_hist.number_atoms_solvent             20 
_refine_hist.number_atoms_total               1520 
_refine_hist.d_res_high                       2.50 
_refine_hist.d_res_low                        54.23 
# 
loop_
_refine_ls_restr.type 
_refine_ls_restr.dev_ideal 
_refine_ls_restr.dev_ideal_target 
_refine_ls_restr.weight 
_refine_ls_restr.number 
_refine_ls_restr.pdbx_refine_id 
_refine_ls_restr.pdbx_restraint_function 
r_bond_refined_d         0.015  0.021  ? 1542 'X-RAY DIFFRACTION' ? 
r_bond_other_d           0.001  0.020  ? 1354 'X-RAY DIFFRACTION' ? 
r_angle_refined_deg      1.902  1.929  ? 2087 'X-RAY DIFFRACTION' ? 
r_angle_other_deg        0.905  3.000  ? 3133 'X-RAY DIFFRACTION' ? 
r_dihedral_angle_1_deg   5.272  3.000  ? 183  'X-RAY DIFFRACTION' ? 
r_dihedral_angle_2_deg   ?      ?      ? ?    'X-RAY DIFFRACTION' ? 
r_dihedral_angle_3_deg   18.518 15.000 ? 262  'X-RAY DIFFRACTION' ? 
r_dihedral_angle_4_deg   ?      ?      ? ?    'X-RAY DIFFRACTION' ? 
r_chiral_restr           0.103  0.200  ? 211  'X-RAY DIFFRACTION' ? 
r_gen_planes_refined     0.008  0.020  ? 1751 'X-RAY DIFFRACTION' ? 
r_gen_planes_other       0.003  0.020  ? 359  'X-RAY DIFFRACTION' ? 
r_nbd_refined            0.278  0.300  ? 316  'X-RAY DIFFRACTION' ? 
r_nbd_other              0.256  0.300  ? 1281 'X-RAY DIFFRACTION' ? 
r_nbtor_refined          ?      ?      ? ?    'X-RAY DIFFRACTION' ? 
r_nbtor_other            0.109  0.500  ? 2    'X-RAY DIFFRACTION' ? 
r_xyhbond_nbd_refined    0.152  0.500  ? 85   'X-RAY DIFFRACTION' ? 
r_xyhbond_nbd_other      0.253  0.500  ? 2    'X-RAY DIFFRACTION' ? 
r_metal_ion_refined      ?      ?      ? ?    'X-RAY DIFFRACTION' ? 
r_metal_ion_other        ?      ?      ? ?    'X-RAY DIFFRACTION' ? 
r_symmetry_vdw_refined   0.241  0.300  ? 22   'X-RAY DIFFRACTION' ? 
r_symmetry_vdw_other     0.321  0.300  ? 64   'X-RAY DIFFRACTION' ? 
r_symmetry_hbond_refined 0.788  0.500  ? 8    'X-RAY DIFFRACTION' ? 
r_symmetry_hbond_other   0.149  0.500  ? 1    'X-RAY DIFFRACTION' ? 
r_mcbond_it              0.642  1.500  ? 917  'X-RAY DIFFRACTION' ? 
r_mcbond_other           ?      ?      ? ?    'X-RAY DIFFRACTION' ? 
r_mcangle_it             1.239  2.000  ? 1467 'X-RAY DIFFRACTION' ? 
r_scbond_it              1.796  3.000  ? 625  'X-RAY DIFFRACTION' ? 
r_scangle_it             3.051  4.500  ? 620  'X-RAY DIFFRACTION' ? 
r_rigid_bond_restr       ?      ?      ? ?    'X-RAY DIFFRACTION' ? 
r_sphericity_free        ?      ?      ? ?    'X-RAY DIFFRACTION' ? 
r_sphericity_bonded      ?      ?      ? ?    'X-RAY DIFFRACTION' ? 
# 
_refine_ls_shell.pdbx_total_number_of_bins_used   20 
_refine_ls_shell.d_res_high                       2.500 
_refine_ls_shell.d_res_low                        2.565 
_refine_ls_shell.number_reflns_R_work             240 
_refine_ls_shell.R_factor_R_work                  0.314 
_refine_ls_shell.percent_reflns_obs               99.4 
_refine_ls_shell.R_factor_R_free                  0.261 
_refine_ls_shell.R_factor_R_free_error            ? 
_refine_ls_shell.percent_reflns_R_free            ? 
_refine_ls_shell.number_reflns_R_free             9 
_refine_ls_shell.number_reflns_obs                1298 
_refine_ls_shell.redundancy_reflns_obs            ? 
_refine_ls_shell.number_reflns_all                ? 
_refine_ls_shell.pdbx_refine_id                   'X-RAY DIFFRACTION' 
_refine_ls_shell.R_factor_all                     ? 
# 
_struct.entry_id                  1RTV 
_struct.title                     
'RmlC (dTDP-6-deoxy-D-xylo-4-hexulose 3,5-epimerase) crystal structure from Pseudomonas aeruginosa, apo structure' 
_struct.pdbx_model_details        ? 
_struct.pdbx_CASP_flag            ? 
_struct.pdbx_model_type_details   ? 
# 
_struct_keywords.entry_id        1RTV 
_struct_keywords.pdbx_keywords   ISOMERASE 
_struct_keywords.text            'RmlC, main beta sheet structure, ISOMERASE' 
# 
loop_
_struct_asym.id 
_struct_asym.pdbx_blank_PDB_chainid_flag 
_struct_asym.pdbx_modified 
_struct_asym.entity_id 
_struct_asym.details 
A N N 1 ? 
B N N 2 ? 
C N N 3 ? 
# 
_struct_biol.id                    1 
_struct_biol.details               'The biological assembly is a dimer.' 
_struct_biol.pdbx_parent_biol_id   ? 
# 
loop_
_struct_conf.conf_type_id 
_struct_conf.id 
_struct_conf.pdbx_PDB_helix_id 
_struct_conf.beg_label_comp_id 
_struct_conf.beg_label_asym_id 
_struct_conf.beg_label_seq_id 
_struct_conf.pdbx_beg_PDB_ins_code 
_struct_conf.end_label_comp_id 
_struct_conf.end_label_asym_id 
_struct_conf.end_label_seq_id 
_struct_conf.pdbx_end_PDB_ins_code 
_struct_conf.beg_auth_comp_id 
_struct_conf.beg_auth_asym_id 
_struct_conf.beg_auth_seq_id 
_struct_conf.end_auth_comp_id 
_struct_conf.end_auth_asym_id 
_struct_conf.end_auth_seq_id 
_struct_conf.pdbx_PDB_helix_class 
_struct_conf.details 
_struct_conf.pdbx_PDB_helix_length 
HELX_P HELX_P1 1 ASN A 34  ? GLY A 43  ? ASN A 31  GLY A 40  1 ? 10 
HELX_P HELX_P2 2 SER A 168 ? GLN A 173 ? SER A 165 GLN A 170 1 ? 6  
HELX_P HELX_P3 3 ALA A 176 ? ALA A 180 ? ALA A 173 ALA A 177 5 ? 5  
# 
_struct_conf_type.id          HELX_P 
_struct_conf_type.criteria    ? 
_struct_conf_type.reference   ? 
# 
loop_
_struct_sheet.id 
_struct_sheet.type 
_struct_sheet.number_strands 
_struct_sheet.details 
A ? 6 ? 
B ? 2 ? 
C ? 5 ? 
# 
loop_
_struct_sheet_order.sheet_id 
_struct_sheet_order.range_id_1 
_struct_sheet_order.range_id_2 
_struct_sheet_order.offset 
_struct_sheet_order.sense 
A 1 2 ? anti-parallel 
A 2 3 ? anti-parallel 
A 3 4 ? anti-parallel 
A 4 5 ? anti-parallel 
A 5 6 ? anti-parallel 
B 1 2 ? anti-parallel 
C 1 2 ? anti-parallel 
C 2 3 ? anti-parallel 
C 3 4 ? anti-parallel 
C 4 5 ? anti-parallel 
# 
loop_
_struct_sheet_range.sheet_id 
_struct_sheet_range.id 
_struct_sheet_range.beg_label_comp_id 
_struct_sheet_range.beg_label_asym_id 
_struct_sheet_range.beg_label_seq_id 
_struct_sheet_range.pdbx_beg_PDB_ins_code 
_struct_sheet_range.end_label_comp_id 
_struct_sheet_range.end_label_asym_id 
_struct_sheet_range.end_label_seq_id 
_struct_sheet_range.pdbx_end_PDB_ins_code 
_struct_sheet_range.beg_auth_comp_id 
_struct_sheet_range.beg_auth_asym_id 
_struct_sheet_range.beg_auth_seq_id 
_struct_sheet_range.end_auth_comp_id 
_struct_sheet_range.end_auth_asym_id 
_struct_sheet_range.end_auth_seq_id 
A 1 LYS A 5   ? ARG A 8   ? LYS A 2   ARG A 5   
A 2 ILE A 15  ? GLU A 18  ? ILE A 12  GLU A 15  
A 3 GLN A 112 ? ILE A 115 ? GLN A 109 ILE A 112 
A 4 LYS A 74  ? LEU A 80  ? LYS A 71  LEU A 77  
A 5 TYR A 129 ? THR A 136 ? TYR A 126 THR A 133 
A 6 GLN A 50  ? ALA A 57  ? GLN A 47  ALA A 54  
B 1 VAL A 21  ? ASP A 24  ? VAL A 18  ASP A 21  
B 2 GLY A 27  ? PHE A 30  ? GLY A 24  PHE A 27  
C 1 TRP A 100 ? SER A 106 ? TRP A 97  SER A 103 
C 2 GLU A 82  ? ASP A 89  ? GLU A 79  ASP A 86  
C 3 PHE A 119 ? VAL A 125 ? PHE A 116 VAL A 122 
C 4 LEU A 61  ? GLN A 67  ? LEU A 58  GLN A 64  
C 5 GLU A 145 ? CYS A 147 ? GLU A 142 CYS A 144 
# 
loop_
_pdbx_struct_sheet_hbond.sheet_id 
_pdbx_struct_sheet_hbond.range_id_1 
_pdbx_struct_sheet_hbond.range_id_2 
_pdbx_struct_sheet_hbond.range_1_label_atom_id 
_pdbx_struct_sheet_hbond.range_1_label_comp_id 
_pdbx_struct_sheet_hbond.range_1_label_asym_id 
_pdbx_struct_sheet_hbond.range_1_label_seq_id 
_pdbx_struct_sheet_hbond.range_1_PDB_ins_code 
_pdbx_struct_sheet_hbond.range_1_auth_atom_id 
_pdbx_struct_sheet_hbond.range_1_auth_comp_id 
_pdbx_struct_sheet_hbond.range_1_auth_asym_id 
_pdbx_struct_sheet_hbond.range_1_auth_seq_id 
_pdbx_struct_sheet_hbond.range_2_label_atom_id 
_pdbx_struct_sheet_hbond.range_2_label_comp_id 
_pdbx_struct_sheet_hbond.range_2_label_asym_id 
_pdbx_struct_sheet_hbond.range_2_label_seq_id 
_pdbx_struct_sheet_hbond.range_2_PDB_ins_code 
_pdbx_struct_sheet_hbond.range_2_auth_atom_id 
_pdbx_struct_sheet_hbond.range_2_auth_comp_id 
_pdbx_struct_sheet_hbond.range_2_auth_asym_id 
_pdbx_struct_sheet_hbond.range_2_auth_seq_id 
A 1 2 N LYS A 5   ? N LYS A 2   O GLU A 18  ? O GLU A 15  
A 2 3 N ILE A 15  ? N ILE A 12  O TRP A 114 ? O TRP A 111 
A 3 4 O ILE A 115 ? O ILE A 112 N LYS A 74  ? N LYS A 71  
A 4 5 N LEU A 80  ? N LEU A 77  O GLU A 131 ? O GLU A 128 
A 5 6 O ALA A 130 ? O ALA A 127 N SER A 56  ? N SER A 53  
B 1 2 N ASP A 24  ? N ASP A 21  O GLY A 27  ? O GLY A 24  
C 1 2 O GLU A 103 ? O GLU A 100 N ASP A 85  ? N ASP A 82  
C 2 3 N VAL A 86  ? N VAL A 83  O GLY A 122 ? O GLY A 119 
C 3 4 O HIS A 121 ? O HIS A 118 N HIS A 65  ? N HIS A 62  
C 4 5 N TYR A 66  ? N TYR A 63  O ARG A 146 ? O ARG A 143 
# 
_struct_site.id                   AC1 
_struct_site.pdbx_evidence_code   Software 
_struct_site.pdbx_auth_asym_id    A 
_struct_site.pdbx_auth_comp_id    SRT 
_struct_site.pdbx_auth_seq_id     182 
_struct_site.pdbx_auth_ins_code   ? 
_struct_site.pdbx_num_residues    8 
_struct_site.details              'BINDING SITE FOR RESIDUE SRT A 182' 
# 
loop_
_struct_site_gen.id 
_struct_site_gen.site_id 
_struct_site_gen.pdbx_num_res 
_struct_site_gen.label_comp_id 
_struct_site_gen.label_asym_id 
_struct_site_gen.label_seq_id 
_struct_site_gen.pdbx_auth_ins_code 
_struct_site_gen.auth_comp_id 
_struct_site_gen.auth_asym_id 
_struct_site_gen.auth_seq_id 
_struct_site_gen.label_atom_id 
_struct_site_gen.label_alt_id 
_struct_site_gen.symmetry 
_struct_site_gen.details 
1 AC1 8 ARG A 62  ? ARG A 59  . ? 1_555 ? 
2 AC1 8 HIS A 65  ? HIS A 62  . ? 1_555 ? 
3 AC1 8 LYS A 74  ? LYS A 71  . ? 1_555 ? 
4 AC1 8 ARG A 92  ? ARG A 89  . ? 5_555 ? 
5 AC1 8 HIS A 121 ? HIS A 118 . ? 1_555 ? 
6 AC1 8 TYR A 134 ? TYR A 131 . ? 1_555 ? 
7 AC1 8 TRP A 140 ? TRP A 137 . ? 1_555 ? 
8 AC1 8 GLU A 145 ? GLU A 142 . ? 1_555 ? 
# 
_atom_sites.entry_id                    1RTV 
_atom_sites.fract_transf_matrix[1][1]   0.01086431 
_atom_sites.fract_transf_matrix[1][2]   -0.01181870 
_atom_sites.fract_transf_matrix[1][3]   -0.00642369 
_atom_sites.fract_transf_matrix[2][1]   -0.00434658 
_atom_sites.fract_transf_matrix[2][2]   -0.01089862 
_atom_sites.fract_transf_matrix[2][3]   0.01270063 
_atom_sites.fract_transf_matrix[3][1]   -0.00455500 
_atom_sites.fract_transf_matrix[3][2]   -0.00227761 
_atom_sites.fract_transf_matrix[3][3]   -0.00351333 
_atom_sites.fract_transf_vector[1]      0.077567 
_atom_sites.fract_transf_vector[2]      0.709840 
_atom_sites.fract_transf_vector[3]      0.177446 
# 
loop_
_atom_type.symbol 
C 
N 
O 
S 
# 
loop_
_atom_site.group_PDB 
_atom_site.id 
_atom_site.type_symbol 
_atom_site.label_atom_id 
_atom_site.label_alt_id 
_atom_site.label_comp_id 
_atom_site.label_asym_id 
_atom_site.label_entity_id 
_atom_site.label_seq_id 
_atom_site.pdbx_PDB_ins_code 
_atom_site.Cartn_x 
_atom_site.Cartn_y 
_atom_site.Cartn_z 
_atom_site.occupancy 
_atom_site.B_iso_or_equiv 
_atom_site.pdbx_formal_charge 
_atom_site.auth_seq_id 
_atom_site.auth_comp_id 
_atom_site.auth_asym_id 
_atom_site.auth_atom_id 
_atom_site.pdbx_PDB_model_num 
ATOM   1    N N   . SER A 1 1   ? -12.420 4.623   -21.075 1.00 63.39  ? -2  SER A N   1 
ATOM   2    C CA  . SER A 1 1   ? -11.204 3.759   -20.922 1.00 63.50  ? -2  SER A CA  1 
ATOM   3    C C   . SER A 1 1   ? -11.313 2.573   -19.929 1.00 62.99  ? -2  SER A C   1 
ATOM   4    O O   . SER A 1 1   ? -10.336 1.847   -19.816 1.00 63.63  ? -2  SER A O   1 
ATOM   5    C CB  . SER A 1 1   ? -9.973  4.624   -20.548 1.00 63.62  ? -2  SER A CB  1 
ATOM   6    O OG  . SER A 1 1   ? -8.773  4.114   -21.118 1.00 64.16  ? -2  SER A OG  1 
ATOM   7    N N   . MET A 1 2   ? -12.390 2.381   -19.153 1.00 62.21  ? -1  MET A N   1 
ATOM   8    C CA  . MET A 1 2   ? -12.362 1.215   -18.233 1.00 61.66  ? -1  MET A CA  1 
ATOM   9    C C   . MET A 1 2   ? -13.534 0.230   -17.898 1.00 60.51  ? -1  MET A C   1 
ATOM   10   O O   . MET A 1 2   ? -14.034 -0.477  -18.772 1.00 60.77  ? -1  MET A O   1 
ATOM   11   C CB  . MET A 1 2   ? -11.682 1.696   -16.945 1.00 61.96  ? -1  MET A CB  1 
ATOM   12   C CG  . MET A 1 2   ? -12.251 2.987   -16.342 1.00 62.92  ? -1  MET A CG  1 
ATOM   13   S SD  . MET A 1 2   ? -11.000 3.940   -15.372 1.00 65.79  ? -1  MET A SD  1 
ATOM   14   C CE  . MET A 1 2   ? -9.790  4.326   -16.672 1.00 66.20  ? -1  MET A CE  1 
ATOM   15   N N   . ALA A 1 3   ? -13.890 0.125   -16.619 1.00 58.87  ? 0   ALA A N   1 
ATOM   16   C CA  . ALA A 1 3   ? -14.782 -0.936  -16.102 1.00 57.42  ? 0   ALA A CA  1 
ATOM   17   C C   . ALA A 1 3   ? -14.091 -1.493  -14.831 1.00 55.72  ? 0   ALA A C   1 
ATOM   18   O O   . ALA A 1 3   ? -14.086 -2.704  -14.529 1.00 55.29  ? 0   ALA A O   1 
ATOM   19   C CB  . ALA A 1 3   ? -15.044 -2.009  -17.119 1.00 57.49  ? 0   ALA A CB  1 
ATOM   20   N N   . MET A 1 4   ? -13.390 -0.527  -14.235 1.00 53.24  ? 1   MET A N   1 
ATOM   21   C CA  . MET A 1 4   ? -12.970 -0.410  -12.857 1.00 51.44  ? 1   MET A CA  1 
ATOM   22   C C   . MET A 1 4   ? -12.415 1.041   -12.956 1.00 49.40  ? 1   MET A C   1 
ATOM   23   O O   . MET A 1 4   ? -11.807 1.388   -13.960 1.00 48.77  ? 1   MET A O   1 
ATOM   24   C CB  . MET A 1 4   ? -11.956 -1.442  -12.402 1.00 51.57  ? 1   MET A CB  1 
ATOM   25   C CG  . MET A 1 4   ? -10.542 -1.045  -12.475 1.00 51.84  ? 1   MET A CG  1 
ATOM   26   S SD  . MET A 1 4   ? -9.714  -2.067  -11.265 1.00 52.10  ? 1   MET A SD  1 
ATOM   27   C CE  . MET A 1 4   ? -9.833  -3.691  -12.004 1.00 53.04  ? 1   MET A CE  1 
ATOM   28   N N   . LYS A 1 5   ? -12.689 1.909   -11.988 1.00 46.94  ? 2   LYS A N   1 
ATOM   29   C CA  . LYS A 1 5   ? -12.138 3.265   -12.014 1.00 45.18  ? 2   LYS A CA  1 
ATOM   30   C C   . LYS A 1 5   ? -10.658 3.242   -11.639 1.00 42.78  ? 2   LYS A C   1 
ATOM   31   O O   . LYS A 1 5   ? -10.246 2.450   -10.809 1.00 42.11  ? 2   LYS A O   1 
ATOM   32   C CB  . LYS A 1 5   ? -12.846 4.149   -10.994 1.00 45.57  ? 2   LYS A CB  1 
ATOM   33   C CG  . LYS A 1 5   ? -14.024 4.937   -11.502 1.00 47.60  ? 2   LYS A CG  1 
ATOM   34   C CD  . LYS A 1 5   ? -14.947 5.373   -10.346 1.00 49.70  ? 2   LYS A CD  1 
ATOM   35   C CE  . LYS A 1 5   ? -14.196 6.152   -9.259  1.00 51.02  ? 2   LYS A CE  1 
ATOM   36   N NZ  . LYS A 1 5   ? -15.037 6.397   -8.042  1.00 51.94  ? 2   LYS A NZ  1 
ATOM   37   N N   . ALA A 1 6   ? -9.881  4.129   -12.254 1.00 40.22  ? 3   ALA A N   1 
ATOM   38   C CA  . ALA A 1 6   ? -8.466  4.305   -11.974 1.00 38.30  ? 3   ALA A CA  1 
ATOM   39   C C   . ALA A 1 6   ? -8.264  5.810   -11.767 1.00 36.99  ? 3   ALA A C   1 
ATOM   40   O O   . ALA A 1 6   ? -8.729  6.610   -12.566 1.00 35.62  ? 3   ALA A O   1 
ATOM   41   C CB  . ALA A 1 6   ? -7.617  3.804   -13.126 1.00 37.62  ? 3   ALA A CB  1 
ATOM   42   N N   . THR A 1 7   ? -7.591  6.178   -10.681 1.00 35.94  ? 4   THR A N   1 
ATOM   43   C CA  . THR A 1 7   ? -7.376  7.570   -10.341 1.00 35.50  ? 4   THR A CA  1 
ATOM   44   C C   . THR A 1 7   ? -5.979  7.781   -9.844  1.00 34.88  ? 4   THR A C   1 
ATOM   45   O O   . THR A 1 7   ? -5.610  7.227   -8.831  1.00 34.64  ? 4   THR A O   1 
ATOM   46   C CB  . THR A 1 7   ? -8.330  8.016   -9.203  1.00 35.60  ? 4   THR A CB  1 
ATOM   47   O OG1 . THR A 1 7   ? -9.692  7.974   -9.641  1.00 35.42  ? 4   THR A OG1 1 
ATOM   48   C CG2 . THR A 1 7   ? -8.121  9.481   -8.844  1.00 35.21  ? 4   THR A CG2 1 
ATOM   49   N N   . ARG A 1 8   ? -5.217  8.611   -10.549 1.00 34.56  ? 5   ARG A N   1 
ATOM   50   C CA  . ARG A 1 8   ? -3.884  8.987   -10.119 1.00 34.02  ? 5   ARG A CA  1 
ATOM   51   C C   . ARG A 1 8   ? -4.022  9.892   -8.902  1.00 33.10  ? 5   ARG A C   1 
ATOM   52   O O   . ARG A 1 8   ? -4.922  10.721  -8.866  1.00 32.68  ? 5   ARG A O   1 
ATOM   53   C CB  . ARG A 1 8   ? -3.179  9.731   -11.241 1.00 34.24  ? 5   ARG A CB  1 
ATOM   54   C CG  . ARG A 1 8   ? -3.005  8.896   -12.492 1.00 35.71  ? 5   ARG A CG  1 
ATOM   55   C CD  . ARG A 1 8   ? -1.906  9.397   -13.381 1.00 38.15  ? 5   ARG A CD  1 
ATOM   56   N NE  . ARG A 1 8   ? -1.700  8.573   -14.564 1.00 41.14  ? 5   ARG A NE  1 
ATOM   57   C CZ  . ARG A 1 8   ? -0.680  7.736   -14.732 1.00 44.64  ? 5   ARG A CZ  1 
ATOM   58   N NH1 . ARG A 1 8   ? 0.235   7.571   -13.778 1.00 44.97  ? 5   ARG A NH1 1 
ATOM   59   N NH2 . ARG A 1 8   ? -0.580  7.041   -15.858 1.00 46.02  ? 5   ARG A NH2 1 
ATOM   60   N N   . LEU A 1 9   ? -3.151  9.714   -7.903  1.00 32.04  ? 6   LEU A N   1 
ATOM   61   C CA  . LEU A 1 9   ? -3.204  10.520  -6.678  1.00 31.06  ? 6   LEU A CA  1 
ATOM   62   C C   . LEU A 1 9   ? -2.224  11.686  -6.686  1.00 30.55  ? 6   LEU A C   1 
ATOM   63   O O   . LEU A 1 9   ? -1.567  11.940  -7.694  1.00 30.59  ? 6   LEU A O   1 
ATOM   64   C CB  . LEU A 1 9   ? -2.965  9.651   -5.471  1.00 30.67  ? 6   LEU A CB  1 
ATOM   65   C CG  . LEU A 1 9   ? -4.049  8.585   -5.322  1.00 30.07  ? 6   LEU A CG  1 
ATOM   66   C CD1 . LEU A 1 9   ? -3.724  7.675   -4.181  1.00 30.19  ? 6   LEU A CD1 1 
ATOM   67   C CD2 . LEU A 1 9   ? -5.403  9.178   -5.091  1.00 29.64  ? 6   LEU A CD2 1 
ATOM   68   N N   . ALA A 1 10  ? -2.141  12.415  -5.572  1.00 29.65  ? 7   ALA A N   1 
ATOM   69   C CA  . ALA A 1 10  ? -1.264  13.590  -5.517  1.00 28.95  ? 7   ALA A CA  1 
ATOM   70   C C   . ALA A 1 10  ? 0.115   13.220  -6.064  1.00 28.33  ? 7   ALA A C   1 
ATOM   71   O O   . ALA A 1 10  ? 0.741   14.006  -6.756  1.00 27.56  ? 7   ALA A O   1 
ATOM   72   C CB  . ALA A 1 10  ? -1.176  14.162  -4.115  1.00 28.71  ? 7   ALA A CB  1 
ATOM   73   N N   . ILE A 1 11  ? 0.572   12.010  -5.749  1.00 27.88  ? 8   ILE A N   1 
ATOM   74   C CA  . ILE A 1 11  ? 1.786   11.465  -6.348  1.00 27.38  ? 8   ILE A CA  1 
ATOM   75   C C   . ILE A 1 11  ? 1.330   10.562  -7.508  1.00 26.90  ? 8   ILE A C   1 
ATOM   76   O O   . ILE A 1 11  ? 0.873   9.469   -7.282  1.00 26.62  ? 8   ILE A O   1 
ATOM   77   C CB  . ILE A 1 11  ? 2.582   10.698  -5.302  1.00 27.13  ? 8   ILE A CB  1 
ATOM   78   C CG1 . ILE A 1 11  ? 2.842   11.616  -4.103  1.00 26.80  ? 8   ILE A CG1 1 
ATOM   79   C CG2 . ILE A 1 11  ? 3.881   10.158  -5.917  1.00 26.98  ? 8   ILE A CG2 1 
ATOM   80   C CD1 . ILE A 1 11  ? 3.724   11.004  -3.004  1.00 26.25  ? 8   ILE A CD1 1 
ATOM   81   N N   . PRO A 1 12  ? 1.437   11.050  -8.735  1.00 27.06  ? 9   PRO A N   1 
ATOM   82   C CA  . PRO A 1 12  ? 0.852   10.430  -9.936  1.00 27.69  ? 9   PRO A CA  1 
ATOM   83   C C   . PRO A 1 12  ? 1.070   8.967   -10.201 1.00 27.19  ? 9   PRO A C   1 
ATOM   84   O O   . PRO A 1 12  ? 0.165   8.330   -10.669 1.00 27.30  ? 9   PRO A O   1 
ATOM   85   C CB  . PRO A 1 12  ? 1.476   11.239  -11.094 1.00 27.53  ? 9   PRO A CB  1 
ATOM   86   C CG  . PRO A 1 12  ? 1.803   12.524  -10.539 1.00 27.36  ? 9   PRO A CG  1 
ATOM   87   C CD  . PRO A 1 12  ? 2.078   12.320  -9.070  1.00 27.73  ? 9   PRO A CD  1 
ATOM   88   N N   . ASP A 1 13  ? 2.251   8.461   -9.941  1.00 27.44  ? 10  ASP A N   1 
ATOM   89   C CA  . ASP A 1 13  ? 2.527   7.077   -10.179 1.00 27.53  ? 10  ASP A CA  1 
ATOM   90   C C   . ASP A 1 13  ? 1.754   6.174   -9.241  1.00 27.52  ? 10  ASP A C   1 
ATOM   91   O O   . ASP A 1 13  ? 1.631   4.995   -9.530  1.00 27.15  ? 10  ASP A O   1 
ATOM   92   C CB  . ASP A 1 13  ? 4.003   6.832   -10.035 1.00 27.67  ? 10  ASP A CB  1 
ATOM   93   C CG  . ASP A 1 13  ? 4.764   7.442   -11.135 1.00 27.50  ? 10  ASP A CG  1 
ATOM   94   O OD1 . ASP A 1 13  ? 4.308   7.301   -12.281 1.00 27.86  ? 10  ASP A OD1 1 
ATOM   95   O OD2 . ASP A 1 13  ? 5.797   8.122   -10.954 1.00 30.82  ? 10  ASP A OD2 1 
ATOM   96   N N   . VAL A 1 14  ? 1.243   6.729   -8.138  1.00 27.30  ? 11  VAL A N   1 
ATOM   97   C CA  . VAL A 1 14  ? 0.465   5.955   -7.169  1.00 27.15  ? 11  VAL A CA  1 
ATOM   98   C C   . VAL A 1 14  ? -0.997  6.027   -7.577  1.00 27.38  ? 11  VAL A C   1 
ATOM   99   O O   . VAL A 1 14  ? -1.562  7.109   -7.681  1.00 27.25  ? 11  VAL A O   1 
ATOM   100  C CB  . VAL A 1 14  ? 0.639   6.482   -5.737  1.00 27.09  ? 11  VAL A CB  1 
ATOM   101  C CG1 . VAL A 1 14  ? -0.055  5.581   -4.722  1.00 26.30  ? 11  VAL A CG1 1 
ATOM   102  C CG2 . VAL A 1 14  ? 2.084   6.571   -5.396  1.00 26.10  ? 11  VAL A CG2 1 
ATOM   103  N N   . ILE A 1 15  ? -1.617  4.867   -7.796  1.00 27.85  ? 12  ILE A N   1 
ATOM   104  C CA  . ILE A 1 15  ? -2.978  4.826   -8.334  1.00 28.23  ? 12  ILE A CA  1 
ATOM   105  C C   . ILE A 1 15  ? -3.989  4.147   -7.452  1.00 28.24  ? 12  ILE A C   1 
ATOM   106  O O   . ILE A 1 15  ? -3.697  3.129   -6.848  1.00 29.25  ? 12  ILE A O   1 
ATOM   107  C CB  . ILE A 1 15  ? -2.970  4.094   -9.656  1.00 28.28  ? 12  ILE A CB  1 
ATOM   108  C CG1 . ILE A 1 15  ? -1.891  4.669   -10.567 1.00 28.97  ? 12  ILE A CG1 1 
ATOM   109  C CG2 . ILE A 1 15  ? -4.329  4.181   -10.293 1.00 28.05  ? 12  ILE A CG2 1 
ATOM   110  C CD1 . ILE A 1 15  ? -2.059  4.246   -12.020 1.00 30.31  ? 12  ILE A CD1 1 
ATOM   111  N N   . LEU A 1 16  ? -5.191  4.697   -7.423  1.00 28.04  ? 13  LEU A N   1 
ATOM   112  C CA  . LEU A 1 16  ? -6.283  4.118   -6.661  1.00 28.36  ? 13  LEU A CA  1 
ATOM   113  C C   . LEU A 1 16  ? -7.299  3.478   -7.631  1.00 28.47  ? 13  LEU A C   1 
ATOM   114  O O   . LEU A 1 16  ? -7.827  4.158   -8.503  1.00 27.89  ? 13  LEU A O   1 
ATOM   115  C CB  . LEU A 1 16  ? -6.947  5.220   -5.846  1.00 28.50  ? 13  LEU A CB  1 
ATOM   116  C CG  . LEU A 1 16  ? -8.093  4.869   -4.905  1.00 28.80  ? 13  LEU A CG  1 
ATOM   117  C CD1 . LEU A 1 16  ? -7.561  4.244   -3.657  1.00 27.94  ? 13  LEU A CD1 1 
ATOM   118  C CD2 . LEU A 1 16  ? -8.887  6.135   -4.542  1.00 29.24  ? 13  LEU A CD2 1 
ATOM   119  N N   . PHE A 1 17  ? -7.543  2.176   -7.496  1.00 28.50  ? 14  PHE A N   1 
ATOM   120  C CA  . PHE A 1 17  ? -8.517  1.476   -8.339  1.00 28.83  ? 14  PHE A CA  1 
ATOM   121  C C   . PHE A 1 17  ? -9.864  1.213   -7.626  1.00 28.51  ? 14  PHE A C   1 
ATOM   122  O O   . PHE A 1 17  ? -9.907  0.875   -6.441  1.00 28.00  ? 14  PHE A O   1 
ATOM   123  C CB  . PHE A 1 17  ? -7.945  0.126   -8.810  1.00 29.41  ? 14  PHE A CB  1 
ATOM   124  C CG  . PHE A 1 17  ? -6.729  0.254   -9.682  1.00 29.92  ? 14  PHE A CG  1 
ATOM   125  C CD1 . PHE A 1 17  ? -5.469  0.229   -9.149  1.00 29.09  ? 14  PHE A CD1 1 
ATOM   126  C CD2 . PHE A 1 17  ? -6.858  0.408   -11.043 1.00 29.72  ? 14  PHE A CD2 1 
ATOM   127  C CE1 . PHE A 1 17  ? -4.365  0.380   -9.976  1.00 29.49  ? 14  PHE A CE1 1 
ATOM   128  C CE2 . PHE A 1 17  ? -5.758  0.549   -11.843 1.00 27.70  ? 14  PHE A CE2 1 
ATOM   129  C CZ  . PHE A 1 17  ? -4.530  0.539   -11.321 1.00 27.08  ? 14  PHE A CZ  1 
ATOM   130  N N   . GLU A 1 18  ? -10.965 1.349   -8.359  1.00 28.47  ? 15  GLU A N   1 
ATOM   131  C CA  . GLU A 1 18  ? -12.271 1.029   -7.799  1.00 28.59  ? 15  GLU A CA  1 
ATOM   132  C C   . GLU A 1 18  ? -13.061 0.088   -8.708  1.00 27.78  ? 15  GLU A C   1 
ATOM   133  O O   . GLU A 1 18  ? -13.549 0.481   -9.737  1.00 28.35  ? 15  GLU A O   1 
ATOM   134  C CB  . GLU A 1 18  ? -13.059 2.307   -7.548  1.00 29.31  ? 15  GLU A CB  1 
ATOM   135  C CG  . GLU A 1 18  ? -13.791 2.314   -6.204  1.00 31.43  ? 15  GLU A CG  1 
ATOM   136  C CD  . GLU A 1 18  ? -14.464 3.661   -5.901  1.00 34.95  ? 15  GLU A CD  1 
ATOM   137  O OE1 . GLU A 1 18  ? -13.774 4.668   -5.573  1.00 35.11  ? 15  GLU A OE1 1 
ATOM   138  O OE2 . GLU A 1 18  ? -15.702 3.701   -5.990  1.00 34.45  ? 15  GLU A OE2 1 
ATOM   139  N N   . PRO A 1 19  ? -13.127 -1.179  -8.376  1.00 27.11  ? 16  PRO A N   1 
ATOM   140  C CA  . PRO A 1 19  ? -13.943 -2.115  -9.150  1.00 26.91  ? 16  PRO A CA  1 
ATOM   141  C C   . PRO A 1 19  ? -15.428 -1.820  -9.214  1.00 26.32  ? 16  PRO A C   1 
ATOM   142  O O   . PRO A 1 19  ? -16.081 -1.395  -8.278  1.00 27.08  ? 16  PRO A O   1 
ATOM   143  C CB  . PRO A 1 19  ? -13.739 -3.447  -8.437  1.00 26.63  ? 16  PRO A CB  1 
ATOM   144  C CG  . PRO A 1 19  ? -12.467 -3.311  -7.713  1.00 27.47  ? 16  PRO A CG  1 
ATOM   145  C CD  . PRO A 1 19  ? -12.303 -1.863  -7.372  1.00 27.58  ? 16  PRO A CD  1 
ATOM   146  N N   . ARG A 1 20  ? -15.948 -2.061  -10.394 1.00 25.06  ? 17  ARG A N   1 
ATOM   147  C CA  . ARG A 1 20  ? -17.337 -1.999  -10.635 1.00 24.18  ? 17  ARG A CA  1 
ATOM   148  C C   . ARG A 1 20  ? -17.929 -3.277  -10.105 1.00 24.16  ? 17  ARG A C   1 
ATOM   149  O O   . ARG A 1 20  ? -17.372 -4.364  -10.310 1.00 24.66  ? 17  ARG A O   1 
ATOM   150  C CB  . ARG A 1 20  ? -17.526 -1.965  -12.119 1.00 24.35  ? 17  ARG A CB  1 
ATOM   151  C CG  . ARG A 1 20  ? -18.939 -1.720  -12.565 1.00 23.03  ? 17  ARG A CG  1 
ATOM   152  C CD  . ARG A 1 20  ? -18.983 -1.187  -13.976 1.00 20.60  ? 17  ARG A CD  1 
ATOM   153  N NE  . ARG A 1 20  ? -19.879 -0.050  -14.052 1.00 20.56  ? 17  ARG A NE  1 
ATOM   154  C CZ  . ARG A 1 20  ? -19.579 1.117   -14.567 1.00 20.56  ? 17  ARG A CZ  1 
ATOM   155  N NH1 . ARG A 1 20  ? -18.394 1.372   -15.098 1.00 20.78  ? 17  ARG A NH1 1 
ATOM   156  N NH2 . ARG A 1 20  ? -20.497 2.042   -14.567 1.00 23.55  ? 17  ARG A NH2 1 
ATOM   157  N N   . VAL A 1 21  ? -19.080 -3.164  -9.465  1.00 23.76  ? 18  VAL A N   1 
ATOM   158  C CA  . VAL A 1 21  ? -19.727 -4.298  -8.854  1.00 23.13  ? 18  VAL A CA  1 
ATOM   159  C C   . VAL A 1 21  ? -20.958 -4.686  -9.614  1.00 23.16  ? 18  VAL A C   1 
ATOM   160  O O   . VAL A 1 21  ? -21.607 -3.868  -10.221 1.00 23.31  ? 18  VAL A O   1 
ATOM   161  C CB  . VAL A 1 21  ? -20.125 -3.962  -7.425  1.00 23.31  ? 18  VAL A CB  1 
ATOM   162  C CG1 . VAL A 1 21  ? -20.825 -5.126  -6.743  1.00 22.73  ? 18  VAL A CG1 1 
ATOM   163  C CG2 . VAL A 1 21  ? -18.890 -3.539  -6.630  1.00 23.19  ? 18  VAL A CG2 1 
ATOM   164  N N   . PHE A 1 22  ? -21.276 -5.965  -9.576  1.00 23.76  ? 19  PHE A N   1 
ATOM   165  C CA  . PHE A 1 22  ? -22.462 -6.467  -10.213 1.00 24.25  ? 19  PHE A CA  1 
ATOM   166  C C   . PHE A 1 22  ? -23.200 -7.288  -9.168  1.00 25.79  ? 19  PHE A C   1 
ATOM   167  O O   . PHE A 1 22  ? -22.628 -8.195  -8.579  1.00 26.84  ? 19  PHE A O   1 
ATOM   168  C CB  . PHE A 1 22  ? -22.097 -7.342  -11.396 1.00 23.73  ? 19  PHE A CB  1 
ATOM   169  C CG  . PHE A 1 22  ? -21.265 -6.646  -12.435 1.00 21.90  ? 19  PHE A CG  1 
ATOM   170  C CD1 . PHE A 1 22  ? -19.902 -6.454  -12.246 1.00 19.13  ? 19  PHE A CD1 1 
ATOM   171  C CD2 . PHE A 1 22  ? -21.835 -6.194  -13.603 1.00 19.96  ? 19  PHE A CD2 1 
ATOM   172  C CE1 . PHE A 1 22  ? -19.146 -5.851  -13.186 1.00 16.92  ? 19  PHE A CE1 1 
ATOM   173  C CE2 . PHE A 1 22  ? -21.063 -5.571  -14.557 1.00 19.51  ? 19  PHE A CE2 1 
ATOM   174  C CZ  . PHE A 1 22  ? -19.711 -5.405  -14.337 1.00 18.74  ? 19  PHE A CZ  1 
ATOM   175  N N   . GLY A 1 23  ? -24.467 -6.989  -8.948  1.00 27.09  ? 20  GLY A N   1 
ATOM   176  C CA  . GLY A 1 23  ? -25.227 -7.688  -7.937  1.00 28.37  ? 20  GLY A CA  1 
ATOM   177  C C   . GLY A 1 23  ? -25.313 -6.766  -6.748  1.00 29.53  ? 20  GLY A C   1 
ATOM   178  O O   . GLY A 1 23  ? -25.156 -5.566  -6.897  1.00 30.24  ? 20  GLY A O   1 
ATOM   179  N N   . ASP A 1 24  ? -25.549 -7.301  -5.564  1.00 30.95  ? 21  ASP A N   1 
ATOM   180  C CA  . ASP A 1 24  ? -25.621 -6.448  -4.398  1.00 32.05  ? 21  ASP A CA  1 
ATOM   181  C C   . ASP A 1 24  ? -25.057 -7.133  -3.163  1.00 33.73  ? 21  ASP A C   1 
ATOM   182  O O   . ASP A 1 24  ? -24.264 -8.064  -3.276  1.00 34.09  ? 21  ASP A O   1 
ATOM   183  C CB  . ASP A 1 24  ? -27.053 -6.047  -4.169  1.00 31.84  ? 21  ASP A CB  1 
ATOM   184  C CG  . ASP A 1 24  ? -27.882 -7.196  -3.775  1.00 30.71  ? 21  ASP A CG  1 
ATOM   185  O OD1 . ASP A 1 24  ? -27.316 -8.213  -3.347  1.00 31.74  ? 21  ASP A OD1 1 
ATOM   186  O OD2 . ASP A 1 24  ? -29.100 -7.190  -3.868  1.00 30.34  ? 21  ASP A OD2 1 
ATOM   187  N N   . ASP A 1 25  ? -25.459 -6.677  -1.980  1.00 35.47  ? 22  ASP A N   1 
ATOM   188  C CA  . ASP A 1 25  ? -24.870 -7.177  -0.735  1.00 36.93  ? 22  ASP A CA  1 
ATOM   189  C C   . ASP A 1 25  ? -25.163 -8.669  -0.445  1.00 36.88  ? 22  ASP A C   1 
ATOM   190  O O   . ASP A 1 25  ? -24.357 -9.319  0.222   1.00 36.59  ? 22  ASP A O   1 
ATOM   191  C CB  . ASP A 1 25  ? -25.256 -6.257  0.431   1.00 37.94  ? 22  ASP A CB  1 
ATOM   192  C CG  . ASP A 1 25  ? -24.735 -4.814  0.238   1.00 40.77  ? 22  ASP A CG  1 
ATOM   193  O OD1 . ASP A 1 25  ? -25.277 -4.093  -0.642  1.00 43.73  ? 22  ASP A OD1 1 
ATOM   194  O OD2 . ASP A 1 25  ? -23.795 -4.319  0.908   1.00 42.89  ? 22  ASP A OD2 1 
ATOM   195  N N   . ARG A 1 26  ? -26.270 -9.213  -0.964  1.00 36.90  ? 23  ARG A N   1 
ATOM   196  C CA  . ARG A 1 26  ? -26.634 -10.633 -0.750  1.00 37.30  ? 23  ARG A CA  1 
ATOM   197  C C   . ARG A 1 26  ? -26.035 -11.575 -1.786  1.00 36.37  ? 23  ARG A C   1 
ATOM   198  O O   . ARG A 1 26  ? -26.031 -12.794 -1.610  1.00 36.21  ? 23  ARG A O   1 
ATOM   199  C CB  . ARG A 1 26  ? -28.141 -10.823 -0.768  1.00 37.96  ? 23  ARG A CB  1 
ATOM   200  C CG  . ARG A 1 26  ? -28.884 -9.715  -0.057  1.00 41.53  ? 23  ARG A CG  1 
ATOM   201  C CD  . ARG A 1 26  ? -30.246 -9.361  -0.670  1.00 45.82  ? 23  ARG A CD  1 
ATOM   202  N NE  . ARG A 1 26  ? -30.417 -7.926  -0.953  1.00 49.02  ? 23  ARG A NE  1 
ATOM   203  C CZ  . ARG A 1 26  ? -29.661 -6.936  -0.460  1.00 51.92  ? 23  ARG A CZ  1 
ATOM   204  N NH1 . ARG A 1 26  ? -28.658 -7.170  0.384   1.00 52.83  ? 23  ARG A NH1 1 
ATOM   205  N NH2 . ARG A 1 26  ? -29.915 -5.681  -0.812  1.00 53.20  ? 23  ARG A NH2 1 
ATOM   206  N N   . GLY A 1 27  ? -25.659 -11.012 -2.924  1.00 35.36  ? 24  GLY A N   1 
ATOM   207  C CA  . GLY A 1 27  ? -24.805 -11.690 -3.880  1.00 34.41  ? 24  GLY A CA  1 
ATOM   208  C C   . GLY A 1 27  ? -24.161 -10.568 -4.652  1.00 33.66  ? 24  GLY A C   1 
ATOM   209  O O   . GLY A 1 27  ? -24.846 -9.576  -4.888  1.00 34.09  ? 24  GLY A O   1 
ATOM   210  N N   . PHE A 1 28  ? -22.861 -10.668 -4.956  1.00 32.30  ? 25  PHE A N   1 
ATOM   211  C CA  . PHE A 1 28  ? -22.187 -9.724  -5.858  1.00 31.12  ? 25  PHE A CA  1 
ATOM   212  C C   . PHE A 1 28  ? -20.993 -10.383 -6.523  1.00 30.84  ? 25  PHE A C   1 
ATOM   213  O O   . PHE A 1 28  ? -20.432 -11.378 -6.057  1.00 30.23  ? 25  PHE A O   1 
ATOM   214  C CB  . PHE A 1 28  ? -21.748 -8.405  -5.214  1.00 31.01  ? 25  PHE A CB  1 
ATOM   215  C CG  . PHE A 1 28  ? -20.655 -8.538  -4.179  1.00 30.30  ? 25  PHE A CG  1 
ATOM   216  C CD1 . PHE A 1 28  ? -19.421 -9.016  -4.495  1.00 29.45  ? 25  PHE A CD1 1 
ATOM   217  C CD2 . PHE A 1 28  ? -20.892 -8.136  -2.876  1.00 30.80  ? 25  PHE A CD2 1 
ATOM   218  C CE1 . PHE A 1 28  ? -18.451 -9.130  -3.517  1.00 31.99  ? 25  PHE A CE1 1 
ATOM   219  C CE2 . PHE A 1 28  ? -19.948 -8.258  -1.902  1.00 29.69  ? 25  PHE A CE2 1 
ATOM   220  C CZ  . PHE A 1 28  ? -18.725 -8.738  -2.209  1.00 31.46  ? 25  PHE A CZ  1 
ATOM   221  N N   . PHE A 1 29  ? -20.642 -9.842  -7.665  1.00 30.62  ? 26  PHE A N   1 
ATOM   222  C CA  . PHE A 1 29  ? -19.456 -10.280 -8.329  1.00 30.92  ? 26  PHE A CA  1 
ATOM   223  C C   . PHE A 1 29  ? -18.651 -9.083  -8.747  1.00 29.21  ? 26  PHE A C   1 
ATOM   224  O O   . PHE A 1 29  ? -19.240 -8.097  -9.181  1.00 29.04  ? 26  PHE A O   1 
ATOM   225  C CB  . PHE A 1 29  ? -19.756 -11.095 -9.572  1.00 31.55  ? 26  PHE A CB  1 
ATOM   226  C CG  . PHE A 1 29  ? -18.525 -11.530 -10.212 1.00 37.65  ? 26  PHE A CG  1 
ATOM   227  C CD1 . PHE A 1 29  ? -17.798 -12.560 -9.632  1.00 42.67  ? 26  PHE A CD1 1 
ATOM   228  C CD2 . PHE A 1 29  ? -17.959 -10.810 -11.258 1.00 41.56  ? 26  PHE A CD2 1 
ATOM   229  C CE1 . PHE A 1 29  ? -16.613 -12.946 -10.142 1.00 43.72  ? 26  PHE A CE1 1 
ATOM   230  C CE2 . PHE A 1 29  ? -16.743 -11.200 -11.783 1.00 42.99  ? 26  PHE A CE2 1 
ATOM   231  C CZ  . PHE A 1 29  ? -16.080 -12.269 -11.222 1.00 44.59  ? 26  PHE A CZ  1 
ATOM   232  N N   . PHE A 1 30  ? -17.324 -9.141  -8.594  1.00 28.03  ? 27  PHE A N   1 
ATOM   233  C CA  . PHE A 1 30  ? -16.445 -8.067  -9.109  1.00 27.07  ? 27  PHE A CA  1 
ATOM   234  C C   . PHE A 1 30  ? -15.040 -8.522  -9.529  1.00 26.81  ? 27  PHE A C   1 
ATOM   235  O O   . PHE A 1 30  ? -14.510 -9.478  -9.010  1.00 27.54  ? 27  PHE A O   1 
ATOM   236  C CB  . PHE A 1 30  ? -16.395 -6.847  -8.176  1.00 26.81  ? 27  PHE A CB  1 
ATOM   237  C CG  . PHE A 1 30  ? -15.510 -6.991  -6.991  1.00 24.60  ? 27  PHE A CG  1 
ATOM   238  C CD1 . PHE A 1 30  ? -16.037 -7.359  -5.758  1.00 25.47  ? 27  PHE A CD1 1 
ATOM   239  C CD2 . PHE A 1 30  ? -14.195 -6.677  -7.072  1.00 22.08  ? 27  PHE A CD2 1 
ATOM   240  C CE1 . PHE A 1 30  ? -15.238 -7.459  -4.628  1.00 24.35  ? 27  PHE A CE1 1 
ATOM   241  C CE2 . PHE A 1 30  ? -13.383 -6.771  -5.956  1.00 24.56  ? 27  PHE A CE2 1 
ATOM   242  C CZ  . PHE A 1 30  ? -13.914 -7.185  -4.722  1.00 23.97  ? 27  PHE A CZ  1 
ATOM   243  N N   . GLU A 1 31  ? -14.458 -7.837  -10.500 1.00 26.98  ? 28  GLU A N   1 
ATOM   244  C CA  . GLU A 1 31  ? -13.108 -8.124  -10.960 1.00 27.18  ? 28  GLU A CA  1 
ATOM   245  C C   . GLU A 1 31  ? -12.092 -7.424  -10.090 1.00 26.13  ? 28  GLU A C   1 
ATOM   246  O O   . GLU A 1 31  ? -12.019 -6.225  -10.158 1.00 25.65  ? 28  GLU A O   1 
ATOM   247  C CB  . GLU A 1 31  ? -12.925 -7.599  -12.373 1.00 27.53  ? 28  GLU A CB  1 
ATOM   248  C CG  . GLU A 1 31  ? -13.132 -8.617  -13.466 1.00 30.15  ? 28  GLU A CG  1 
ATOM   249  C CD  . GLU A 1 31  ? -12.832 -8.064  -14.850 1.00 33.70  ? 28  GLU A CD  1 
ATOM   250  O OE1 . GLU A 1 31  ? -11.637 -7.934  -15.254 1.00 34.67  ? 28  GLU A OE1 1 
ATOM   251  O OE2 . GLU A 1 31  ? -13.824 -7.743  -15.537 1.00 36.35  ? 28  GLU A OE2 1 
ATOM   252  N N   . SER A 1 32  ? -11.308 -8.160  -9.299  1.00 25.86  ? 29  SER A N   1 
ATOM   253  C CA  . SER A 1 32  ? -10.302 -7.546  -8.437  1.00 26.53  ? 29  SER A CA  1 
ATOM   254  C C   . SER A 1 32  ? -9.007  -7.196  -9.208  1.00 26.61  ? 29  SER A C   1 
ATOM   255  O O   . SER A 1 32  ? -8.192  -6.415  -8.718  1.00 26.04  ? 29  SER A O   1 
ATOM   256  C CB  . SER A 1 32  ? -10.009 -8.399  -7.203  1.00 26.67  ? 29  SER A CB  1 
ATOM   257  O OG  . SER A 1 32  ? -9.800  -9.764  -7.515  1.00 28.70  ? 29  SER A OG  1 
ATOM   258  N N   . TYR A 1 33  ? -8.842  -7.748  -10.411 1.00 26.37  ? 30  TYR A N   1 
ATOM   259  C CA  . TYR A 1 33  ? -7.659  -7.480  -11.227 1.00 25.91  ? 30  TYR A CA  1 
ATOM   260  C C   . TYR A 1 33  ? -7.808  -7.864  -12.701 1.00 26.22  ? 30  TYR A C   1 
ATOM   261  O O   . TYR A 1 33  ? -8.286  -8.948  -13.021 1.00 26.31  ? 30  TYR A O   1 
ATOM   262  C CB  . TYR A 1 33  ? -6.508  -8.265  -10.687 1.00 25.79  ? 30  TYR A CB  1 
ATOM   263  C CG  . TYR A 1 33  ? -5.274  -8.172  -11.548 1.00 25.49  ? 30  TYR A CG  1 
ATOM   264  C CD1 . TYR A 1 33  ? -4.568  -6.981  -11.633 1.00 24.01  ? 30  TYR A CD1 1 
ATOM   265  C CD2 . TYR A 1 33  ? -4.809  -9.257  -12.259 1.00 22.69  ? 30  TYR A CD2 1 
ATOM   266  C CE1 . TYR A 1 33  ? -3.466  -6.873  -12.392 1.00 22.79  ? 30  TYR A CE1 1 
ATOM   267  C CE2 . TYR A 1 33  ? -3.679  -9.156  -13.016 1.00 23.11  ? 30  TYR A CE2 1 
ATOM   268  C CZ  . TYR A 1 33  ? -3.009  -7.955  -13.073 1.00 22.22  ? 30  TYR A CZ  1 
ATOM   269  O OH  . TYR A 1 33  ? -1.862  -7.805  -13.795 1.00 20.89  ? 30  TYR A OH  1 
ATOM   270  N N   . ASN A 1 34  ? -7.379  -6.977  -13.590 1.00 26.65  ? 31  ASN A N   1 
ATOM   271  C CA  . ASN A 1 34  ? -7.473  -7.196  -15.035 1.00 27.28  ? 31  ASN A CA  1 
ATOM   272  C C   . ASN A 1 34  ? -6.204  -6.689  -15.686 1.00 27.89  ? 31  ASN A C   1 
ATOM   273  O O   . ASN A 1 34  ? -6.034  -5.484  -15.802 1.00 28.38  ? 31  ASN A O   1 
ATOM   274  C CB  . ASN A 1 34  ? -8.668  -6.448  -15.615 1.00 27.21  ? 31  ASN A CB  1 
ATOM   275  C CG  . ASN A 1 34  ? -8.813  -6.625  -17.121 1.00 26.81  ? 31  ASN A CG  1 
ATOM   276  O OD1 . ASN A 1 34  ? -7.931  -6.270  -17.896 1.00 25.98  ? 31  ASN A OD1 1 
ATOM   277  N ND2 . ASN A 1 34  ? -9.956  -7.145  -17.540 1.00 27.53  ? 31  ASN A ND2 1 
ATOM   278  N N   . GLN A 1 35  ? -5.324  -7.606  -16.088 1.00 28.61  ? 32  GLN A N   1 
ATOM   279  C CA  . GLN A 1 35  ? -4.043  -7.267  -16.676 1.00 29.80  ? 32  GLN A CA  1 
ATOM   280  C C   . GLN A 1 35  ? -4.150  -6.119  -17.683 1.00 30.55  ? 32  GLN A C   1 
ATOM   281  O O   . GLN A 1 35  ? -3.332  -5.197  -17.704 1.00 29.86  ? 32  GLN A O   1 
ATOM   282  C CB  . GLN A 1 35  ? -3.440  -8.483  -17.369 1.00 29.92  ? 32  GLN A CB  1 
ATOM   283  C CG  . GLN A 1 35  ? -1.984  -8.286  -17.770 1.00 31.40  ? 32  GLN A CG  1 
ATOM   284  C CD  . GLN A 1 35  ? -1.333  -9.567  -18.281 1.00 34.24  ? 32  GLN A CD  1 
ATOM   285  O OE1 . GLN A 1 35  ? -1.293  -9.827  -19.496 1.00 35.94  ? 32  GLN A OE1 1 
ATOM   286  N NE2 . GLN A 1 35  ? -0.812  -10.366 -17.359 1.00 35.32  ? 32  GLN A NE2 1 
ATOM   287  N N   . ARG A 1 36  ? -5.170  -6.178  -18.516 1.00 31.43  ? 33  ARG A N   1 
ATOM   288  C CA  . ARG A 1 36  ? -5.315  -5.189  -19.553 1.00 32.91  ? 33  ARG A CA  1 
ATOM   289  C C   . ARG A 1 36  ? -5.585  -3.795  -19.010 1.00 32.64  ? 33  ARG A C   1 
ATOM   290  O O   . ARG A 1 36  ? -4.887  -2.848  -19.353 1.00 32.14  ? 33  ARG A O   1 
ATOM   291  C CB  . ARG A 1 36  ? -6.401  -5.620  -20.530 1.00 33.82  ? 33  ARG A CB  1 
ATOM   292  C CG  . ARG A 1 36  ? -5.886  -6.605  -21.587 1.00 36.93  ? 33  ARG A CG  1 
ATOM   293  C CD  . ARG A 1 36  ? -6.835  -6.770  -22.752 1.00 40.38  ? 33  ARG A CD  1 
ATOM   294  N NE  . ARG A 1 36  ? -6.605  -7.979  -23.545 1.00 43.05  ? 33  ARG A NE  1 
ATOM   295  C CZ  . ARG A 1 36  ? -7.585  -8.759  -23.994 1.00 45.03  ? 33  ARG A CZ  1 
ATOM   296  N NH1 . ARG A 1 36  ? -8.853  -8.458  -23.709 1.00 45.67  ? 33  ARG A NH1 1 
ATOM   297  N NH2 . ARG A 1 36  ? -7.307  -9.841  -24.720 1.00 45.06  ? 33  ARG A NH2 1 
ATOM   298  N N   . ALA A 1 37  ? -6.613  -3.668  -18.186 1.00 32.57  ? 34  ALA A N   1 
ATOM   299  C CA  . ALA A 1 37  ? -6.947  -2.379  -17.614 1.00 32.57  ? 34  ALA A CA  1 
ATOM   300  C C   . ALA A 1 37  ? -5.792  -1.888  -16.761 1.00 32.75  ? 34  ALA A C   1 
ATOM   301  O O   . ALA A 1 37  ? -5.458  -0.719  -16.776 1.00 32.62  ? 34  ALA A O   1 
ATOM   302  C CB  . ALA A 1 37  ? -8.200  -2.473  -16.768 1.00 32.21  ? 34  ALA A CB  1 
ATOM   303  N N   . PHE A 1 38  ? -5.196  -2.789  -16.003 1.00 32.92  ? 35  PHE A N   1 
ATOM   304  C CA  . PHE A 1 38  ? -4.137  -2.389  -15.100 1.00 33.37  ? 35  PHE A CA  1 
ATOM   305  C C   . PHE A 1 38  ? -2.922  -1.877  -15.863 1.00 33.51  ? 35  PHE A C   1 
ATOM   306  O O   . PHE A 1 38  ? -2.375  -0.851  -15.520 1.00 33.13  ? 35  PHE A O   1 
ATOM   307  C CB  . PHE A 1 38  ? -3.740  -3.541  -14.191 1.00 33.30  ? 35  PHE A CB  1 
ATOM   308  C CG  . PHE A 1 38  ? -2.682  -3.181  -13.211 1.00 32.80  ? 35  PHE A CG  1 
ATOM   309  C CD1 . PHE A 1 38  ? -3.013  -2.669  -11.978 1.00 33.82  ? 35  PHE A CD1 1 
ATOM   310  C CD2 . PHE A 1 38  ? -1.354  -3.350  -13.521 1.00 33.24  ? 35  PHE A CD2 1 
ATOM   311  C CE1 . PHE A 1 38  ? -2.020  -2.346  -11.055 1.00 33.93  ? 35  PHE A CE1 1 
ATOM   312  C CE2 . PHE A 1 38  ? -0.378  -3.013  -12.619 1.00 33.86  ? 35  PHE A CE2 1 
ATOM   313  C CZ  . PHE A 1 38  ? -0.712  -2.518  -11.381 1.00 32.62  ? 35  PHE A CZ  1 
ATOM   314  N N   . GLU A 1 39  ? -2.505  -2.597  -16.893 1.00 34.48  ? 36  GLU A N   1 
ATOM   315  C CA  . GLU A 1 39  ? -1.377  -2.156  -17.714 1.00 35.67  ? 36  GLU A CA  1 
ATOM   316  C C   . GLU A 1 39  ? -1.678  -0.852  -18.447 1.00 36.48  ? 36  GLU A C   1 
ATOM   317  O O   . GLU A 1 39  ? -0.809  0.008   -18.531 1.00 36.69  ? 36  GLU A O   1 
ATOM   318  C CB  . GLU A 1 39  ? -0.885  -3.258  -18.665 1.00 35.46  ? 36  GLU A CB  1 
ATOM   319  C CG  . GLU A 1 39  ? -0.050  -4.295  -17.889 1.00 34.59  ? 36  GLU A CG  1 
ATOM   320  C CD  . GLU A 1 39  ? 0.484   -5.432  -18.741 1.00 33.58  ? 36  GLU A CD  1 
ATOM   321  O OE1 . GLU A 1 39  ? 0.379   -5.318  -20.007 1.00 34.63  ? 36  GLU A OE1 1 
ATOM   322  O OE2 . GLU A 1 39  ? 1.024   -6.413  -18.141 1.00 25.55  ? 36  GLU A OE2 1 
ATOM   323  N N   . GLU A 1 40  ? -2.903  -0.679  -18.929 1.00 37.86  ? 37  GLU A N   1 
ATOM   324  C CA  . GLU A 1 40  ? -3.252  0.552   -19.651 1.00 39.25  ? 37  GLU A CA  1 
ATOM   325  C C   . GLU A 1 40  ? -3.223  1.692   -18.661 1.00 39.49  ? 37  GLU A C   1 
ATOM   326  O O   . GLU A 1 40  ? -2.794  2.796   -18.984 1.00 39.91  ? 37  GLU A O   1 
ATOM   327  C CB  . GLU A 1 40  ? -4.627  0.464   -20.337 1.00 39.73  ? 37  GLU A CB  1 
ATOM   328  C CG  . GLU A 1 40  ? -5.209  1.797   -20.837 1.00 42.05  ? 37  GLU A CG  1 
ATOM   329  C CD  . GLU A 1 40  ? -4.475  2.405   -22.038 1.00 45.75  ? 37  GLU A CD  1 
ATOM   330  O OE1 . GLU A 1 40  ? -4.009  1.654   -22.933 1.00 46.91  ? 37  GLU A OE1 1 
ATOM   331  O OE2 . GLU A 1 40  ? -4.372  3.655   -22.100 1.00 47.34  ? 37  GLU A OE2 1 
ATOM   332  N N   . ALA A 1 41  ? -3.659  1.403   -17.445 1.00 39.59  ? 38  ALA A N   1 
ATOM   333  C CA  . ALA A 1 41  ? -3.744  2.398   -16.397 1.00 39.85  ? 38  ALA A CA  1 
ATOM   334  C C   . ALA A 1 41  ? -2.378  2.855   -15.938 1.00 40.32  ? 38  ALA A C   1 
ATOM   335  O O   . ALA A 1 41  ? -2.125  4.047   -15.813 1.00 40.72  ? 38  ALA A O   1 
ATOM   336  C CB  . ALA A 1 41  ? -4.510  1.830   -15.222 1.00 39.84  ? 38  ALA A CB  1 
ATOM   337  N N   . CYS A 1 42  ? -1.487  1.911   -15.687 1.00 40.71  ? 39  CYS A N   1 
ATOM   338  C CA  . CYS A 1 42  ? -0.191  2.272   -15.140 1.00 41.38  ? 39  CYS A CA  1 
ATOM   339  C C   . CYS A 1 42  ? 0.831   2.555   -16.234 1.00 41.33  ? 39  CYS A C   1 
ATOM   340  O O   . CYS A 1 42  ? 1.938   3.012   -15.945 1.00 41.76  ? 39  CYS A O   1 
ATOM   341  C CB  . CYS A 1 42  ? 0.291   1.213   -14.130 1.00 41.86  ? 39  CYS A CB  1 
ATOM   342  S SG  . CYS A 1 42  ? 1.539   0.046   -14.696 1.00 44.39  ? 39  CYS A SG  1 
ATOM   343  N N   . GLY A 1 43  ? 0.463   2.303   -17.492 1.00 41.32  ? 40  GLY A N   1 
ATOM   344  C CA  . GLY A 1 43  ? 1.314   2.638   -18.626 1.00 40.92  ? 40  GLY A CA  1 
ATOM   345  C C   . GLY A 1 43  ? 2.443   1.696   -19.001 1.00 40.71  ? 40  GLY A C   1 
ATOM   346  O O   . GLY A 1 43  ? 3.213   1.993   -19.902 1.00 40.41  ? 40  GLY A O   1 
ATOM   347  N N   . HIS A 1 44  ? 2.562   0.558   -18.336 1.00 40.62  ? 41  HIS A N   1 
ATOM   348  C CA  . HIS A 1 44  ? 3.598   -0.391  -18.711 1.00 40.53  ? 41  HIS A CA  1 
ATOM   349  C C   . HIS A 1 44  ? 3.223   -1.774  -18.241 1.00 39.83  ? 41  HIS A C   1 
ATOM   350  O O   . HIS A 1 44  ? 2.311   -1.920  -17.453 1.00 40.42  ? 41  HIS A O   1 
ATOM   351  C CB  . HIS A 1 44  ? 4.917   0.018   -18.089 1.00 40.92  ? 41  HIS A CB  1 
ATOM   352  C CG  . HIS A 1 44  ? 4.889   0.032   -16.595 1.00 42.32  ? 41  HIS A CG  1 
ATOM   353  N ND1 . HIS A 1 44  ? 5.160   -1.089  -15.839 1.00 43.90  ? 41  HIS A ND1 1 
ATOM   354  C CD2 . HIS A 1 44  ? 4.601   1.021   -15.718 1.00 42.36  ? 41  HIS A CD2 1 
ATOM   355  C CE1 . HIS A 1 44  ? 5.059   -0.784  -14.558 1.00 45.24  ? 41  HIS A CE1 1 
ATOM   356  N NE2 . HIS A 1 44  ? 4.715   0.488   -14.458 1.00 44.37  ? 41  HIS A NE2 1 
ATOM   357  N N   . PRO A 1 45  ? 3.840   -2.793  -18.812 1.00 39.21  ? 42  PRO A N   1 
ATOM   358  C CA  . PRO A 1 45  ? 3.695   -4.178  -18.349 1.00 38.81  ? 42  PRO A CA  1 
ATOM   359  C C   . PRO A 1 45  ? 4.105   -4.431  -16.904 1.00 38.24  ? 42  PRO A C   1 
ATOM   360  O O   . PRO A 1 45  ? 5.029   -3.814  -16.366 1.00 37.75  ? 42  PRO A O   1 
ATOM   361  C CB  . PRO A 1 45  ? 4.653   -4.955  -19.260 1.00 39.05  ? 42  PRO A CB  1 
ATOM   362  C CG  . PRO A 1 45  ? 4.857   -4.117  -20.454 1.00 38.90  ? 42  PRO A CG  1 
ATOM   363  C CD  . PRO A 1 45  ? 4.591   -2.711  -20.068 1.00 39.26  ? 42  PRO A CD  1 
ATOM   364  N N   . VAL A 1 46  ? 3.387   -5.362  -16.290 1.00 37.82  ? 43  VAL A N   1 
ATOM   365  C CA  . VAL A 1 46  ? 3.651   -5.784  -14.935 1.00 37.69  ? 43  VAL A CA  1 
ATOM   366  C C   . VAL A 1 46  ? 3.436   -7.278  -14.798 1.00 36.64  ? 43  VAL A C   1 
ATOM   367  O O   . VAL A 1 46  ? 2.520   -7.830  -15.375 1.00 35.94  ? 43  VAL A O   1 
ATOM   368  C CB  . VAL A 1 46  ? 2.716   -5.093  -13.943 1.00 38.25  ? 43  VAL A CB  1 
ATOM   369  C CG1 . VAL A 1 46  ? 3.078   -5.480  -12.531 1.00 38.88  ? 43  VAL A CG1 1 
ATOM   370  C CG2 . VAL A 1 46  ? 2.811   -3.588  -14.085 1.00 40.02  ? 43  VAL A CG2 1 
ATOM   371  N N   . SER A 1 47  ? 4.304   -7.916  -14.023 1.00 35.56  ? 44  SER A N   1 
ATOM   372  C CA  . SER A 1 47  ? 4.154   -9.311  -13.699 1.00 34.91  ? 44  SER A CA  1 
ATOM   373  C C   . SER A 1 47  ? 4.045   -9.420  -12.185 1.00 33.35  ? 44  SER A C   1 
ATOM   374  O O   . SER A 1 47  ? 4.852   -8.857  -11.471 1.00 33.92  ? 44  SER A O   1 
ATOM   375  C CB  . SER A 1 47  ? 5.378   -10.100 -14.142 1.00 35.12  ? 44  SER A CB  1 
ATOM   376  O OG  . SER A 1 47  ? 5.459   -10.140 -15.539 1.00 37.85  ? 44  SER A OG  1 
ATOM   377  N N   . PHE A 1 48  ? 3.063   -10.151 -11.698 1.00 31.64  ? 45  PHE A N   1 
ATOM   378  C CA  . PHE A 1 48  ? 2.924   -10.387 -10.266 1.00 30.11  ? 45  PHE A CA  1 
ATOM   379  C C   . PHE A 1 48  ? 3.367   -11.829 -9.973  1.00 29.12  ? 45  PHE A C   1 
ATOM   380  O O   . PHE A 1 48  ? 2.857   -12.752 -10.581 1.00 28.73  ? 45  PHE A O   1 
ATOM   381  C CB  . PHE A 1 48  ? 1.475   -10.142 -9.852  1.00 29.42  ? 45  PHE A CB  1 
ATOM   382  C CG  . PHE A 1 48  ? 1.108   -8.687  -9.844  1.00 29.21  ? 45  PHE A CG  1 
ATOM   383  C CD1 . PHE A 1 48  ? 0.397   -8.121  -10.881 1.00 27.91  ? 45  PHE A CD1 1 
ATOM   384  C CD2 . PHE A 1 48  ? 1.538   -7.858  -8.818  1.00 28.94  ? 45  PHE A CD2 1 
ATOM   385  C CE1 . PHE A 1 48  ? 0.103   -6.764  -10.869 1.00 27.71  ? 45  PHE A CE1 1 
ATOM   386  C CE2 . PHE A 1 48  ? 1.229   -6.501  -8.813  1.00 27.17  ? 45  PHE A CE2 1 
ATOM   387  C CZ  . PHE A 1 48  ? 0.528   -5.964  -9.831  1.00 26.54  ? 45  PHE A CZ  1 
ATOM   388  N N   . VAL A 1 49  ? 4.325   -12.016 -9.066  1.00 27.94  ? 46  VAL A N   1 
ATOM   389  C CA  . VAL A 1 49  ? 4.853   -13.339 -8.770  1.00 27.10  ? 46  VAL A CA  1 
ATOM   390  C C   . VAL A 1 49  ? 4.471   -13.911 -7.432  1.00 26.53  ? 46  VAL A C   1 
ATOM   391  O O   . VAL A 1 49  ? 4.706   -15.068 -7.205  1.00 26.05  ? 46  VAL A O   1 
ATOM   392  C CB  . VAL A 1 49  ? 6.386   -13.332 -8.739  1.00 27.48  ? 46  VAL A CB  1 
ATOM   393  C CG1 . VAL A 1 49  ? 6.976   -12.632 -9.967  1.00 27.11  ? 46  VAL A CG1 1 
ATOM   394  C CG2 . VAL A 1 49  ? 6.887   -12.681 -7.452  1.00 28.02  ? 46  VAL A CG2 1 
ATOM   395  N N   . GLN A 1 50  ? 3.927   -13.108 -6.528  1.00 26.47  ? 47  GLN A N   1 
ATOM   396  C CA  . GLN A 1 50  ? 3.572   -13.597 -5.203  1.00 26.47  ? 47  GLN A CA  1 
ATOM   397  C C   . GLN A 1 50  ? 2.341   -12.883 -4.656  1.00 26.60  ? 47  GLN A C   1 
ATOM   398  O O   . GLN A 1 50  ? 2.185   -11.694 -4.864  1.00 26.54  ? 47  GLN A O   1 
ATOM   399  C CB  . GLN A 1 50  ? 4.759   -13.390 -4.267  1.00 26.65  ? 47  GLN A CB  1 
ATOM   400  C CG  . GLN A 1 50  ? 4.548   -13.890 -2.851  1.00 25.86  ? 47  GLN A CG  1 
ATOM   401  C CD  . GLN A 1 50  ? 5.778   -13.692 -2.003  1.00 28.19  ? 47  GLN A CD  1 
ATOM   402  O OE1 . GLN A 1 50  ? 6.186   -12.537 -1.758  1.00 29.07  ? 47  GLN A OE1 1 
ATOM   403  N NE2 . GLN A 1 50  ? 6.394   -14.799 -1.559  1.00 26.82  ? 47  GLN A NE2 1 
ATOM   404  N N   . ASP A 1 51  ? 1.439   -13.600 -3.998  1.00 27.22  ? 48  ASP A N   1 
ATOM   405  C CA  . ASP A 1 51  ? 0.288   -12.933 -3.339  1.00 27.71  ? 48  ASP A CA  1 
ATOM   406  C C   . ASP A 1 51  ? 0.373   -13.197 -1.877  1.00 27.19  ? 48  ASP A C   1 
ATOM   407  O O   . ASP A 1 51  ? 0.623   -14.298 -1.484  1.00 27.32  ? 48  ASP A O   1 
ATOM   408  C CB  . ASP A 1 51  ? -1.054  -13.448 -3.804  1.00 27.48  ? 48  ASP A CB  1 
ATOM   409  C CG  . ASP A 1 51  ? -1.220  -13.314 -5.244  1.00 28.74  ? 48  ASP A CG  1 
ATOM   410  O OD1 . ASP A 1 51  ? -0.382  -12.619 -5.830  1.00 28.90  ? 48  ASP A OD1 1 
ATOM   411  O OD2 . ASP A 1 51  ? -2.126  -13.888 -5.892  1.00 34.75  ? 48  ASP A OD2 1 
ATOM   412  N N   . ASN A 1 52  ? 0.141   -12.175 -1.075  1.00 27.21  ? 49  ASN A N   1 
ATOM   413  C CA  . ASN A 1 52  ? 0.282   -12.301 0.360   1.00 26.78  ? 49  ASN A CA  1 
ATOM   414  C C   . ASN A 1 52  ? -1.017  -11.897 0.993   1.00 26.38  ? 49  ASN A C   1 
ATOM   415  O O   . ASN A 1 52  ? -1.657  -10.930 0.543   1.00 25.74  ? 49  ASN A O   1 
ATOM   416  C CB  . ASN A 1 52  ? 1.455   -11.451 0.835   1.00 26.49  ? 49  ASN A CB  1 
ATOM   417  C CG  . ASN A 1 52  ? 2.768   -11.948 0.271   1.00 28.63  ? 49  ASN A CG  1 
ATOM   418  O OD1 . ASN A 1 52  ? 3.265   -13.014 0.647   1.00 31.54  ? 49  ASN A OD1 1 
ATOM   419  N ND2 . ASN A 1 52  ? 3.322   -11.203 -0.664  1.00 31.61  ? 49  ASN A ND2 1 
ATOM   420  N N   . HIS A 1 53  ? -1.397  -12.659 2.021   1.00 25.83  ? 50  HIS A N   1 
ATOM   421  C CA  . HIS A 1 53  ? -2.645  -12.490 2.731   1.00 26.04  ? 50  HIS A CA  1 
ATOM   422  C C   . HIS A 1 53  ? -2.375  -12.444 4.229   1.00 25.84  ? 50  HIS A C   1 
ATOM   423  O O   . HIS A 1 53  ? -1.633  -13.263 4.749   1.00 26.42  ? 50  HIS A O   1 
ATOM   424  C CB  . HIS A 1 53  ? -3.515  -13.689 2.382   1.00 26.51  ? 50  HIS A CB  1 
ATOM   425  C CG  . HIS A 1 53  ? -4.910  -13.615 2.885   1.00 27.21  ? 50  HIS A CG  1 
ATOM   426  N ND1 . HIS A 1 53  ? -5.977  -14.076 2.152   1.00 30.83  ? 50  HIS A ND1 1 
ATOM   427  C CD2 . HIS A 1 53  ? -5.420  -13.177 4.059   1.00 30.50  ? 50  HIS A CD2 1 
ATOM   428  C CE1 . HIS A 1 53  ? -7.089  -13.923 2.848   1.00 32.11  ? 50  HIS A CE1 1 
ATOM   429  N NE2 . HIS A 1 53  ? -6.782  -13.375 4.010   1.00 31.72  ? 50  HIS A NE2 1 
ATOM   430  N N   . SER A 1 54  ? -2.956  -11.482 4.930   1.00 25.38  ? 51  SER A N   1 
ATOM   431  C CA  . SER A 1 54  ? -2.660  -11.328 6.352   1.00 25.11  ? 51  SER A CA  1 
ATOM   432  C C   . SER A 1 54  ? -3.889  -10.903 7.162   1.00 25.51  ? 51  SER A C   1 
ATOM   433  O O   . SER A 1 54  ? -4.827  -10.341 6.611   1.00 25.34  ? 51  SER A O   1 
ATOM   434  C CB  . SER A 1 54  ? -1.532  -10.306 6.554   1.00 24.96  ? 51  SER A CB  1 
ATOM   435  O OG  . SER A 1 54  ? -1.957  -8.987  6.257   1.00 23.51  ? 51  SER A OG  1 
ATOM   436  N N   . ARG A 1 55  ? -3.878  -11.197 8.460   1.00 25.42  ? 52  ARG A N   1 
ATOM   437  C CA  . ARG A 1 55  ? -4.933  -10.765 9.357   1.00 26.10  ? 52  ARG A CA  1 
ATOM   438  C C   . ARG A 1 55  ? -4.313  -10.036 10.554  1.00 25.51  ? 52  ARG A C   1 
ATOM   439  O O   . ARG A 1 55  ? -3.378  -10.522 11.165  1.00 24.76  ? 52  ARG A O   1 
ATOM   440  C CB  . ARG A 1 55  ? -5.749  -11.977 9.836   1.00 27.23  ? 52  ARG A CB  1 
ATOM   441  C CG  . ARG A 1 55  ? -6.783  -11.646 10.898  1.00 28.99  ? 52  ARG A CG  1 
ATOM   442  C CD  . ARG A 1 55  ? -7.604  -12.839 11.399  1.00 32.12  ? 52  ARG A CD  1 
ATOM   443  N NE  . ARG A 1 55  ? -8.984  -12.776 10.953  1.00 34.08  ? 52  ARG A NE  1 
ATOM   444  C CZ  . ARG A 1 55  ? -9.997  -12.535 11.739  1.00 36.02  ? 52  ARG A CZ  1 
ATOM   445  N NH1 . ARG A 1 55  ? -9.804  -12.340 13.029  1.00 36.92  ? 52  ARG A NH1 1 
ATOM   446  N NH2 . ARG A 1 55  ? -11.215 -12.476 11.232  1.00 38.63  ? 52  ARG A NH2 1 
ATOM   447  N N   . SER A 1 56  ? -4.833  -8.869  10.887  1.00 25.68  ? 53  SER A N   1 
ATOM   448  C CA  . SER A 1 56  ? -4.297  -8.079  11.981  1.00 26.23  ? 53  SER A CA  1 
ATOM   449  C C   . SER A 1 56  ? -5.435  -7.351  12.653  1.00 26.24  ? 53  SER A C   1 
ATOM   450  O O   . SER A 1 56  ? -6.366  -6.954  11.976  1.00 25.57  ? 53  SER A O   1 
ATOM   451  C CB  . SER A 1 56  ? -3.317  -7.039  11.470  1.00 26.46  ? 53  SER A CB  1 
ATOM   452  O OG  . SER A 1 56  ? -2.240  -7.623  10.770  1.00 28.02  ? 53  SER A OG  1 
ATOM   453  N N   . ALA A 1 57  ? -5.320  -7.148  13.974  1.00 26.64  ? 54  ALA A N   1 
ATOM   454  C CA  . ALA A 1 57  ? -6.361  -6.525  14.805  1.00 26.51  ? 54  ALA A CA  1 
ATOM   455  C C   . ALA A 1 57  ? -6.313  -5.004  14.817  1.00 26.77  ? 54  ALA A C   1 
ATOM   456  O O   . ALA A 1 57  ? -5.378  -4.401  14.322  1.00 27.06  ? 54  ALA A O   1 
ATOM   457  C CB  . ALA A 1 57  ? -6.252  -7.040  16.226  1.00 26.10  ? 54  ALA A CB  1 
ATOM   458  N N   . ARG A 1 58  ? -7.333  -4.393  15.403  1.00 27.11  ? 55  ARG A N   1 
ATOM   459  C CA  . ARG A 1 58  ? -7.409  -2.940  15.519  1.00 27.71  ? 55  ARG A CA  1 
ATOM   460  C C   . ARG A 1 58  ? -6.093  -2.307  15.969  1.00 27.55  ? 55  ARG A C   1 
ATOM   461  O O   . ARG A 1 58  ? -5.462  -2.775  16.893  1.00 27.27  ? 55  ARG A O   1 
ATOM   462  C CB  . ARG A 1 58  ? -8.504  -2.551  16.524  1.00 27.85  ? 55  ARG A CB  1 
ATOM   463  C CG  . ARG A 1 58  ? -9.202  -1.247  16.185  1.00 28.98  ? 55  ARG A CG  1 
ATOM   464  C CD  . ARG A 1 58  ? -10.335 -0.846  17.124  1.00 30.57  ? 55  ARG A CD  1 
ATOM   465  N NE  . ARG A 1 58  ? -11.382 -1.849  17.311  1.00 32.65  ? 55  ARG A NE  1 
ATOM   466  C CZ  . ARG A 1 58  ? -12.598 -1.782  16.769  1.00 33.63  ? 55  ARG A CZ  1 
ATOM   467  N NH1 . ARG A 1 58  ? -12.933 -0.777  15.964  1.00 34.00  ? 55  ARG A NH1 1 
ATOM   468  N NH2 . ARG A 1 58  ? -13.485 -2.729  17.020  1.00 33.09  ? 55  ARG A NH2 1 
ATOM   469  N N   . GLY A 1 59  ? -5.693  -1.235  15.304  1.00 27.72  ? 56  GLY A N   1 
ATOM   470  C CA  . GLY A 1 59  ? -4.530  -0.480  15.726  1.00 28.00  ? 56  GLY A CA  1 
ATOM   471  C C   . GLY A 1 59  ? -3.193  -1.076  15.378  1.00 28.42  ? 56  GLY A C   1 
ATOM   472  O O   . GLY A 1 59  ? -2.175  -0.452  15.605  1.00 29.28  ? 56  GLY A O   1 
ATOM   473  N N   . VAL A 1 60  ? -3.161  -2.285  14.852  1.00 28.91  ? 57  VAL A N   1 
ATOM   474  C CA  . VAL A 1 60  ? -1.897  -2.820  14.414  1.00 29.31  ? 57  VAL A CA  1 
ATOM   475  C C   . VAL A 1 60  ? -1.457  -1.990  13.221  1.00 29.72  ? 57  VAL A C   1 
ATOM   476  O O   . VAL A 1 60  ? -2.228  -1.732  12.298  1.00 29.38  ? 57  VAL A O   1 
ATOM   477  C CB  . VAL A 1 60  ? -1.982  -4.299  14.026  1.00 29.57  ? 57  VAL A CB  1 
ATOM   478  C CG1 . VAL A 1 60  ? -0.915  -4.649  13.022  1.00 30.41  ? 57  VAL A CG1 1 
ATOM   479  C CG2 . VAL A 1 60  ? -1.815  -5.172  15.253  1.00 30.53  ? 57  VAL A CG2 1 
ATOM   480  N N   . LEU A 1 61  ? -0.211  -1.545  13.260  1.00 30.61  ? 58  LEU A N   1 
ATOM   481  C CA  . LEU A 1 61  ? 0.348   -0.744  12.185  1.00 30.91  ? 58  LEU A CA  1 
ATOM   482  C C   . LEU A 1 61  ? 1.620   -1.413  11.716  1.00 31.29  ? 58  LEU A C   1 
ATOM   483  O O   . LEU A 1 61  ? 2.604   -1.467  12.427  1.00 32.21  ? 58  LEU A O   1 
ATOM   484  C CB  . LEU A 1 61  ? 0.612   0.675   12.671  1.00 30.73  ? 58  LEU A CB  1 
ATOM   485  C CG  . LEU A 1 61  ? 0.948   1.682   11.582  1.00 31.81  ? 58  LEU A CG  1 
ATOM   486  C CD1 . LEU A 1 61  ? 0.937   3.099   12.135  1.00 32.61  ? 58  LEU A CD1 1 
ATOM   487  C CD2 . LEU A 1 61  ? 2.323   1.377   10.940  1.00 33.34  ? 58  LEU A CD2 1 
ATOM   488  N N   . ARG A 1 62  ? 1.579   -1.993  10.538  1.00 32.10  ? 59  ARG A N   1 
ATOM   489  C CA  . ARG A 1 62  ? 2.737   -2.655  9.986   1.00 32.96  ? 59  ARG A CA  1 
ATOM   490  C C   . ARG A 1 62  ? 3.283   -1.627  9.063   1.00 32.96  ? 59  ARG A C   1 
ATOM   491  O O   . ARG A 1 62  ? 2.586   -1.135  8.187   1.00 32.83  ? 59  ARG A O   1 
ATOM   492  C CB  . ARG A 1 62  ? 2.346   -3.887  9.203   1.00 33.07  ? 59  ARG A CB  1 
ATOM   493  C CG  . ARG A 1 62  ? 2.160   -5.063  10.061  1.00 36.54  ? 59  ARG A CG  1 
ATOM   494  C CD  . ARG A 1 62  ? 1.226   -6.061  9.454   1.00 42.01  ? 59  ARG A CD  1 
ATOM   495  N NE  . ARG A 1 62  ? 1.744   -6.608  8.208   1.00 45.96  ? 59  ARG A NE  1 
ATOM   496  C CZ  . ARG A 1 62  ? 1.000   -7.198  7.293   1.00 48.68  ? 59  ARG A CZ  1 
ATOM   497  N NH1 . ARG A 1 62  ? -0.306  -7.308  7.457   1.00 50.05  ? 59  ARG A NH1 1 
ATOM   498  N NH2 . ARG A 1 62  ? 1.557   -7.660  6.197   1.00 50.77  ? 59  ARG A NH2 1 
ATOM   499  N N   . GLY A 1 63  ? 4.526   -1.252  9.216   1.00 33.53  ? 60  GLY A N   1 
ATOM   500  C CA  . GLY A 1 63  ? 4.864   -0.140  8.390   1.00 33.86  ? 60  GLY A CA  1 
ATOM   501  C C   . GLY A 1 63  ? 6.190   0.464   8.162   1.00 33.96  ? 60  GLY A C   1 
ATOM   502  O O   . GLY A 1 63  ? 7.122   0.401   8.940   1.00 33.75  ? 60  GLY A O   1 
ATOM   503  N N   . LEU A 1 64  ? 6.087   1.171   7.037   1.00 33.91  ? 61  LEU A N   1 
ATOM   504  C CA  . LEU A 1 64  ? 7.075   1.884   6.315   1.00 32.61  ? 61  LEU A CA  1 
ATOM   505  C C   . LEU A 1 64  ? 8.088   0.885   5.886   1.00 32.26  ? 61  LEU A C   1 
ATOM   506  O O   . LEU A 1 64  ? 9.245   0.955   6.261   1.00 33.55  ? 61  LEU A O   1 
ATOM   507  C CB  . LEU A 1 64  ? 7.549   3.059   7.088   1.00 32.56  ? 61  LEU A CB  1 
ATOM   508  C CG  . LEU A 1 64  ? 6.402   4.108   7.093   1.00 32.68  ? 61  LEU A CG  1 
ATOM   509  C CD1 . LEU A 1 64  ? 6.913   5.524   6.938   1.00 32.22  ? 61  LEU A CD1 1 
ATOM   510  C CD2 . LEU A 1 64  ? 5.374   3.883   6.039   1.00 33.63  ? 61  LEU A CD2 1 
ATOM   511  N N   . HIS A 1 65  ? 7.610   -0.041  5.059   1.00 31.13  ? 62  HIS A N   1 
ATOM   512  C CA  . HIS A 1 65  ? 8.415   -1.107  4.498   1.00 30.90  ? 62  HIS A CA  1 
ATOM   513  C C   . HIS A 1 65  ? 8.772   -0.924  3.034   1.00 31.13  ? 62  HIS A C   1 
ATOM   514  O O   . HIS A 1 65  ? 7.964   -0.413  2.248   1.00 32.14  ? 62  HIS A O   1 
ATOM   515  C CB  . HIS A 1 65  ? 7.634   -2.407  4.613   1.00 30.96  ? 62  HIS A CB  1 
ATOM   516  C CG  . HIS A 1 65  ? 7.468   -2.881  6.016   1.00 30.65  ? 62  HIS A CG  1 
ATOM   517  N ND1 . HIS A 1 65  ? 6.769   -4.019  6.334   1.00 30.43  ? 62  HIS A ND1 1 
ATOM   518  C CD2 . HIS A 1 65  ? 7.910   -2.366  7.187   1.00 30.12  ? 62  HIS A CD2 1 
ATOM   519  C CE1 . HIS A 1 65  ? 6.808   -4.202  7.641   1.00 31.40  ? 62  HIS A CE1 1 
ATOM   520  N NE2 . HIS A 1 65  ? 7.491   -3.211  8.182   1.00 31.53  ? 62  HIS A NE2 1 
ATOM   521  N N   . TYR A 1 66  ? 9.974   -1.350  2.670   1.00 30.58  ? 63  TYR A N   1 
ATOM   522  C CA  . TYR A 1 66  ? 10.408  -1.364  1.283   1.00 30.96  ? 63  TYR A CA  1 
ATOM   523  C C   . TYR A 1 66  ? 11.690  -2.118  1.144   1.00 30.84  ? 63  TYR A C   1 
ATOM   524  O O   . TYR A 1 66  ? 12.461  -2.213  2.084   1.00 31.73  ? 63  TYR A O   1 
ATOM   525  C CB  . TYR A 1 66  ? 10.614  0.033   0.731   1.00 31.22  ? 63  TYR A CB  1 
ATOM   526  C CG  . TYR A 1 66  ? 11.661  0.878   1.457   1.00 31.85  ? 63  TYR A CG  1 
ATOM   527  C CD1 . TYR A 1 66  ? 11.335  1.596   2.598   1.00 32.09  ? 63  TYR A CD1 1 
ATOM   528  C CD2 . TYR A 1 66  ? 12.946  1.002   0.956   1.00 29.64  ? 63  TYR A CD2 1 
ATOM   529  C CE1 . TYR A 1 66  ? 12.272  2.395   3.235   1.00 32.43  ? 63  TYR A CE1 1 
ATOM   530  C CE2 . TYR A 1 66  ? 13.878  1.787   1.571   1.00 30.89  ? 63  TYR A CE2 1 
ATOM   531  C CZ  . TYR A 1 66  ? 13.547  2.490   2.713   1.00 32.17  ? 63  TYR A CZ  1 
ATOM   532  O OH  . TYR A 1 66  ? 14.488  3.273   3.330   1.00 28.50  ? 63  TYR A OH  1 
ATOM   533  N N   . GLN A 1 67  ? 11.915  -2.642  -0.046  1.00 30.96  ? 64  GLN A N   1 
ATOM   534  C CA  . GLN A 1 67  ? 13.110  -3.409  -0.370  1.00 31.02  ? 64  GLN A CA  1 
ATOM   535  C C   . GLN A 1 67  ? 13.830  -2.653  -1.472  1.00 31.49  ? 64  GLN A C   1 
ATOM   536  O O   . GLN A 1 67  ? 13.210  -2.265  -2.461  1.00 31.65  ? 64  GLN A O   1 
ATOM   537  C CB  . GLN A 1 67  ? 12.714  -4.803  -0.857  1.00 30.75  ? 64  GLN A CB  1 
ATOM   538  C CG  . GLN A 1 67  ? 12.110  -5.663  0.228   1.00 30.46  ? 64  GLN A CG  1 
ATOM   539  C CD  . GLN A 1 67  ? 11.404  -6.935  -0.256  1.00 30.91  ? 64  GLN A CD  1 
ATOM   540  O OE1 . GLN A 1 67  ? 10.579  -7.471  0.481   1.00 33.06  ? 64  GLN A OE1 1 
ATOM   541  N NE2 . GLN A 1 67  ? 11.732  -7.426  -1.446  1.00 25.72  ? 64  GLN A NE2 1 
ATOM   542  N N   . ILE A 1 68  ? 15.124  -2.410  -1.293  1.00 31.89  ? 65  ILE A N   1 
ATOM   543  C CA  . ILE A 1 68  ? 15.895  -1.679  -2.280  1.00 31.97  ? 65  ILE A CA  1 
ATOM   544  C C   . ILE A 1 68  ? 16.437  -2.667  -3.278  1.00 32.34  ? 65  ILE A C   1 
ATOM   545  O O   . ILE A 1 68  ? 16.453  -2.417  -4.460  1.00 32.18  ? 65  ILE A O   1 
ATOM   546  C CB  . ILE A 1 68  ? 17.019  -0.944  -1.623  1.00 32.11  ? 65  ILE A CB  1 
ATOM   547  C CG1 . ILE A 1 68  ? 16.476  0.147   -0.714  1.00 31.67  ? 65  ILE A CG1 1 
ATOM   548  C CG2 . ILE A 1 68  ? 17.891  -0.298  -2.662  1.00 32.56  ? 65  ILE A CG2 1 
ATOM   549  C CD1 . ILE A 1 68  ? 17.477  0.582   0.268   1.00 31.71  ? 65  ILE A CD1 1 
ATOM   550  N N   . ARG A 1 69  ? 16.932  -3.784  -2.790  1.00 33.25  ? 66  ARG A N   1 
ATOM   551  C CA  . ARG A 1 69  ? 17.298  -4.869  -3.679  1.00 34.16  ? 66  ARG A CA  1 
ATOM   552  C C   . ARG A 1 69  ? 16.039  -5.735  -3.780  1.00 33.15  ? 66  ARG A C   1 
ATOM   553  O O   . ARG A 1 69  ? 15.221  -5.758  -2.839  1.00 31.71  ? 66  ARG A O   1 
ATOM   554  C CB  . ARG A 1 69  ? 18.503  -5.646  -3.142  1.00 35.42  ? 66  ARG A CB  1 
ATOM   555  C CG  . ARG A 1 69  ? 19.820  -4.814  -3.117  1.00 39.89  ? 66  ARG A CG  1 
ATOM   556  C CD  . ARG A 1 69  ? 20.758  -5.044  -4.308  1.00 45.22  ? 66  ARG A CD  1 
ATOM   557  N NE  . ARG A 1 69  ? 21.863  -4.083  -4.297  1.00 51.04  ? 66  ARG A NE  1 
ATOM   558  C CZ  . ARG A 1 69  ? 22.204  -3.297  -5.316  1.00 55.04  ? 66  ARG A CZ  1 
ATOM   559  N NH1 . ARG A 1 69  ? 21.542  -3.341  -6.472  1.00 57.04  ? 66  ARG A NH1 1 
ATOM   560  N NH2 . ARG A 1 69  ? 23.218  -2.463  -5.181  1.00 55.23  ? 66  ARG A NH2 1 
ATOM   561  N N   . GLN A 1 70  ? 15.865  -6.425  -4.908  1.00 32.27  ? 67  GLN A N   1 
ATOM   562  C CA  . GLN A 1 70  ? 14.634  -7.187  -5.140  1.00 32.13  ? 67  GLN A CA  1 
ATOM   563  C C   . GLN A 1 70  ? 13.445  -6.216  -4.936  1.00 31.11  ? 67  GLN A C   1 
ATOM   564  O O   . GLN A 1 70  ? 12.490  -6.481  -4.207  1.00 30.88  ? 67  GLN A O   1 
ATOM   565  C CB  . GLN A 1 70  ? 14.564  -8.436  -4.227  1.00 32.47  ? 67  GLN A CB  1 
ATOM   566  C CG  . GLN A 1 70  ? 15.051  -9.711  -4.939  1.00 34.56  ? 67  GLN A CG  1 
ATOM   567  C CD  . GLN A 1 70  ? 14.986  -10.985 -4.087  1.00 36.02  ? 67  GLN A CD  1 
ATOM   568  O OE1 . GLN A 1 70  ? 15.900  -11.820 -4.155  1.00 36.61  ? 67  GLN A OE1 1 
ATOM   569  N NE2 . GLN A 1 70  ? 13.909  -11.146 -3.312  1.00 34.91  ? 67  GLN A NE2 1 
ATOM   570  N N   . ALA A 1 71  ? 13.540  -5.063  -5.583  1.00 30.14  ? 68  ALA A N   1 
ATOM   571  C CA  . ALA A 1 71  ? 12.533  -4.021  -5.488  1.00 29.20  ? 68  ALA A CA  1 
ATOM   572  C C   . ALA A 1 71  ? 11.155  -4.500  -5.917  1.00 28.07  ? 68  ALA A C   1 
ATOM   573  O O   . ALA A 1 71  ? 11.050  -5.293  -6.825  1.00 28.76  ? 68  ALA A O   1 
ATOM   574  C CB  . ALA A 1 71  ? 12.952  -2.876  -6.348  1.00 29.42  ? 68  ALA A CB  1 
ATOM   575  N N   . GLN A 1 72  ? 10.102  -3.965  -5.322  1.00 26.81  ? 69  GLN A N   1 
ATOM   576  C CA  . GLN A 1 72  ? 8.757   -4.436  -5.633  1.00 26.64  ? 69  GLN A CA  1 
ATOM   577  C C   . GLN A 1 72  ? 7.660   -3.387  -5.787  1.00 26.29  ? 69  GLN A C   1 
ATOM   578  O O   . GLN A 1 72  ? 7.509   -2.477  -4.957  1.00 25.63  ? 69  GLN A O   1 
ATOM   579  C CB  . GLN A 1 72  ? 8.241   -5.323  -4.497  1.00 26.78  ? 69  GLN A CB  1 
ATOM   580  C CG  . GLN A 1 72  ? 9.267   -6.007  -3.643  1.00 27.93  ? 69  GLN A CG  1 
ATOM   581  C CD  . GLN A 1 72  ? 8.687   -6.515  -2.350  1.00 28.06  ? 69  GLN A CD  1 
ATOM   582  O OE1 . GLN A 1 72  ? 8.675   -5.788  -1.363  1.00 29.82  ? 69  GLN A OE1 1 
ATOM   583  N NE2 . GLN A 1 72  ? 8.198   -7.758  -2.348  1.00 27.81  ? 69  GLN A NE2 1 
ATOM   584  N N   . GLY A 1 73  ? 6.828   -3.580  -6.802  1.00 25.60  ? 70  GLY A N   1 
ATOM   585  C CA  . GLY A 1 73  ? 5.600   -2.808  -6.894  1.00 25.37  ? 70  GLY A CA  1 
ATOM   586  C C   . GLY A 1 73  ? 4.577   -3.611  -6.106  1.00 25.49  ? 70  GLY A C   1 
ATOM   587  O O   . GLY A 1 73  ? 4.671   -4.823  -6.006  1.00 24.99  ? 70  GLY A O   1 
ATOM   588  N N   . LYS A 1 74  ? 3.596   -2.950  -5.517  1.00 26.19  ? 71  LYS A N   1 
ATOM   589  C CA  . LYS A 1 74  ? 2.601   -3.663  -4.728  1.00 25.86  ? 71  LYS A CA  1 
ATOM   590  C C   . LYS A 1 74  ? 1.213   -3.173  -5.036  1.00 25.83  ? 71  LYS A C   1 
ATOM   591  O O   . LYS A 1 74  ? 0.997   -1.967  -5.105  1.00 26.04  ? 71  LYS A O   1 
ATOM   592  C CB  . LYS A 1 74  ? 2.856   -3.434  -3.263  1.00 25.55  ? 71  LYS A CB  1 
ATOM   593  C CG  . LYS A 1 74  ? 4.175   -3.943  -2.791  1.00 25.75  ? 71  LYS A CG  1 
ATOM   594  C CD  . LYS A 1 74  ? 4.521   -3.387  -1.443  1.00 26.25  ? 71  LYS A CD  1 
ATOM   595  C CE  . LYS A 1 74  ? 5.827   -3.944  -0.953  1.00 27.45  ? 71  LYS A CE  1 
ATOM   596  N NZ  . LYS A 1 74  ? 6.357   -3.097  0.179   1.00 29.66  ? 71  LYS A NZ  1 
ATOM   597  N N   . LEU A 1 75  ? 0.286   -4.109  -5.227  1.00 25.59  ? 72  LEU A N   1 
ATOM   598  C CA  . LEU A 1 75  ? -1.129  -3.779  -5.454  1.00 26.11  ? 72  LEU A CA  1 
ATOM   599  C C   . LEU A 1 75  ? -1.900  -4.338  -4.258  1.00 25.80  ? 72  LEU A C   1 
ATOM   600  O O   . LEU A 1 75  ? -1.944  -5.530  -4.069  1.00 26.78  ? 72  LEU A O   1 
ATOM   601  C CB  . LEU A 1 75  ? -1.630  -4.378  -6.755  1.00 25.99  ? 72  LEU A CB  1 
ATOM   602  C CG  . LEU A 1 75  ? -3.105  -4.258  -7.078  1.00 26.65  ? 72  LEU A CG  1 
ATOM   603  C CD1 . LEU A 1 75  ? -3.645  -2.816  -7.027  1.00 26.06  ? 72  LEU A CD1 1 
ATOM   604  C CD2 . LEU A 1 75  ? -3.329  -4.864  -8.458  1.00 26.74  ? 72  LEU A CD2 1 
ATOM   605  N N   . VAL A 1 76  ? -2.478  -3.471  -3.450  1.00 25.46  ? 73  VAL A N   1 
ATOM   606  C CA  . VAL A 1 76  ? -3.046  -3.873  -2.182  1.00 25.32  ? 73  VAL A CA  1 
ATOM   607  C C   . VAL A 1 76  ? -4.547  -3.591  -2.018  1.00 25.04  ? 73  VAL A C   1 
ATOM   608  O O   . VAL A 1 76  ? -5.080  -2.630  -2.572  1.00 23.84  ? 73  VAL A O   1 
ATOM   609  C CB  . VAL A 1 76  ? -2.307  -3.169  -1.063  1.00 25.34  ? 73  VAL A CB  1 
ATOM   610  C CG1 . VAL A 1 76  ? -0.849  -3.407  -1.214  1.00 25.90  ? 73  VAL A CG1 1 
ATOM   611  C CG2 . VAL A 1 76  ? -2.588  -1.658  -1.080  1.00 25.79  ? 73  VAL A CG2 1 
ATOM   612  N N   . ARG A 1 77  ? -5.212  -4.478  -1.269  1.00 25.07  ? 74  ARG A N   1 
ATOM   613  C CA  . ARG A 1 77  ? -6.605  -4.311  -0.949  1.00 25.20  ? 74  ARG A CA  1 
ATOM   614  C C   . ARG A 1 77  ? -6.961  -4.992  0.353   1.00 25.91  ? 74  ARG A C   1 
ATOM   615  O O   . ARG A 1 77  ? -6.183  -5.745  0.911   1.00 26.59  ? 74  ARG A O   1 
ATOM   616  C CB  . ARG A 1 77  ? -7.477  -4.834  -2.067  1.00 25.00  ? 74  ARG A CB  1 
ATOM   617  C CG  . ARG A 1 77  ? -7.540  -6.293  -2.191  1.00 25.33  ? 74  ARG A CG  1 
ATOM   618  C CD  . ARG A 1 77  ? -8.094  -6.677  -3.560  1.00 24.21  ? 74  ARG A CD  1 
ATOM   619  N NE  . ARG A 1 77  ? -8.354  -8.084  -3.762  1.00 24.56  ? 74  ARG A NE  1 
ATOM   620  C CZ  . ARG A 1 77  ? -9.539  -8.680  -3.607  1.00 25.39  ? 74  ARG A CZ  1 
ATOM   621  N NH1 . ARG A 1 77  ? -10.601 -8.017  -3.179  1.00 26.07  ? 74  ARG A NH1 1 
ATOM   622  N NH2 . ARG A 1 77  ? -9.661  -9.959  -3.872  1.00 24.09  ? 74  ARG A NH2 1 
ATOM   623  N N   . ALA A 1 78  ? -8.142  -4.672  0.843   1.00 26.39  ? 75  ALA A N   1 
ATOM   624  C CA  . ALA A 1 78  ? -8.679  -5.225  2.038   1.00 27.11  ? 75  ALA A CA  1 
ATOM   625  C C   . ALA A 1 78  ? -9.885  -6.084  1.706   1.00 27.90  ? 75  ALA A C   1 
ATOM   626  O O   . ALA A 1 78  ? -10.894 -5.573  1.270   1.00 28.04  ? 75  ALA A O   1 
ATOM   627  C CB  . ALA A 1 78  ? -9.139  -4.098  2.933   1.00 27.25  ? 75  ALA A CB  1 
ATOM   628  N N   . THR A 1 79  ? -9.813  -7.377  1.967   1.00 28.89  ? 76  THR A N   1 
ATOM   629  C CA  . THR A 1 79  ? -10.975 -8.219  1.756   1.00 29.78  ? 76  THR A CA  1 
ATOM   630  C C   . THR A 1 79  ? -11.830 -8.290  2.972   1.00 28.94  ? 76  THR A C   1 
ATOM   631  O O   . THR A 1 79  ? -12.959 -8.696  2.894   1.00 29.41  ? 76  THR A O   1 
ATOM   632  C CB  . THR A 1 79  ? -10.578 -9.603  1.317   1.00 30.35  ? 76  THR A CB  1 
ATOM   633  O OG1 . THR A 1 79  ? -9.474  -10.078 2.104   1.00 31.09  ? 76  THR A OG1 1 
ATOM   634  C CG2 . THR A 1 79  ? -10.030 -9.512  -0.075  1.00 32.10  ? 76  THR A CG2 1 
ATOM   635  N N   . LEU A 1 80  ? -11.288 -7.907  4.108   1.00 29.19  ? 77  LEU A N   1 
ATOM   636  C CA  . LEU A 1 80  ? -12.070 -7.826  5.338   1.00 28.69  ? 77  LEU A CA  1 
ATOM   637  C C   . LEU A 1 80  ? -11.637 -6.592  6.065   1.00 28.06  ? 77  LEU A C   1 
ATOM   638  O O   . LEU A 1 80  ? -10.433 -6.326  6.153   1.00 28.51  ? 77  LEU A O   1 
ATOM   639  C CB  . LEU A 1 80  ? -11.800 -8.998  6.262   1.00 28.84  ? 77  LEU A CB  1 
ATOM   640  C CG  . LEU A 1 80  ? -12.785 -9.008  7.446   1.00 31.28  ? 77  LEU A CG  1 
ATOM   641  C CD1 . LEU A 1 80  ? -13.874 -10.017 7.201   1.00 31.88  ? 77  LEU A CD1 1 
ATOM   642  C CD2 . LEU A 1 80  ? -12.142 -9.279  8.798   1.00 32.97  ? 77  LEU A CD2 1 
ATOM   643  N N   . GLY A 1 81  ? -12.594 -5.840  6.595   1.00 27.51  ? 78  GLY A N   1 
ATOM   644  C CA  . GLY A 1 81  ? -12.285 -4.712  7.454   1.00 27.27  ? 78  GLY A CA  1 
ATOM   645  C C   . GLY A 1 81  ? -11.778 -3.483  6.739   1.00 27.19  ? 78  GLY A C   1 
ATOM   646  O O   . GLY A 1 81  ? -11.938 -3.334  5.538   1.00 27.09  ? 78  GLY A O   1 
ATOM   647  N N   . GLU A 1 82  ? -11.167 -2.589  7.504   1.00 27.08  ? 79  GLU A N   1 
ATOM   648  C CA  . GLU A 1 82  ? -10.743 -1.305  6.990   1.00 26.98  ? 79  GLU A CA  1 
ATOM   649  C C   . GLU A 1 82  ? -9.375  -0.926  7.501   1.00 27.00  ? 79  GLU A C   1 
ATOM   650  O O   . GLU A 1 82  ? -9.087  -1.038  8.704   1.00 26.89  ? 79  GLU A O   1 
ATOM   651  C CB  . GLU A 1 82  ? -11.729 -0.220  7.429   1.00 27.00  ? 79  GLU A CB  1 
ATOM   652  C CG  . GLU A 1 82  ? -11.324 1.183   6.988   1.00 27.35  ? 79  GLU A CG  1 
ATOM   653  C CD  . GLU A 1 82  ? -12.406 2.233   7.225   1.00 27.93  ? 79  GLU A CD  1 
ATOM   654  O OE1 . GLU A 1 82  ? -12.363 3.269   6.528   1.00 28.80  ? 79  GLU A OE1 1 
ATOM   655  O OE2 . GLU A 1 82  ? -13.282 2.034   8.100   1.00 26.51  ? 79  GLU A OE2 1 
ATOM   656  N N   . VAL A 1 83  ? -8.533  -0.497  6.571   1.00 26.76  ? 80  VAL A N   1 
ATOM   657  C CA  . VAL A 1 83  ? -7.238  0.007   6.904   1.00 26.57  ? 80  VAL A CA  1 
ATOM   658  C C   . VAL A 1 83  ? -7.058  1.337   6.235   1.00 26.60  ? 80  VAL A C   1 
ATOM   659  O O   . VAL A 1 83  ? -7.776  1.701   5.312   1.00 26.88  ? 80  VAL A O   1 
ATOM   660  C CB  . VAL A 1 83  ? -6.114  -0.851  6.358   1.00 26.63  ? 80  VAL A CB  1 
ATOM   661  C CG1 . VAL A 1 83  ? -6.262  -2.276  6.779   1.00 27.80  ? 80  VAL A CG1 1 
ATOM   662  C CG2 . VAL A 1 83  ? -6.069  -0.742  4.853   1.00 26.98  ? 80  VAL A CG2 1 
ATOM   663  N N   . PHE A 1 84  ? -6.055  2.049   6.708   1.00 26.42  ? 81  PHE A N   1 
ATOM   664  C CA  . PHE A 1 84  ? -5.619  3.275   6.102   1.00 26.19  ? 81  PHE A CA  1 
ATOM   665  C C   . PHE A 1 84  ? -4.248  2.900   5.568   1.00 25.95  ? 81  PHE A C   1 
ATOM   666  O O   . PHE A 1 84  ? -3.342  2.553   6.333   1.00 26.24  ? 81  PHE A O   1 
ATOM   667  C CB  . PHE A 1 84  ? -5.505  4.340   7.170   1.00 25.85  ? 81  PHE A CB  1 
ATOM   668  C CG  . PHE A 1 84  ? -5.098  5.673   6.661   1.00 25.93  ? 81  PHE A CG  1 
ATOM   669  C CD1 . PHE A 1 84  ? -5.987  6.455   5.959   1.00 26.62  ? 81  PHE A CD1 1 
ATOM   670  C CD2 . PHE A 1 84  ? -3.855  6.180   6.944   1.00 25.89  ? 81  PHE A CD2 1 
ATOM   671  C CE1 . PHE A 1 84  ? -5.638  7.706   5.531   1.00 25.58  ? 81  PHE A CE1 1 
ATOM   672  C CE2 . PHE A 1 84  ? -3.505  7.436   6.506   1.00 26.21  ? 81  PHE A CE2 1 
ATOM   673  C CZ  . PHE A 1 84  ? -4.404  8.191   5.798   1.00 26.11  ? 81  PHE A CZ  1 
ATOM   674  N N   . ASP A 1 85  ? -4.106  2.970   4.262   1.00 25.57  ? 82  ASP A N   1 
ATOM   675  C CA  . ASP A 1 85  ? -2.904  2.514   3.594   1.00 25.49  ? 82  ASP A CA  1 
ATOM   676  C C   . ASP A 1 85  ? -2.106  3.700   3.094   1.00 25.10  ? 82  ASP A C   1 
ATOM   677  O O   . ASP A 1 85  ? -2.669  4.649   2.562   1.00 25.75  ? 82  ASP A O   1 
ATOM   678  C CB  . ASP A 1 85  ? -3.298  1.589   2.451   1.00 25.54  ? 82  ASP A CB  1 
ATOM   679  C CG  . ASP A 1 85  ? -2.118  0.982   1.772   1.00 25.84  ? 82  ASP A CG  1 
ATOM   680  O OD1 . ASP A 1 85  ? -1.606  -0.047  2.259   1.00 26.00  ? 82  ASP A OD1 1 
ATOM   681  O OD2 . ASP A 1 85  ? -1.624  1.491   0.757   1.00 26.69  ? 82  ASP A OD2 1 
ATOM   682  N N   . VAL A 1 86  ? -0.793  3.647   3.274   1.00 24.87  ? 83  VAL A N   1 
ATOM   683  C CA  . VAL A 1 86  ? 0.064   4.786   2.995   1.00 24.72  ? 83  VAL A CA  1 
ATOM   684  C C   . VAL A 1 86  ? 1.249   4.473   2.109   1.00 24.88  ? 83  VAL A C   1 
ATOM   685  O O   . VAL A 1 86  ? 1.870   3.412   2.215   1.00 25.02  ? 83  VAL A O   1 
ATOM   686  C CB  . VAL A 1 86  ? 0.614   5.320   4.283   1.00 24.76  ? 83  VAL A CB  1 
ATOM   687  C CG1 . VAL A 1 86  ? 1.686   6.337   3.997   1.00 25.23  ? 83  VAL A CG1 1 
ATOM   688  C CG2 . VAL A 1 86  ? -0.527  5.926   5.133   1.00 25.44  ? 83  VAL A CG2 1 
ATOM   689  N N   . ALA A 1 87  ? 1.567   5.414   1.233   1.00 25.00  ? 84  ALA A N   1 
ATOM   690  C CA  . ALA A 1 87  ? 2.663   5.236   0.300   1.00 25.18  ? 84  ALA A CA  1 
ATOM   691  C C   . ALA A 1 87  ? 3.570   6.446   0.381   1.00 25.27  ? 84  ALA A C   1 
ATOM   692  O O   . ALA A 1 87  ? 3.064   7.573   0.389   1.00 24.50  ? 84  ALA A O   1 
ATOM   693  C CB  . ALA A 1 87  ? 2.131   5.084   -1.121  1.00 25.06  ? 84  ALA A CB  1 
ATOM   694  N N   . VAL A 1 88  ? 4.884   6.200   0.439   1.00 25.57  ? 85  VAL A N   1 
ATOM   695  C CA  . VAL A 1 88  ? 5.893   7.256   0.517   1.00 26.55  ? 85  VAL A CA  1 
ATOM   696  C C   . VAL A 1 88  ? 6.878   7.169   -0.637  1.00 26.73  ? 85  VAL A C   1 
ATOM   697  O O   . VAL A 1 88  ? 7.432   6.107   -0.882  1.00 27.40  ? 85  VAL A O   1 
ATOM   698  C CB  . VAL A 1 88  ? 6.712   7.144   1.796   1.00 26.93  ? 85  VAL A CB  1 
ATOM   699  C CG1 . VAL A 1 88  ? 7.763   8.280   1.860   1.00 26.87  ? 85  VAL A CG1 1 
ATOM   700  C CG2 . VAL A 1 88  ? 5.820   7.188   2.986   1.00 27.03  ? 85  VAL A CG2 1 
ATOM   701  N N   . ASP A 1 89  ? 7.114   8.276   -1.329  1.00 26.78  ? 86  ASP A N   1 
ATOM   702  C CA  . ASP A 1 89  ? 7.968   8.263   -2.524  1.00 27.41  ? 86  ASP A CA  1 
ATOM   703  C C   . ASP A 1 89  ? 9.421   8.418   -2.135  1.00 27.14  ? 86  ASP A C   1 
ATOM   704  O O   . ASP A 1 89  ? 9.818   9.463   -1.643  1.00 26.87  ? 86  ASP A O   1 
ATOM   705  C CB  . ASP A 1 89  ? 7.559   9.403   -3.478  1.00 28.00  ? 86  ASP A CB  1 
ATOM   706  C CG  . ASP A 1 89  ? 8.299   9.372   -4.816  1.00 29.76  ? 86  ASP A CG  1 
ATOM   707  O OD1 . ASP A 1 89  ? 9.184   8.513   -5.005  1.00 31.98  ? 86  ASP A OD1 1 
ATOM   708  O OD2 . ASP A 1 89  ? 8.057   10.180  -5.750  1.00 32.00  ? 86  ASP A OD2 1 
ATOM   709  N N   . LEU A 1 90  ? 10.221  7.389   -2.381  1.00 27.25  ? 87  LEU A N   1 
ATOM   710  C CA  . LEU A 1 90  ? 11.626  7.430   -2.018  1.00 27.45  ? 87  LEU A CA  1 
ATOM   711  C C   . LEU A 1 90  ? 12.519  7.326   -3.231  1.00 27.14  ? 87  LEU A C   1 
ATOM   712  O O   . LEU A 1 90  ? 13.632  6.834   -3.127  1.00 27.80  ? 87  LEU A O   1 
ATOM   713  C CB  . LEU A 1 90  ? 11.967  6.289   -1.053  1.00 27.85  ? 87  LEU A CB  1 
ATOM   714  C CG  . LEU A 1 90  ? 11.202  6.227   0.260   1.00 27.96  ? 87  LEU A CG  1 
ATOM   715  C CD1 . LEU A 1 90  ? 11.621  4.978   0.976   1.00 29.20  ? 87  LEU A CD1 1 
ATOM   716  C CD2 . LEU A 1 90  ? 11.476  7.436   1.141   1.00 29.92  ? 87  LEU A CD2 1 
ATOM   717  N N   . ARG A 1 91  ? 12.057  7.821   -4.368  1.00 26.99  ? 88  ARG A N   1 
ATOM   718  C CA  . ARG A 1 91  ? 12.819  7.711   -5.616  1.00 26.90  ? 88  ARG A CA  1 
ATOM   719  C C   . ARG A 1 91  ? 13.835  8.824   -5.844  1.00 26.86  ? 88  ARG A C   1 
ATOM   720  O O   . ARG A 1 91  ? 13.483  9.992   -5.916  1.00 26.79  ? 88  ARG A O   1 
ATOM   721  C CB  . ARG A 1 91  ? 11.864  7.692   -6.806  1.00 26.76  ? 88  ARG A CB  1 
ATOM   722  C CG  . ARG A 1 91  ? 11.039  6.431   -6.896  1.00 26.21  ? 88  ARG A CG  1 
ATOM   723  C CD  . ARG A 1 91  ? 9.959   6.485   -7.946  1.00 24.46  ? 88  ARG A CD  1 
ATOM   724  N NE  . ARG A 1 91  ? 8.979   7.531   -7.689  1.00 23.97  ? 88  ARG A NE  1 
ATOM   725  C CZ  . ARG A 1 91  ? 7.970   7.817   -8.504  1.00 23.85  ? 88  ARG A CZ  1 
ATOM   726  N NH1 . ARG A 1 91  ? 7.801   7.124   -9.625  1.00 22.29  ? 88  ARG A NH1 1 
ATOM   727  N NH2 . ARG A 1 91  ? 7.136   8.801   -8.208  1.00 23.33  ? 88  ARG A NH2 1 
ATOM   728  N N   . ARG A 1 92  ? 15.094  8.442   -5.991  1.00 26.72  ? 89  ARG A N   1 
ATOM   729  C CA  . ARG A 1 92  ? 16.139  9.397   -6.283  1.00 27.08  ? 89  ARG A CA  1 
ATOM   730  C C   . ARG A 1 92  ? 15.667  10.386  -7.363  1.00 27.67  ? 89  ARG A C   1 
ATOM   731  O O   . ARG A 1 92  ? 15.250  9.990   -8.454  1.00 27.69  ? 89  ARG A O   1 
ATOM   732  C CB  . ARG A 1 92  ? 17.406  8.672   -6.747  1.00 26.85  ? 89  ARG A CB  1 
ATOM   733  C CG  . ARG A 1 92  ? 18.571  9.623   -7.108  1.00 25.38  ? 89  ARG A CG  1 
ATOM   734  C CD  . ARG A 1 92  ? 19.760  8.900   -7.778  1.00 23.41  ? 89  ARG A CD  1 
ATOM   735  N NE  . ARG A 1 92  ? 20.823  9.789   -8.212  1.00 22.01  ? 89  ARG A NE  1 
ATOM   736  C CZ  . ARG A 1 92  ? 21.468  9.672   -9.358  1.00 19.91  ? 89  ARG A CZ  1 
ATOM   737  N NH1 . ARG A 1 92  ? 21.161  8.714   -10.206 1.00 18.94  ? 89  ARG A NH1 1 
ATOM   738  N NH2 . ARG A 1 92  ? 22.416  10.531  -9.669  1.00 18.90  ? 89  ARG A NH2 1 
ATOM   739  N N   . GLY A 1 93  ? 15.700  11.668  -7.033  1.00 28.34  ? 90  GLY A N   1 
ATOM   740  C CA  . GLY A 1 93  ? 15.319  12.708  -7.974  1.00 28.86  ? 90  GLY A CA  1 
ATOM   741  C C   . GLY A 1 93  ? 13.829  12.929  -8.143  1.00 29.14  ? 90  GLY A C   1 
ATOM   742  O O   . GLY A 1 93  ? 13.426  13.826  -8.870  1.00 29.16  ? 90  GLY A O   1 
ATOM   743  N N   . SER A 1 94  ? 12.985  12.143  -7.495  1.00 29.18  ? 91  SER A N   1 
ATOM   744  C CA  . SER A 1 94  ? 11.555  12.399  -7.658  1.00 29.35  ? 91  SER A CA  1 
ATOM   745  C C   . SER A 1 94  ? 11.138  13.776  -7.170  1.00 29.79  ? 91  SER A C   1 
ATOM   746  O O   . SER A 1 94  ? 11.481  14.220  -6.082  1.00 30.17  ? 91  SER A O   1 
ATOM   747  C CB  . SER A 1 94  ? 10.695  11.388  -6.941  1.00 29.37  ? 91  SER A CB  1 
ATOM   748  O OG  . SER A 1 94  ? 9.335   11.777  -7.064  1.00 28.19  ? 91  SER A OG  1 
ATOM   749  N N   . PRO A 1 95  ? 10.374  14.452  -7.988  1.00 29.90  ? 92  PRO A N   1 
ATOM   750  C CA  . PRO A 1 95  ? 9.853   15.767  -7.624  1.00 29.76  ? 92  PRO A CA  1 
ATOM   751  C C   . PRO A 1 95  ? 9.031   15.655  -6.375  1.00 28.98  ? 92  PRO A C   1 
ATOM   752  O O   . PRO A 1 95  ? 8.734   16.632  -5.716  1.00 29.05  ? 92  PRO A O   1 
ATOM   753  C CB  . PRO A 1 95  ? 8.920   16.118  -8.792  1.00 29.97  ? 92  PRO A CB  1 
ATOM   754  C CG  . PRO A 1 95  ? 9.345   15.252  -9.923  1.00 30.49  ? 92  PRO A CG  1 
ATOM   755  C CD  . PRO A 1 95  ? 9.987   14.030  -9.339  1.00 30.14  ? 92  PRO A CD  1 
ATOM   756  N N   . THR A 1 96  ? 8.603   14.454  -6.074  1.00 28.28  ? 93  THR A N   1 
ATOM   757  C CA  . THR A 1 96  ? 7.765   14.297  -4.908  1.00 27.71  ? 93  THR A CA  1 
ATOM   758  C C   . THR A 1 96  ? 8.420   13.403  -3.886  1.00 26.56  ? 93  THR A C   1 
ATOM   759  O O   . THR A 1 96  ? 7.764   12.871  -3.031  1.00 25.72  ? 93  THR A O   1 
ATOM   760  C CB  . THR A 1 96  ? 6.398   13.815  -5.318  1.00 27.73  ? 93  THR A CB  1 
ATOM   761  O OG1 . THR A 1 96  ? 6.523   12.681  -6.193  1.00 28.87  ? 93  THR A OG1 1 
ATOM   762  C CG2 . THR A 1 96  ? 5.736   14.875  -6.175  1.00 27.32  ? 93  THR A CG2 1 
ATOM   763  N N   . PHE A 1 97  ? 9.744   13.299  -3.982  1.00 26.27  ? 94  PHE A N   1 
ATOM   764  C CA  . PHE A 1 97  ? 10.537  12.575  -3.010  1.00 25.67  ? 94  PHE A CA  1 
ATOM   765  C C   . PHE A 1 97  ? 10.207  13.080  -1.597  1.00 25.51  ? 94  PHE A C   1 
ATOM   766  O O   . PHE A 1 97  ? 10.215  14.276  -1.332  1.00 24.18  ? 94  PHE A O   1 
ATOM   767  C CB  . PHE A 1 97  ? 12.027  12.767  -3.269  1.00 25.33  ? 94  PHE A CB  1 
ATOM   768  C CG  . PHE A 1 97  ? 12.885  12.166  -2.202  1.00 25.11  ? 94  PHE A CG  1 
ATOM   769  C CD1 . PHE A 1 97  ? 13.087  10.813  -2.156  1.00 24.57  ? 94  PHE A CD1 1 
ATOM   770  C CD2 . PHE A 1 97  ? 13.433  12.946  -1.205  1.00 26.06  ? 94  PHE A CD2 1 
ATOM   771  C CE1 . PHE A 1 97  ? 13.841  10.257  -1.171  1.00 24.80  ? 94  PHE A CE1 1 
ATOM   772  C CE2 . PHE A 1 97  ? 14.197  12.379  -0.204  1.00 24.40  ? 94  PHE A CE2 1 
ATOM   773  C CZ  . PHE A 1 97  ? 14.390  11.039  -0.190  1.00 24.65  ? 94  PHE A CZ  1 
ATOM   774  N N   . GLY A 1 98  ? 9.905   12.156  -0.699  1.00 25.32  ? 95  GLY A N   1 
ATOM   775  C CA  . GLY A 1 98  ? 9.599   12.535  0.653   1.00 25.92  ? 95  GLY A CA  1 
ATOM   776  C C   . GLY A 1 98  ? 8.160   12.894  0.871   1.00 26.42  ? 95  GLY A C   1 
ATOM   777  O O   . GLY A 1 98  ? 7.796   13.266  1.970   1.00 27.27  ? 95  GLY A O   1 
ATOM   778  N N   . GLN A 1 99  ? 7.342   12.796  -0.167  1.00 27.15  ? 96  GLN A N   1 
ATOM   779  C CA  . GLN A 1 99  ? 5.911   13.034  -0.047  1.00 27.38  ? 96  GLN A CA  1 
ATOM   780  C C   . GLN A 1 99  ? 5.148   11.713  0.180   1.00 27.20  ? 96  GLN A C   1 
ATOM   781  O O   . GLN A 1 99  ? 5.634   10.621  -0.156  1.00 27.73  ? 96  GLN A O   1 
ATOM   782  C CB  . GLN A 1 99  ? 5.401   13.742  -1.298  1.00 27.51  ? 96  GLN A CB  1 
ATOM   783  C CG  . GLN A 1 99  ? 6.054   15.095  -1.457  1.00 29.07  ? 96  GLN A CG  1 
ATOM   784  C CD  . GLN A 1 99  ? 5.325   16.015  -2.396  1.00 30.54  ? 96  GLN A CD  1 
ATOM   785  O OE1 . GLN A 1 99  ? 5.748   17.144  -2.578  1.00 29.81  ? 96  GLN A OE1 1 
ATOM   786  N NE2 . GLN A 1 99  ? 4.244   15.531  -3.015  1.00 31.70  ? 96  GLN A NE2 1 
ATOM   787  N N   . TRP A 1 100 ? 3.952   11.814  0.749   1.00 26.25  ? 97  TRP A N   1 
ATOM   788  C CA  . TRP A 1 100 ? 3.152   10.642  0.996   1.00 25.53  ? 97  TRP A CA  1 
ATOM   789  C C   . TRP A 1 100 ? 1.725   10.883  0.636   1.00 25.82  ? 97  TRP A C   1 
ATOM   790  O O   . TRP A 1 100 ? 1.268   12.024  0.581   1.00 25.71  ? 97  TRP A O   1 
ATOM   791  C CB  . TRP A 1 100 ? 3.200   10.242  2.461   1.00 25.14  ? 97  TRP A CB  1 
ATOM   792  C CG  . TRP A 1 100 ? 2.551   11.197  3.374   1.00 23.61  ? 97  TRP A CG  1 
ATOM   793  C CD1 . TRP A 1 100 ? 3.155   12.209  4.047   1.00 22.95  ? 97  TRP A CD1 1 
ATOM   794  C CD2 . TRP A 1 100 ? 1.167   11.234  3.756   1.00 23.41  ? 97  TRP A CD2 1 
ATOM   795  N NE1 . TRP A 1 100 ? 2.238   12.895  4.808   1.00 23.26  ? 97  TRP A NE1 1 
ATOM   796  C CE2 . TRP A 1 100 ? 1.007   12.318  4.649   1.00 23.48  ? 97  TRP A CE2 1 
ATOM   797  C CE3 . TRP A 1 100 ? 0.038   10.504  3.388   1.00 22.57  ? 97  TRP A CE3 1 
ATOM   798  C CZ2 . TRP A 1 100 ? -0.222  12.660  5.208   1.00 23.71  ? 97  TRP A CZ2 1 
ATOM   799  C CZ3 . TRP A 1 100 ? -1.186  10.838  3.949   1.00 23.75  ? 97  TRP A CZ3 1 
ATOM   800  C CH2 . TRP A 1 100 ? -1.309  11.903  4.851   1.00 23.96  ? 97  TRP A CH2 1 
ATOM   801  N N   . VAL A 1 101 ? 1.033   9.788   0.364   1.00 26.10  ? 98  VAL A N   1 
ATOM   802  C CA  . VAL A 1 101 ? -0.401  9.811   0.136   1.00 26.42  ? 98  VAL A CA  1 
ATOM   803  C C   . VAL A 1 101 ? -0.993  8.621   0.894   1.00 26.50  ? 98  VAL A C   1 
ATOM   804  O O   . VAL A 1 101 ? -0.328  7.627   1.126   1.00 26.55  ? 98  VAL A O   1 
ATOM   805  C CB  . VAL A 1 101 ? -0.773  9.701   -1.340  1.00 26.23  ? 98  VAL A CB  1 
ATOM   806  C CG1 . VAL A 1 101 ? -0.454  10.960  -2.062  1.00 25.22  ? 98  VAL A CG1 1 
ATOM   807  C CG2 . VAL A 1 101 ? -0.080  8.530   -1.972  1.00 27.52  ? 98  VAL A CG2 1 
ATOM   808  N N   . GLY A 1 102 ? -2.243  8.740   1.294   1.00 27.45  ? 99  GLY A N   1 
ATOM   809  C CA  . GLY A 1 102 ? -2.886  7.700   2.055   1.00 28.21  ? 99  GLY A CA  1 
ATOM   810  C C   . GLY A 1 102 ? -4.349  7.616   1.716   1.00 28.39  ? 99  GLY A C   1 
ATOM   811  O O   . GLY A 1 102 ? -4.972  8.610   1.370   1.00 29.07  ? 99  GLY A O   1 
ATOM   812  N N   . GLU A 1 103 ? -4.898  6.420   1.820   1.00 28.69  ? 100 GLU A N   1 
ATOM   813  C CA  . GLU A 1 103 ? -6.314  6.196   1.527   1.00 28.65  ? 100 GLU A CA  1 
ATOM   814  C C   . GLU A 1 103 ? -6.887  5.081   2.377   1.00 28.22  ? 100 GLU A C   1 
ATOM   815  O O   . GLU A 1 103 ? -6.203  4.133   2.747   1.00 27.95  ? 100 GLU A O   1 
ATOM   816  C CB  . GLU A 1 103 ? -6.500  5.770   0.072   1.00 28.74  ? 100 GLU A CB  1 
ATOM   817  C CG  . GLU A 1 103 ? -6.196  6.830   -0.953  1.00 29.56  ? 100 GLU A CG  1 
ATOM   818  C CD  . GLU A 1 103 ? -7.305  7.833   -1.058  1.00 32.32  ? 100 GLU A CD  1 
ATOM   819  O OE1 . GLU A 1 103 ? -8.396  7.582   -0.479  1.00 33.97  ? 100 GLU A OE1 1 
ATOM   820  O OE2 . GLU A 1 103 ? -7.089  8.868   -1.719  1.00 34.57  ? 100 GLU A OE2 1 
ATOM   821  N N   . ARG A 1 104 ? -8.169  5.171   2.648   1.00 28.39  ? 101 ARG A N   1 
ATOM   822  C CA  . ARG A 1 104 ? -8.826  4.100   3.357   1.00 28.66  ? 101 ARG A CA  1 
ATOM   823  C C   . ARG A 1 104 ? -9.256  3.059   2.347   1.00 28.43  ? 101 ARG A C   1 
ATOM   824  O O   . ARG A 1 104 ? -9.942  3.395   1.378   1.00 28.87  ? 101 ARG A O   1 
ATOM   825  C CB  . ARG A 1 104 ? -10.044 4.613   4.068   1.00 28.52  ? 101 ARG A CB  1 
ATOM   826  C CG  . ARG A 1 104 ? -9.736  5.605   5.157   1.00 30.39  ? 101 ARG A CG  1 
ATOM   827  C CD  . ARG A 1 104 ? -11.000 6.237   5.679   1.00 31.35  ? 101 ARG A CD  1 
ATOM   828  N NE  . ARG A 1 104 ? -10.785 7.116   6.814   1.00 34.37  ? 101 ARG A NE  1 
ATOM   829  C CZ  . ARG A 1 104 ? -11.218 6.857   8.037   1.00 35.22  ? 101 ARG A CZ  1 
ATOM   830  N NH1 . ARG A 1 104 ? -11.860 5.719   8.282   1.00 35.89  ? 101 ARG A NH1 1 
ATOM   831  N NH2 . ARG A 1 104 ? -11.007 7.727   9.011   1.00 34.31  ? 101 ARG A NH2 1 
ATOM   832  N N   . LEU A 1 105 ? -8.823  1.822   2.549   1.00 27.48  ? 102 LEU A N   1 
ATOM   833  C CA  . LEU A 1 105 ? -9.293  0.701   1.733   1.00 27.76  ? 102 LEU A CA  1 
ATOM   834  C C   . LEU A 1 105 ? -10.038 -0.255  2.638   1.00 27.51  ? 102 LEU A C   1 
ATOM   835  O O   . LEU A 1 105 ? -9.595  -0.541  3.744   1.00 27.51  ? 102 LEU A O   1 
ATOM   836  C CB  . LEU A 1 105 ? -8.144  -0.042  1.084   1.00 27.62  ? 102 LEU A CB  1 
ATOM   837  C CG  . LEU A 1 105 ? -7.039  0.924   0.640   1.00 28.33  ? 102 LEU A CG  1 
ATOM   838  C CD1 . LEU A 1 105 ? -5.872  0.192   0.031   1.00 27.82  ? 102 LEU A CD1 1 
ATOM   839  C CD2 . LEU A 1 105 ? -7.594  1.965   -0.321  1.00 28.96  ? 102 LEU A CD2 1 
ATOM   840  N N   . SER A 1 106 ? -11.170 -0.753  2.172   1.00 27.33  ? 103 SER A N   1 
ATOM   841  C CA  . SER A 1 106 ? -11.955 -1.653  2.993   1.00 27.31  ? 103 SER A CA  1 
ATOM   842  C C   . SER A 1 106 ? -12.647 -2.696  2.141   1.00 27.72  ? 103 SER A C   1 
ATOM   843  O O   . SER A 1 106 ? -12.683 -2.609  0.917   1.00 28.14  ? 103 SER A O   1 
ATOM   844  C CB  . SER A 1 106 ? -12.979 -0.860  3.794   1.00 27.53  ? 103 SER A CB  1 
ATOM   845  O OG  . SER A 1 106 ? -13.795 -0.066  2.948   1.00 27.27  ? 103 SER A OG  1 
ATOM   846  N N   . ALA A 1 107 ? -13.187 -3.705  2.804   1.00 28.13  ? 104 ALA A N   1 
ATOM   847  C CA  . ALA A 1 107 ? -13.924 -4.752  2.129   1.00 27.77  ? 104 ALA A CA  1 
ATOM   848  C C   . ALA A 1 107 ? -15.190 -4.144  1.527   1.00 28.08  ? 104 ALA A C   1 
ATOM   849  O O   . ALA A 1 107 ? -15.630 -4.536  0.469   1.00 28.09  ? 104 ALA A O   1 
ATOM   850  C CB  . ALA A 1 107 ? -14.269 -5.827  3.102   1.00 27.29  ? 104 ALA A CB  1 
ATOM   851  N N   . GLU A 1 108 ? -15.781 -3.180  2.221   1.00 28.69  ? 105 GLU A N   1 
ATOM   852  C CA  . GLU A 1 108 ? -16.982 -2.505  1.730   1.00 29.07  ? 105 GLU A CA  1 
ATOM   853  C C   . GLU A 1 108 ? -16.703 -1.625  0.495   1.00 28.05  ? 105 GLU A C   1 
ATOM   854  O O   . GLU A 1 108 ? -17.370 -1.772  -0.519  1.00 27.19  ? 105 GLU A O   1 
ATOM   855  C CB  . GLU A 1 108 ? -17.630 -1.656  2.855   1.00 29.98  ? 105 GLU A CB  1 
ATOM   856  C CG  . GLU A 1 108 ? -18.129 -2.482  4.056   1.00 33.50  ? 105 GLU A CG  1 
ATOM   857  C CD  . GLU A 1 108 ? -16.991 -3.073  4.918   1.00 37.59  ? 105 GLU A CD  1 
ATOM   858  O OE1 . GLU A 1 108 ? -15.933 -2.386  5.077   1.00 36.77  ? 105 GLU A OE1 1 
ATOM   859  O OE2 . GLU A 1 108 ? -17.155 -4.225  5.430   1.00 37.77  ? 105 GLU A OE2 1 
ATOM   860  N N   . ASN A 1 109 ? -15.723 -0.719  0.580   1.00 27.21  ? 106 ASN A N   1 
ATOM   861  C CA  . ASN A 1 109 ? -15.448 0.199   -0.534  1.00 26.59  ? 106 ASN A CA  1 
ATOM   862  C C   . ASN A 1 109 ? -14.663 -0.449  -1.673  1.00 26.55  ? 106 ASN A C   1 
ATOM   863  O O   . ASN A 1 109 ? -14.624 0.096   -2.781  1.00 25.71  ? 106 ASN A O   1 
ATOM   864  C CB  . ASN A 1 109 ? -14.791 1.507   -0.064  1.00 26.26  ? 106 ASN A CB  1 
ATOM   865  C CG  . ASN A 1 109 ? -13.314 1.376   0.252   1.00 25.66  ? 106 ASN A CG  1 
ATOM   866  O OD1 . ASN A 1 109 ? -12.655 0.353   -0.046  1.00 24.10  ? 106 ASN A OD1 1 
ATOM   867  N ND2 . ASN A 1 109 ? -12.777 2.423   0.882   1.00 18.70  ? 106 ASN A ND2 1 
ATOM   868  N N   . LYS A 1 110 ? -14.044 -1.601  -1.393  1.00 26.19  ? 107 LYS A N   1 
ATOM   869  C CA  . LYS A 1 110 ? -13.334 -2.371  -2.418  1.00 26.27  ? 107 LYS A CA  1 
ATOM   870  C C   . LYS A 1 110 ? -12.205 -1.649  -3.162  1.00 26.18  ? 107 LYS A C   1 
ATOM   871  O O   . LYS A 1 110 ? -11.809 -2.068  -4.239  1.00 25.73  ? 107 LYS A O   1 
ATOM   872  C CB  . LYS A 1 110 ? -14.341 -2.866  -3.429  1.00 26.20  ? 107 LYS A CB  1 
ATOM   873  C CG  . LYS A 1 110 ? -15.203 -4.001  -2.892  1.00 26.65  ? 107 LYS A CG  1 
ATOM   874  C CD  . LYS A 1 110 ? -16.596 -4.034  -3.489  1.00 26.42  ? 107 LYS A CD  1 
ATOM   875  C CE  . LYS A 1 110 ? -17.537 -4.850  -2.613  1.00 27.45  ? 107 LYS A CE  1 
ATOM   876  N NZ  . LYS A 1 110 ? -18.523 -3.976  -1.907  1.00 28.67  ? 107 LYS A NZ  1 
ATOM   877  N N   . ARG A 1 111 ? -11.694 -0.573  -2.591  1.00 26.64  ? 108 ARG A N   1 
ATOM   878  C CA  . ARG A 1 111 ? -10.635 0.191   -3.226  1.00 27.54  ? 108 ARG A CA  1 
ATOM   879  C C   . ARG A 1 111 ? -9.252  -0.466  -3.103  1.00 27.92  ? 108 ARG A C   1 
ATOM   880  O O   . ARG A 1 111 ? -8.952  -1.204  -2.178  1.00 27.76  ? 108 ARG A O   1 
ATOM   881  C CB  . ARG A 1 111 ? -10.586 1.592   -2.636  1.00 27.46  ? 108 ARG A CB  1 
ATOM   882  C CG  . ARG A 1 111 ? -11.712 2.453   -3.097  1.00 28.38  ? 108 ARG A CG  1 
ATOM   883  C CD  . ARG A 1 111 ? -11.847 3.739   -2.352  1.00 28.92  ? 108 ARG A CD  1 
ATOM   884  N NE  . ARG A 1 111 ? -13.103 4.426   -2.604  1.00 29.08  ? 108 ARG A NE  1 
ATOM   885  C CZ  . ARG A 1 111 ? -13.380 5.592   -2.049  1.00 29.75  ? 108 ARG A CZ  1 
ATOM   886  N NH1 . ARG A 1 111 ? -12.474 6.134   -1.245  1.00 29.50  ? 108 ARG A NH1 1 
ATOM   887  N NH2 . ARG A 1 111 ? -14.532 6.214   -2.280  1.00 27.95  ? 108 ARG A NH2 1 
ATOM   888  N N   . GLN A 1 112 ? -8.400  -0.166  -4.057  1.00 28.56  ? 109 GLN A N   1 
ATOM   889  C CA  . GLN A 1 112 ? -7.064  -0.704  -4.044  1.00 28.94  ? 109 GLN A CA  1 
ATOM   890  C C   . GLN A 1 112 ? -6.060  0.370   -4.398  1.00 28.68  ? 109 GLN A C   1 
ATOM   891  O O   . GLN A 1 112 ? -6.405  1.372   -5.042  1.00 28.32  ? 109 GLN A O   1 
ATOM   892  C CB  . GLN A 1 112 ? -6.962  -1.777  -5.094  1.00 29.24  ? 109 GLN A CB  1 
ATOM   893  C CG  . GLN A 1 112 ? -8.239  -2.514  -5.359  1.00 29.75  ? 109 GLN A CG  1 
ATOM   894  C CD  . GLN A 1 112 ? -8.028  -3.606  -6.381  1.00 27.91  ? 109 GLN A CD  1 
ATOM   895  O OE1 . GLN A 1 112 ? -6.991  -3.638  -7.034  1.00 29.48  ? 109 GLN A OE1 1 
ATOM   896  N NE2 . GLN A 1 112 ? -8.979  -4.509  -6.498  1.00 24.86  ? 109 GLN A NE2 1 
ATOM   897  N N   . MET A 1 113 ? -4.818  0.143   -3.997  1.00 28.48  ? 110 MET A N   1 
ATOM   898  C CA  . MET A 1 113 ? -3.735  1.027   -4.385  1.00 29.03  ? 110 MET A CA  1 
ATOM   899  C C   . MET A 1 113 ? -2.587  0.280   -5.045  1.00 28.76  ? 110 MET A C   1 
ATOM   900  O O   . MET A 1 113 ? -2.192  -0.811  -4.611  1.00 28.42  ? 110 MET A O   1 
ATOM   901  C CB  . MET A 1 113 ? -3.208  1.786   -3.188  1.00 29.45  ? 110 MET A CB  1 
ATOM   902  C CG  . MET A 1 113 ? -3.806  3.165   -3.047  1.00 31.51  ? 110 MET A CG  1 
ATOM   903  S SD  . MET A 1 113 ? -3.530  3.770   -1.382  1.00 37.72  ? 110 MET A SD  1 
ATOM   904  C CE  . MET A 1 113 ? -1.812  4.216   -1.410  1.00 35.87  ? 110 MET A CE  1 
ATOM   905  N N   . TRP A 1 114 ? -2.079  0.865   -6.117  1.00 28.16  ? 111 TRP A N   1 
ATOM   906  C CA  . TRP A 1 114 ? -0.850  0.390   -6.733  1.00 27.92  ? 111 TRP A CA  1 
ATOM   907  C C   . TRP A 1 114 ? 0.254   1.278   -6.206  1.00 28.03  ? 111 TRP A C   1 
ATOM   908  O O   . TRP A 1 114 ? 0.175   2.496   -6.291  1.00 28.00  ? 111 TRP A O   1 
ATOM   909  C CB  . TRP A 1 114 ? -0.929  0.500   -8.255  1.00 27.81  ? 111 TRP A CB  1 
ATOM   910  C CG  . TRP A 1 114 ? 0.361   0.440   -9.012  1.00 26.91  ? 111 TRP A CG  1 
ATOM   911  C CD1 . TRP A 1 114 ? 0.880   1.428   -9.776  1.00 27.22  ? 111 TRP A CD1 1 
ATOM   912  C CD2 . TRP A 1 114 ? 1.272   -0.665  -9.123  1.00 25.41  ? 111 TRP A CD2 1 
ATOM   913  N NE1 . TRP A 1 114 ? 2.065   1.028   -10.342 1.00 27.13  ? 111 TRP A NE1 1 
ATOM   914  C CE2 . TRP A 1 114 ? 2.323   -0.259  -9.966  1.00 26.51  ? 111 TRP A CE2 1 
ATOM   915  C CE3 . TRP A 1 114 ? 1.316   -1.945  -8.578  1.00 25.70  ? 111 TRP A CE3 1 
ATOM   916  C CZ2 . TRP A 1 114 ? 3.391   -1.093  -10.298 1.00 26.95  ? 111 TRP A CZ2 1 
ATOM   917  C CZ3 . TRP A 1 114 ? 2.364   -2.785  -8.920  1.00 26.80  ? 111 TRP A CZ3 1 
ATOM   918  C CH2 . TRP A 1 114 ? 3.400   -2.351  -9.758  1.00 27.10  ? 111 TRP A CH2 1 
ATOM   919  N N   . ILE A 1 115 ? 1.267   0.654   -5.632  1.00 28.48  ? 112 ILE A N   1 
ATOM   920  C CA  . ILE A 1 115 ? 2.396   1.352   -5.068  1.00 28.52  ? 112 ILE A CA  1 
ATOM   921  C C   . ILE A 1 115 ? 3.650   0.801   -5.701  1.00 28.33  ? 112 ILE A C   1 
ATOM   922  O O   . ILE A 1 115 ? 4.127   -0.246  -5.305  1.00 28.79  ? 112 ILE A O   1 
ATOM   923  C CB  . ILE A 1 115 ? 2.445   1.066   -3.598  1.00 28.45  ? 112 ILE A CB  1 
ATOM   924  C CG1 . ILE A 1 115 ? 1.278   1.730   -2.915  1.00 29.86  ? 112 ILE A CG1 1 
ATOM   925  C CG2 . ILE A 1 115 ? 3.753   1.570   -3.014  1.00 29.68  ? 112 ILE A CG2 1 
ATOM   926  C CD1 . ILE A 1 115 ? 0.977   1.115   -1.587  1.00 31.90  ? 112 ILE A CD1 1 
ATOM   927  N N   . PRO A 1 116 ? 4.164   1.498   -6.695  1.00 28.34  ? 113 PRO A N   1 
ATOM   928  C CA  . PRO A 1 116 ? 5.325   1.054   -7.474  1.00 27.92  ? 113 PRO A CA  1 
ATOM   929  C C   . PRO A 1 116 ? 6.601   0.869   -6.710  1.00 27.31  ? 113 PRO A C   1 
ATOM   930  O O   . PRO A 1 116 ? 6.731   1.329   -5.604  1.00 26.70  ? 113 PRO A O   1 
ATOM   931  C CB  . PRO A 1 116 ? 5.559   2.215   -8.441  1.00 27.64  ? 113 PRO A CB  1 
ATOM   932  C CG  . PRO A 1 116 ? 4.311   2.940   -8.491  1.00 28.82  ? 113 PRO A CG  1 
ATOM   933  C CD  . PRO A 1 116 ? 3.620   2.773   -7.192  1.00 28.88  ? 113 PRO A CD  1 
ATOM   934  N N   . ALA A 1 117 ? 7.535   0.183   -7.353  1.00 27.14  ? 114 ALA A N   1 
ATOM   935  C CA  . ALA A 1 117 ? 8.882   0.073   -6.867  1.00 27.41  ? 114 ALA A CA  1 
ATOM   936  C C   . ALA A 1 117 ? 9.358   1.500   -6.602  1.00 27.24  ? 114 ALA A C   1 
ATOM   937  O O   . ALA A 1 117 ? 9.041   2.409   -7.370  1.00 27.28  ? 114 ALA A O   1 
ATOM   938  C CB  . ALA A 1 117 ? 9.764   -0.585  -7.920  1.00 27.02  ? 114 ALA A CB  1 
ATOM   939  N N   . GLY A 1 118 ? 10.106  1.684   -5.525  1.00 26.93  ? 115 GLY A N   1 
ATOM   940  C CA  . GLY A 1 118 ? 10.609  2.990   -5.168  1.00 27.73  ? 115 GLY A CA  1 
ATOM   941  C C   . GLY A 1 118 ? 9.856   3.686   -4.047  1.00 28.03  ? 115 GLY A C   1 
ATOM   942  O O   . GLY A 1 118 ? 10.211  4.794   -3.658  1.00 28.90  ? 115 GLY A O   1 
ATOM   943  N N   . PHE A 1 119 ? 8.810   3.059   -3.523  1.00 28.07  ? 116 PHE A N   1 
ATOM   944  C CA  . PHE A 1 119 ? 8.031   3.683   -2.467  1.00 27.78  ? 116 PHE A CA  1 
ATOM   945  C C   . PHE A 1 119 ? 8.124   2.861   -1.192  1.00 28.24  ? 116 PHE A C   1 
ATOM   946  O O   . PHE A 1 119 ? 8.427   1.692   -1.246  1.00 29.40  ? 116 PHE A O   1 
ATOM   947  C CB  . PHE A 1 119 ? 6.563   3.725   -2.855  1.00 27.31  ? 116 PHE A CB  1 
ATOM   948  C CG  . PHE A 1 119 ? 6.186   4.835   -3.753  1.00 25.40  ? 116 PHE A CG  1 
ATOM   949  C CD1 . PHE A 1 119 ? 5.435   5.899   -3.276  1.00 26.08  ? 116 PHE A CD1 1 
ATOM   950  C CD2 . PHE A 1 119 ? 6.494   4.793   -5.085  1.00 25.30  ? 116 PHE A CD2 1 
ATOM   951  C CE1 . PHE A 1 119 ? 5.037   6.941   -4.117  1.00 24.51  ? 116 PHE A CE1 1 
ATOM   952  C CE2 . PHE A 1 119 ? 6.096   5.824   -5.937  1.00 25.99  ? 116 PHE A CE2 1 
ATOM   953  C CZ  . PHE A 1 119 ? 5.364   6.891   -5.448  1.00 25.47  ? 116 PHE A CZ  1 
ATOM   954  N N   . ALA A 1 120 ? 7.855   3.464   -0.049  1.00 28.48  ? 117 ALA A N   1 
ATOM   955  C CA  . ALA A 1 120 ? 7.739   2.701   1.181   1.00 29.01  ? 117 ALA A CA  1 
ATOM   956  C C   . ALA A 1 120 ? 6.243   2.542   1.461   1.00 29.03  ? 117 ALA A C   1 
ATOM   957  O O   . ALA A 1 120 ? 5.439   3.403   1.101   1.00 28.84  ? 117 ALA A O   1 
ATOM   958  C CB  . ALA A 1 120 ? 8.415   3.417   2.300   1.00 29.32  ? 117 ALA A CB  1 
ATOM   959  N N   . HIS A 1 121 ? 5.863   1.447   2.100   1.00 29.42  ? 118 HIS A N   1 
ATOM   960  C CA  . HIS A 1 121 ? 4.443   1.138   2.293   1.00 28.78  ? 118 HIS A CA  1 
ATOM   961  C C   . HIS A 1 121 ? 4.053   0.813   3.734   1.00 29.28  ? 118 HIS A C   1 
ATOM   962  O O   . HIS A 1 121 ? 4.824   0.224   4.514   1.00 28.28  ? 118 HIS A O   1 
ATOM   963  C CB  . HIS A 1 121 ? 4.049   -0.043  1.420   1.00 28.41  ? 118 HIS A CB  1 
ATOM   964  C CG  . HIS A 1 121 ? 2.715   -0.624  1.770   1.00 27.12  ? 118 HIS A CG  1 
ATOM   965  N ND1 . HIS A 1 121 ? 2.583   -1.810  2.441   1.00 25.38  ? 118 HIS A ND1 1 
ATOM   966  C CD2 . HIS A 1 121 ? 1.458   -0.181  1.549   1.00 26.68  ? 118 HIS A CD2 1 
ATOM   967  C CE1 . HIS A 1 121 ? 1.302   -2.088  2.601   1.00 25.38  ? 118 HIS A CE1 1 
ATOM   968  N NE2 . HIS A 1 121 ? 0.597   -1.106  2.086   1.00 24.38  ? 118 HIS A NE2 1 
ATOM   969  N N   . GLY A 1 122 ? 2.833   1.201   4.079   1.00 29.16  ? 119 GLY A N   1 
ATOM   970  C CA  . GLY A 1 122 ? 2.351   0.946   5.414   1.00 29.00  ? 119 GLY A CA  1 
ATOM   971  C C   . GLY A 1 122 ? 0.855   1.062   5.553   1.00 28.46  ? 119 GLY A C   1 
ATOM   972  O O   . GLY A 1 122 ? 0.167   1.682   4.744   1.00 28.33  ? 119 GLY A O   1 
ATOM   973  N N   . PHE A 1 123 ? 0.339   0.450   6.602   1.00 27.49  ? 120 PHE A N   1 
ATOM   974  C CA  . PHE A 1 123 ? -1.064  0.567   6.869   1.00 26.72  ? 120 PHE A CA  1 
ATOM   975  C C   . PHE A 1 123 ? -1.331  0.354   8.332   1.00 26.97  ? 120 PHE A C   1 
ATOM   976  O O   . PHE A 1 123 ? -0.556  -0.327  9.028   1.00 26.36  ? 120 PHE A O   1 
ATOM   977  C CB  . PHE A 1 123 ? -1.871  -0.398  6.000   1.00 26.68  ? 120 PHE A CB  1 
ATOM   978  C CG  . PHE A 1 123 ? -1.725  -1.855  6.358   1.00 25.55  ? 120 PHE A CG  1 
ATOM   979  C CD1 . PHE A 1 123 ? -2.576  -2.439  7.277   1.00 25.94  ? 120 PHE A CD1 1 
ATOM   980  C CD2 . PHE A 1 123 ? -0.761  -2.657  5.728   1.00 25.12  ? 120 PHE A CD2 1 
ATOM   981  C CE1 . PHE A 1 123 ? -2.471  -3.807  7.589   1.00 26.78  ? 120 PHE A CE1 1 
ATOM   982  C CE2 . PHE A 1 123 ? -0.633  -4.014  6.044   1.00 25.20  ? 120 PHE A CE2 1 
ATOM   983  C CZ  . PHE A 1 123 ? -1.504  -4.594  6.975   1.00 26.24  ? 120 PHE A CZ  1 
ATOM   984  N N   . VAL A 1 124 ? -2.409  0.985   8.796   1.00 26.86  ? 121 VAL A N   1 
ATOM   985  C CA  . VAL A 1 124 ? -2.906  0.770   10.146  1.00 26.68  ? 121 VAL A CA  1 
ATOM   986  C C   . VAL A 1 124 ? -4.344  0.258   10.083  1.00 26.83  ? 121 VAL A C   1 
ATOM   987  O O   . VAL A 1 124 ? -5.159  0.704   9.281   1.00 26.49  ? 121 VAL A O   1 
ATOM   988  C CB  . VAL A 1 124 ? -2.888  2.039   11.001  1.00 26.92  ? 121 VAL A CB  1 
ATOM   989  C CG1 . VAL A 1 124 ? -3.765  3.126   10.394  1.00 26.16  ? 121 VAL A CG1 1 
ATOM   990  C CG2 . VAL A 1 124 ? -3.330  1.704   12.422  1.00 25.69  ? 121 VAL A CG2 1 
ATOM   991  N N   . VAL A 1 125 ? -4.661  -0.667  10.965  1.00 26.88  ? 122 VAL A N   1 
ATOM   992  C CA  . VAL A 1 125 ? -5.987  -1.240  10.972  1.00 26.83  ? 122 VAL A CA  1 
ATOM   993  C C   . VAL A 1 125 ? -6.926  -0.387  11.785  1.00 26.52  ? 122 VAL A C   1 
ATOM   994  O O   . VAL A 1 125 ? -6.610  -0.051  12.913  1.00 26.31  ? 122 VAL A O   1 
ATOM   995  C CB  . VAL A 1 125 ? -5.942  -2.629  11.563  1.00 26.88  ? 122 VAL A CB  1 
ATOM   996  C CG1 . VAL A 1 125 ? -7.315  -3.189  11.676  1.00 26.17  ? 122 VAL A CG1 1 
ATOM   997  C CG2 . VAL A 1 125 ? -5.065  -3.517  10.707  1.00 27.09  ? 122 VAL A CG2 1 
ATOM   998  N N   . LEU A 1 126 ? -8.083  -0.069  11.215  1.00 26.62  ? 123 LEU A N   1 
ATOM   999  C CA  . LEU A 1 126 ? -9.081  0.761   11.883  1.00 26.88  ? 123 LEU A CA  1 
ATOM   1000 C C   . LEU A 1 126 ? -10.290 -0.024  12.383  1.00 27.41  ? 123 LEU A C   1 
ATOM   1001 O O   . LEU A 1 126 ? -10.993 0.444   13.255  1.00 27.81  ? 123 LEU A O   1 
ATOM   1002 C CB  . LEU A 1 126 ? -9.609  1.829   10.929  1.00 26.73  ? 123 LEU A CB  1 
ATOM   1003 C CG  . LEU A 1 126 ? -8.581  2.630   10.145  1.00 26.03  ? 123 LEU A CG  1 
ATOM   1004 C CD1 . LEU A 1 126 ? -9.306  3.670   9.307   1.00 25.70  ? 123 LEU A CD1 1 
ATOM   1005 C CD2 . LEU A 1 126 ? -7.579  3.288   11.073  1.00 25.62  ? 123 LEU A CD2 1 
ATOM   1006 N N   . SER A 1 127 ? -10.554 -1.190  11.814  1.00 28.08  ? 124 SER A N   1 
ATOM   1007 C CA  . SER A 1 127 ? -11.715 -1.978  12.187  1.00 28.28  ? 124 SER A CA  1 
ATOM   1008 C C   . SER A 1 127 ? -11.288 -3.008  13.211  1.00 29.13  ? 124 SER A C   1 
ATOM   1009 O O   . SER A 1 127 ? -10.096 -3.160  13.467  1.00 29.08  ? 124 SER A O   1 
ATOM   1010 C CB  . SER A 1 127 ? -12.296 -2.673  10.958  1.00 28.42  ? 124 SER A CB  1 
ATOM   1011 O OG  . SER A 1 127 ? -11.390 -3.591  10.378  1.00 27.38  ? 124 SER A OG  1 
ATOM   1012 N N   . GLU A 1 128 ? -12.249 -3.715  13.795  1.00 30.03  ? 125 GLU A N   1 
ATOM   1013 C CA  . GLU A 1 128 ? -11.954 -4.733  14.806  1.00 31.01  ? 125 GLU A CA  1 
ATOM   1014 C C   . GLU A 1 128 ? -10.822 -5.645  14.335  1.00 31.27  ? 125 GLU A C   1 
ATOM   1015 O O   . GLU A 1 128 ? -9.930  -6.011  15.104  1.00 31.87  ? 125 GLU A O   1 
ATOM   1016 C CB  . GLU A 1 128 ? -13.188 -5.594  15.102  1.00 30.96  ? 125 GLU A CB  1 
ATOM   1017 C CG  . GLU A 1 128 ? -13.091 -6.301  16.451  1.00 32.86  ? 125 GLU A CG  1 
ATOM   1018 C CD  . GLU A 1 128 ? -14.030 -7.495  16.621  1.00 35.38  ? 125 GLU A CD  1 
ATOM   1019 O OE1 . GLU A 1 128 ? -14.714 -7.924  15.655  1.00 36.10  ? 125 GLU A OE1 1 
ATOM   1020 O OE2 . GLU A 1 128 ? -14.054 -8.021  17.746  1.00 35.38  ? 125 GLU A OE2 1 
ATOM   1021 N N   . TYR A 1 129 ? -10.888 -6.016  13.066  1.00 31.19  ? 126 TYR A N   1 
ATOM   1022 C CA  . TYR A 1 129 ? -9.908  -6.901  12.459  1.00 31.53  ? 126 TYR A CA  1 
ATOM   1023 C C   . TYR A 1 129 ? -9.828  -6.565  10.985  1.00 31.05  ? 126 TYR A C   1 
ATOM   1024 O O   . TYR A 1 129 ? -10.828 -6.140  10.398  1.00 31.01  ? 126 TYR A O   1 
ATOM   1025 C CB  . TYR A 1 129 ? -10.346 -8.356  12.597  1.00 31.51  ? 126 TYR A CB  1 
ATOM   1026 C CG  . TYR A 1 129 ? -9.951  -9.004  13.905  1.00 33.97  ? 126 TYR A CG  1 
ATOM   1027 C CD1 . TYR A 1 129 ? -10.906 -9.472  14.776  1.00 35.08  ? 126 TYR A CD1 1 
ATOM   1028 C CD2 . TYR A 1 129 ? -8.617  -9.148  14.271  1.00 35.30  ? 126 TYR A CD2 1 
ATOM   1029 C CE1 . TYR A 1 129 ? -10.555 -10.067 15.965  1.00 35.33  ? 126 TYR A CE1 1 
ATOM   1030 C CE2 . TYR A 1 129 ? -8.261  -9.746  15.464  1.00 35.49  ? 126 TYR A CE2 1 
ATOM   1031 C CZ  . TYR A 1 129 ? -9.238  -10.205 16.307  1.00 36.35  ? 126 TYR A CZ  1 
ATOM   1032 O OH  . TYR A 1 129 ? -8.905  -10.805 17.521  1.00 38.63  ? 126 TYR A OH  1 
ATOM   1033 N N   . ALA A 1 130 ? -8.665  -6.752  10.371  1.00 30.35  ? 127 ALA A N   1 
ATOM   1034 C CA  . ALA A 1 130 ? -8.563  -6.501  8.935   1.00 29.93  ? 127 ALA A CA  1 
ATOM   1035 C C   . ALA A 1 130 ? -7.808  -7.604  8.235   1.00 29.59  ? 127 ALA A C   1 
ATOM   1036 O O   . ALA A 1 130 ? -6.825  -8.127  8.744   1.00 28.81  ? 127 ALA A O   1 
ATOM   1037 C CB  . ALA A 1 130 ? -7.905  -5.176  8.679   1.00 30.08  ? 127 ALA A CB  1 
ATOM   1038 N N   . GLU A 1 131 ? -8.283  -7.961  7.046   1.00 29.78  ? 128 GLU A N   1 
ATOM   1039 C CA  . GLU A 1 131 ? -7.592  -8.939  6.228   1.00 28.95  ? 128 GLU A CA  1 
ATOM   1040 C C   . GLU A 1 131 ? -7.108  -8.162  5.014   1.00 29.22  ? 128 GLU A C   1 
ATOM   1041 O O   . GLU A 1 131 ? -7.890  -7.459  4.348   1.00 28.99  ? 128 GLU A O   1 
ATOM   1042 C CB  . GLU A 1 131 ? -8.454  -10.160 5.942   1.00 28.60  ? 128 GLU A CB  1 
ATOM   1043 C CG  . GLU A 1 131 ? -8.422  -11.120 7.125   1.00 28.16  ? 128 GLU A CG  1 
ATOM   1044 C CD  . GLU A 1 131 ? -9.024  -12.498 6.901   1.00 27.83  ? 128 GLU A CD  1 
ATOM   1045 O OE1 . GLU A 1 131 ? -9.101  -13.004 5.776   1.00 29.55  ? 128 GLU A OE1 1 
ATOM   1046 O OE2 . GLU A 1 131 ? -9.390  -13.119 7.899   1.00 27.61  ? 128 GLU A OE2 1 
ATOM   1047 N N   . PHE A 1 132 ? -5.797  -8.251  4.798   1.00 29.06  ? 129 PHE A N   1 
ATOM   1048 C CA  . PHE A 1 132 ? -5.079  -7.490  3.810   1.00 29.42  ? 129 PHE A CA  1 
ATOM   1049 C C   . PHE A 1 132 ? -4.417  -8.456  2.833   1.00 30.18  ? 129 PHE A C   1 
ATOM   1050 O O   . PHE A 1 132 ? -3.848  -9.477  3.227   1.00 29.68  ? 129 PHE A O   1 
ATOM   1051 C CB  . PHE A 1 132 ? -4.058  -6.632  4.565   1.00 29.44  ? 129 PHE A CB  1 
ATOM   1052 C CG  . PHE A 1 132 ? -3.469  -5.478  3.773   1.00 30.21  ? 129 PHE A CG  1 
ATOM   1053 C CD1 . PHE A 1 132 ? -4.217  -4.392  3.412   1.00 31.77  ? 129 PHE A CD1 1 
ATOM   1054 C CD2 . PHE A 1 132 ? -2.144  -5.487  3.412   1.00 31.59  ? 129 PHE A CD2 1 
ATOM   1055 C CE1 . PHE A 1 132 ? -3.639  -3.331  2.685   1.00 31.27  ? 129 PHE A CE1 1 
ATOM   1056 C CE2 . PHE A 1 132 ? -1.593  -4.438  2.688   1.00 32.18  ? 129 PHE A CE2 1 
ATOM   1057 C CZ  . PHE A 1 132 ? -2.346  -3.359  2.345   1.00 29.61  ? 129 PHE A CZ  1 
ATOM   1058 N N   . LEU A 1 133 ? -4.567  -8.191  1.544   1.00 31.43  ? 130 LEU A N   1 
ATOM   1059 C CA  . LEU A 1 133 ? -3.896  -9.002  0.536   1.00 32.36  ? 130 LEU A CA  1 
ATOM   1060 C C   . LEU A 1 133 ? -3.258  -8.119  -0.527  1.00 31.52  ? 130 LEU A C   1 
ATOM   1061 O O   . LEU A 1 133 ? -3.764  -7.058  -0.859  1.00 31.54  ? 130 LEU A O   1 
ATOM   1062 C CB  . LEU A 1 133 ? -4.811  -10.089 -0.047  1.00 33.83  ? 130 LEU A CB  1 
ATOM   1063 C CG  . LEU A 1 133 ? -5.888  -10.026 -1.102  1.00 37.41  ? 130 LEU A CG  1 
ATOM   1064 C CD1 . LEU A 1 133 ? -5.654  -11.124 -2.146  1.00 40.53  ? 130 LEU A CD1 1 
ATOM   1065 C CD2 . LEU A 1 133 ? -7.190  -10.354 -0.437  1.00 40.38  ? 130 LEU A CD2 1 
ATOM   1066 N N   . TYR A 1 134 ? -2.075  -8.480  -0.986  1.00 31.04  ? 131 TYR A N   1 
ATOM   1067 C CA  . TYR A 1 134 ? -1.464  -7.708  -2.052  1.00 30.63  ? 131 TYR A CA  1 
ATOM   1068 C C   . TYR A 1 134 ? -0.735  -8.606  -3.015  1.00 30.86  ? 131 TYR A C   1 
ATOM   1069 O O   . TYR A 1 134 ? -0.416  -9.767  -2.703  1.00 31.21  ? 131 TYR A O   1 
ATOM   1070 C CB  . TYR A 1 134 ? -0.529  -6.621  -1.535  1.00 31.18  ? 131 TYR A CB  1 
ATOM   1071 C CG  . TYR A 1 134 ? 0.585   -7.123  -0.694  1.00 30.75  ? 131 TYR A CG  1 
ATOM   1072 C CD1 . TYR A 1 134 ? 1.836   -7.335  -1.226  1.00 32.97  ? 131 TYR A CD1 1 
ATOM   1073 C CD2 . TYR A 1 134 ? 0.400   -7.349  0.634   1.00 29.87  ? 131 TYR A CD2 1 
ATOM   1074 C CE1 . TYR A 1 134 ? 2.858   -7.792  -0.437  1.00 32.14  ? 131 TYR A CE1 1 
ATOM   1075 C CE2 . TYR A 1 134 ? 1.389   -7.804  1.395   1.00 30.67  ? 131 TYR A CE2 1 
ATOM   1076 C CZ  . TYR A 1 134 ? 2.604   -8.034  0.861   1.00 30.59  ? 131 TYR A CZ  1 
ATOM   1077 O OH  . TYR A 1 134 ? 3.578   -8.503  1.666   1.00 36.80  ? 131 TYR A OH  1 
ATOM   1078 N N   . LYS A 1 135 ? -0.506  -8.068  -4.212  1.00 29.78  ? 132 LYS A N   1 
ATOM   1079 C CA  . LYS A 1 135 ? 0.199   -8.768  -5.240  1.00 28.58  ? 132 LYS A CA  1 
ATOM   1080 C C   . LYS A 1 135 ? 1.509   -7.999  -5.436  1.00 28.65  ? 132 LYS A C   1 
ATOM   1081 O O   . LYS A 1 135 ? 1.502   -6.786  -5.534  1.00 28.76  ? 132 LYS A O   1 
ATOM   1082 C CB  . LYS A 1 135 ? -0.672  -8.767  -6.515  1.00 28.59  ? 132 LYS A CB  1 
ATOM   1083 C CG  . LYS A 1 135 ? -2.022  -9.529  -6.404  1.00 26.23  ? 132 LYS A CG  1 
ATOM   1084 C CD  . LYS A 1 135 ? -3.147  -9.010  -7.356  1.00 23.38  ? 132 LYS A CD  1 
ATOM   1085 C CE  . LYS A 1 135 ? -3.020  -9.501  -8.861  1.00 25.55  ? 132 LYS A CE  1 
ATOM   1086 N NZ  . LYS A 1 135 ? -2.563  -10.957 -9.117  1.00 25.89  ? 132 LYS A NZ  1 
ATOM   1087 N N   . THR A 1 136 ? 2.637   -8.677  -5.485  1.00 28.76  ? 133 THR A N   1 
ATOM   1088 C CA  . THR A 1 136 ? 3.907   -7.989  -5.704  1.00 29.12  ? 133 THR A CA  1 
ATOM   1089 C C   . THR A 1 136 ? 4.612   -8.498  -6.938  1.00 28.57  ? 133 THR A C   1 
ATOM   1090 O O   . THR A 1 136 ? 4.375   -9.617  -7.361  1.00 27.94  ? 133 THR A O   1 
ATOM   1091 C CB  . THR A 1 136 ? 4.841   -8.194  -4.528  1.00 29.11  ? 133 THR A CB  1 
ATOM   1092 O OG1 . THR A 1 136 ? 4.936   -9.592  -4.222  1.00 29.97  ? 133 THR A OG1 1 
ATOM   1093 C CG2 . THR A 1 136 ? 4.241   -7.689  -3.305  1.00 32.67  ? 133 THR A CG2 1 
ATOM   1094 N N   . THR A 1 137 ? 5.533   -7.691  -7.460  1.00 28.65  ? 134 THR A N   1 
ATOM   1095 C CA  . THR A 1 137 ? 6.260   -8.029  -8.680  1.00 29.05  ? 134 THR A CA  1 
ATOM   1096 C C   . THR A 1 137 ? 7.563   -8.733  -8.364  1.00 29.54  ? 134 THR A C   1 
ATOM   1097 O O   . THR A 1 137 ? 8.282   -9.161  -9.271  1.00 29.66  ? 134 THR A O   1 
ATOM   1098 C CB  . THR A 1 137 ? 6.527   -6.786  -9.509  1.00 28.84  ? 134 THR A CB  1 
ATOM   1099 O OG1 . THR A 1 137 ? 7.316   -5.871  -8.744  1.00 30.22  ? 134 THR A OG1 1 
ATOM   1100 C CG2 . THR A 1 137 ? 5.250   -5.991  -9.772  1.00 28.59  ? 134 THR A CG2 1 
ATOM   1101 N N   . ASP A 1 138 ? 7.875   -8.864  -7.081  1.00 29.92  ? 135 ASP A N   1 
ATOM   1102 C CA  . ASP A 1 138 ? 9.059   -9.615  -6.675  1.00 30.10  ? 135 ASP A CA  1 
ATOM   1103 C C   . ASP A 1 138 ? 8.809   -10.017 -5.207  1.00 30.49  ? 135 ASP A C   1 
ATOM   1104 O O   . ASP A 1 138 ? 8.027   -9.369  -4.516  1.00 29.55  ? 135 ASP A O   1 
ATOM   1105 C CB  . ASP A 1 138 ? 10.298  -8.754  -6.864  1.00 30.18  ? 135 ASP A CB  1 
ATOM   1106 C CG  . ASP A 1 138 ? 11.531  -9.542  -7.338  1.00 31.12  ? 135 ASP A CG  1 
ATOM   1107 O OD1 . ASP A 1 138 ? 12.497  -8.878  -7.799  1.00 32.10  ? 135 ASP A OD1 1 
ATOM   1108 O OD2 . ASP A 1 138 ? 11.653  -10.782 -7.290  1.00 30.96  ? 135 ASP A OD2 1 
ATOM   1109 N N   . PHE A 1 139 ? 9.507   -11.054 -4.734  1.00 31.23  ? 136 PHE A N   1 
ATOM   1110 C CA  . PHE A 1 139 ? 9.253   -11.690 -3.435  1.00 31.51  ? 136 PHE A CA  1 
ATOM   1111 C C   . PHE A 1 139 ? 9.756   -10.947 -2.204  1.00 32.33  ? 136 PHE A C   1 
ATOM   1112 O O   . PHE A 1 139 ? 10.841  -10.384 -2.201  1.00 32.01  ? 136 PHE A O   1 
ATOM   1113 C CB  . PHE A 1 139 ? 9.919   -13.085 -3.427  1.00 32.31  ? 136 PHE A CB  1 
ATOM   1114 C CG  . PHE A 1 139 ? 9.705   -13.882 -4.688  1.00 32.25  ? 136 PHE A CG  1 
ATOM   1115 C CD1 . PHE A 1 139 ? 10.500  -13.671 -5.788  1.00 33.77  ? 136 PHE A CD1 1 
ATOM   1116 C CD2 . PHE A 1 139 ? 8.678   -14.818 -4.773  1.00 32.42  ? 136 PHE A CD2 1 
ATOM   1117 C CE1 . PHE A 1 139 ? 10.296  -14.393 -6.961  1.00 34.48  ? 136 PHE A CE1 1 
ATOM   1118 C CE2 . PHE A 1 139 ? 8.457   -15.532 -5.930  1.00 33.41  ? 136 PHE A CE2 1 
ATOM   1119 C CZ  . PHE A 1 139 ? 9.276   -15.321 -7.030  1.00 35.23  ? 136 PHE A CZ  1 
ATOM   1120 N N   . TRP A 1 140 ? 8.976   -11.001 -1.139  1.00 33.56  ? 137 TRP A N   1 
ATOM   1121 C CA  . TRP A 1 140 ? 9.340   -10.402 0.130   1.00 35.28  ? 137 TRP A CA  1 
ATOM   1122 C C   . TRP A 1 140 ? 10.506  -11.107 0.739   1.00 36.12  ? 137 TRP A C   1 
ATOM   1123 O O   . TRP A 1 140 ? 10.378  -12.270 1.111   1.00 37.64  ? 137 TRP A O   1 
ATOM   1124 C CB  . TRP A 1 140 ? 8.201   -10.560 1.104   1.00 35.51  ? 137 TRP A CB  1 
ATOM   1125 C CG  . TRP A 1 140 ? 8.491   -10.159 2.523   1.00 38.47  ? 137 TRP A CG  1 
ATOM   1126 C CD1 . TRP A 1 140 ? 8.560   -8.892  3.018   1.00 40.47  ? 137 TRP A CD1 1 
ATOM   1127 C CD2 . TRP A 1 140 ? 8.663   -11.037 3.650   1.00 41.65  ? 137 TRP A CD2 1 
ATOM   1128 N NE1 . TRP A 1 140 ? 8.779   -8.920  4.373   1.00 42.13  ? 137 TRP A NE1 1 
ATOM   1129 C CE2 . TRP A 1 140 ? 8.848   -10.227 4.788   1.00 41.89  ? 137 TRP A CE2 1 
ATOM   1130 C CE3 . TRP A 1 140 ? 8.692   -12.435 3.807   1.00 41.92  ? 137 TRP A CE3 1 
ATOM   1131 C CZ2 . TRP A 1 140 ? 9.074   -10.755 6.062   1.00 42.40  ? 137 TRP A CZ2 1 
ATOM   1132 C CZ3 . TRP A 1 140 ? 8.915   -12.958 5.060   1.00 42.79  ? 137 TRP A CZ3 1 
ATOM   1133 C CH2 . TRP A 1 140 ? 9.100   -12.119 6.183   1.00 43.00  ? 137 TRP A CH2 1 
ATOM   1134 N N   . ALA A 1 141 ? 11.630  -10.407 0.858   1.00 36.11  ? 138 ALA A N   1 
ATOM   1135 C CA  . ALA A 1 141 ? 12.822  -10.946 1.471   1.00 35.70  ? 138 ALA A CA  1 
ATOM   1136 C C   . ALA A 1 141 ? 13.150  -10.068 2.682   1.00 35.86  ? 138 ALA A C   1 
ATOM   1137 O O   . ALA A 1 141 ? 13.421  -8.892  2.543   1.00 34.92  ? 138 ALA A O   1 
ATOM   1138 C CB  . ALA A 1 141 ? 13.946  -10.912 0.490   1.00 35.82  ? 138 ALA A CB  1 
ATOM   1139 N N   . PRO A 1 142 ? 13.008  -10.630 3.874   1.00 36.55  ? 139 PRO A N   1 
ATOM   1140 C CA  . PRO A 1 142 ? 13.395  -9.986  5.130   1.00 36.31  ? 139 PRO A CA  1 
ATOM   1141 C C   . PRO A 1 142 ? 14.821  -9.503  5.176   1.00 35.76  ? 139 PRO A C   1 
ATOM   1142 O O   . PRO A 1 142 ? 15.086  -8.522  5.845   1.00 35.39  ? 139 PRO A O   1 
ATOM   1143 C CB  . PRO A 1 142 ? 13.286  -11.128 6.156   1.00 36.64  ? 139 PRO A CB  1 
ATOM   1144 C CG  . PRO A 1 142 ? 12.411  -12.138 5.574   1.00 36.87  ? 139 PRO A CG  1 
ATOM   1145 C CD  . PRO A 1 142 ? 12.341  -11.918 4.108   1.00 37.17  ? 139 PRO A CD  1 
ATOM   1146 N N   . GLU A 1 143 ? 15.731  -10.198 4.509   1.00 35.36  ? 140 GLU A N   1 
ATOM   1147 C CA  . GLU A 1 143 ? 17.116  -9.805  4.573   1.00 35.36  ? 140 GLU A CA  1 
ATOM   1148 C C   . GLU A 1 143 ? 17.292  -8.527  3.763   1.00 34.77  ? 140 GLU A C   1 
ATOM   1149 O O   . GLU A 1 143 ? 18.366  -7.940  3.754   1.00 34.91  ? 140 GLU A O   1 
ATOM   1150 C CB  . GLU A 1 143 ? 18.053  -10.931 4.113   1.00 35.65  ? 140 GLU A CB  1 
ATOM   1151 C CG  . GLU A 1 143 ? 17.884  -11.369 2.673   1.00 37.53  ? 140 GLU A CG  1 
ATOM   1152 C CD  . GLU A 1 143 ? 16.650  -12.231 2.449   1.00 40.82  ? 140 GLU A CD  1 
ATOM   1153 O OE1 . GLU A 1 143 ? 16.722  -13.117 1.570   1.00 41.71  ? 140 GLU A OE1 1 
ATOM   1154 O OE2 . GLU A 1 143 ? 15.599  -12.014 3.130   1.00 43.58  ? 140 GLU A OE2 1 
ATOM   1155 N N   . HIS A 1 144 ? 16.234  -8.074  3.096   1.00 33.97  ? 141 HIS A N   1 
ATOM   1156 C CA  . HIS A 1 144 ? 16.336  -6.864  2.276   1.00 33.54  ? 141 HIS A CA  1 
ATOM   1157 C C   . HIS A 1 144 ? 15.334  -5.807  2.607   1.00 32.29  ? 141 HIS A C   1 
ATOM   1158 O O   . HIS A 1 144 ? 15.359  -4.742  2.024   1.00 32.45  ? 141 HIS A O   1 
ATOM   1159 C CB  . HIS A 1 144 ? 16.168  -7.186  0.798   1.00 33.92  ? 141 HIS A CB  1 
ATOM   1160 C CG  . HIS A 1 144 ? 17.275  -8.014  0.228   1.00 37.06  ? 141 HIS A CG  1 
ATOM   1161 N ND1 . HIS A 1 144 ? 17.879  -9.033  0.926   1.00 41.42  ? 141 HIS A ND1 1 
ATOM   1162 C CD2 . HIS A 1 144 ? 17.886  -7.972  -0.977  1.00 40.34  ? 141 HIS A CD2 1 
ATOM   1163 C CE1 . HIS A 1 144 ? 18.817  -9.583  0.177   1.00 42.03  ? 141 HIS A CE1 1 
ATOM   1164 N NE2 . HIS A 1 144 ? 18.845  -8.955  -0.982  1.00 41.51  ? 141 HIS A NE2 1 
ATOM   1165 N N   . GLU A 1 145 ? 14.446  -6.072  3.537   1.00 31.58  ? 142 GLU A N   1 
ATOM   1166 C CA  . GLU A 1 145 ? 13.405  -5.104  3.813   1.00 31.57  ? 142 GLU A CA  1 
ATOM   1167 C C   . GLU A 1 145 ? 13.970  -4.034  4.722   1.00 31.29  ? 142 GLU A C   1 
ATOM   1168 O O   . GLU A 1 145 ? 14.526  -4.366  5.742   1.00 31.34  ? 142 GLU A O   1 
ATOM   1169 C CB  . GLU A 1 145 ? 12.201  -5.770  4.482   1.00 31.25  ? 142 GLU A CB  1 
ATOM   1170 C CG  . GLU A 1 145 ? 10.925  -4.925  4.497   1.00 31.19  ? 142 GLU A CG  1 
ATOM   1171 C CD  . GLU A 1 145 ? 9.690   -5.744  4.867   1.00 31.50  ? 142 GLU A CD  1 
ATOM   1172 O OE1 . GLU A 1 145 ? 8.811   -5.922  4.000   1.00 34.14  ? 142 GLU A OE1 1 
ATOM   1173 O OE2 . GLU A 1 145 ? 9.592   -6.242  6.011   1.00 33.26  ? 142 GLU A OE2 1 
ATOM   1174 N N   . ARG A 1 146 ? 13.850  -2.763  4.338   1.00 30.68  ? 143 ARG A N   1 
ATOM   1175 C CA  . ARG A 1 146 ? 14.258  -1.676  5.213   1.00 30.33  ? 143 ARG A CA  1 
ATOM   1176 C C   . ARG A 1 146 ? 12.987  -1.122  5.814   1.00 29.31  ? 143 ARG A C   1 
ATOM   1177 O O   . ARG A 1 146 ? 11.876  -1.604  5.481   1.00 28.87  ? 143 ARG A O   1 
ATOM   1178 C CB  . ARG A 1 146 ? 15.070  -0.613  4.471   1.00 30.74  ? 143 ARG A CB  1 
ATOM   1179 C CG  . ARG A 1 146 ? 16.248  -1.195  3.646   1.00 33.99  ? 143 ARG A CG  1 
ATOM   1180 C CD  . ARG A 1 146 ? 17.432  -1.759  4.461   1.00 37.78  ? 143 ARG A CD  1 
ATOM   1181 N NE  . ARG A 1 146 ? 18.439  -2.445  3.627   1.00 41.88  ? 143 ARG A NE  1 
ATOM   1182 C CZ  . ARG A 1 146 ? 18.714  -3.768  3.696   1.00 45.53  ? 143 ARG A CZ  1 
ATOM   1183 N NH1 . ARG A 1 146 ? 18.074  -4.544  4.559   1.00 46.53  ? 143 ARG A NH1 1 
ATOM   1184 N NH2 . ARG A 1 146 ? 19.635  -4.328  2.910   1.00 46.70  ? 143 ARG A NH2 1 
ATOM   1185 N N   . CYS A 1 147 ? 13.115  -0.146  6.716   1.00 28.05  ? 144 CYS A N   1 
ATOM   1186 C CA  . CYS A 1 147 ? 11.941  0.413   7.381   1.00 27.48  ? 144 CYS A CA  1 
ATOM   1187 C C   . CYS A 1 147 ? 12.126  1.853   7.872   1.00 26.99  ? 144 CYS A C   1 
ATOM   1188 O O   . CYS A 1 147 ? 13.144  2.225   8.461   1.00 27.52  ? 144 CYS A O   1 
ATOM   1189 C CB  . CYS A 1 147 ? 11.525  -0.485  8.570   1.00 27.44  ? 144 CYS A CB  1 
ATOM   1190 S SG  . CYS A 1 147 ? 10.133  0.190   9.561   1.00 29.13  ? 144 CYS A SG  1 
ATOM   1191 N N   . ILE A 1 148 ? 11.103  2.659   7.666   1.00 26.08  ? 145 ILE A N   1 
ATOM   1192 C CA  . ILE A 1 148 ? 11.100  4.009   8.191   1.00 25.44  ? 145 ILE A CA  1 
ATOM   1193 C C   . ILE A 1 148 ? 10.057  4.064   9.301   1.00 24.69  ? 145 ILE A C   1 
ATOM   1194 O O   . ILE A 1 148 ? 8.956   3.596   9.115   1.00 23.44  ? 145 ILE A O   1 
ATOM   1195 C CB  . ILE A 1 148 ? 10.797  4.992   7.082   1.00 25.33  ? 145 ILE A CB  1 
ATOM   1196 C CG1 . ILE A 1 148 ? 12.053  5.117   6.189   1.00 25.82  ? 145 ILE A CG1 1 
ATOM   1197 C CG2 . ILE A 1 148 ? 10.425  6.340   7.661   1.00 24.61  ? 145 ILE A CG2 1 
ATOM   1198 C CD1 . ILE A 1 148 ? 11.783  5.718   4.816   1.00 25.12  ? 145 ILE A CD1 1 
ATOM   1199 N N   . VAL A 1 149 ? 10.416  4.599   10.465  1.00 24.38  ? 146 VAL A N   1 
ATOM   1200 C CA  . VAL A 1 149 ? 9.474   4.648   11.593  1.00 24.72  ? 146 VAL A CA  1 
ATOM   1201 C C   . VAL A 1 149 ? 8.148   5.372   11.230  1.00 25.19  ? 146 VAL A C   1 
ATOM   1202 O O   . VAL A 1 149 ? 8.144   6.449   10.640  1.00 24.24  ? 146 VAL A O   1 
ATOM   1203 C CB  . VAL A 1 149 ? 10.122  5.197   12.885  1.00 24.44  ? 146 VAL A CB  1 
ATOM   1204 C CG1 . VAL A 1 149 ? 10.352  6.679   12.810  1.00 23.90  ? 146 VAL A CG1 1 
ATOM   1205 C CG2 . VAL A 1 149 ? 9.281   4.833   14.073  1.00 23.65  ? 146 VAL A CG2 1 
ATOM   1206 N N   . TRP A 1 150 ? 7.028   4.716   11.552  1.00 26.13  ? 147 TRP A N   1 
ATOM   1207 C CA  . TRP A 1 150 ? 5.681   5.220   11.232  1.00 26.09  ? 147 TRP A CA  1 
ATOM   1208 C C   . TRP A 1 150 ? 5.450   6.674   11.619  1.00 25.65  ? 147 TRP A C   1 
ATOM   1209 O O   . TRP A 1 150 ? 4.832   7.431   10.861  1.00 26.00  ? 147 TRP A O   1 
ATOM   1210 C CB  . TRP A 1 150 ? 4.611   4.392   11.936  1.00 25.73  ? 147 TRP A CB  1 
ATOM   1211 C CG  . TRP A 1 150 ? 4.614   4.619   13.369  1.00 26.11  ? 147 TRP A CG  1 
ATOM   1212 C CD1 . TRP A 1 150 ? 5.537   4.173   14.244  1.00 27.89  ? 147 TRP A CD1 1 
ATOM   1213 C CD2 . TRP A 1 150 ? 3.675   5.396   14.132  1.00 26.30  ? 147 TRP A CD2 1 
ATOM   1214 N NE1 . TRP A 1 150 ? 5.239   4.608   15.511  1.00 28.99  ? 147 TRP A NE1 1 
ATOM   1215 C CE2 . TRP A 1 150 ? 4.095   5.357   15.470  1.00 27.37  ? 147 TRP A CE2 1 
ATOM   1216 C CE3 . TRP A 1 150 ? 2.527   6.121   13.818  1.00 25.49  ? 147 TRP A CE3 1 
ATOM   1217 C CZ2 . TRP A 1 150 ? 3.413   6.009   16.495  1.00 26.85  ? 147 TRP A CZ2 1 
ATOM   1218 C CZ3 . TRP A 1 150 ? 1.847   6.766   14.840  1.00 27.22  ? 147 TRP A CZ3 1 
ATOM   1219 C CH2 . TRP A 1 150 ? 2.290   6.702   16.162  1.00 26.48  ? 147 TRP A CH2 1 
ATOM   1220 N N   . ASN A 1 151 ? 5.916   7.070   12.789  1.00 25.23  ? 148 ASN A N   1 
ATOM   1221 C CA  . ASN A 1 151 ? 5.611   8.430   13.262  1.00 25.38  ? 148 ASN A CA  1 
ATOM   1222 C C   . ASN A 1 151 ? 6.709   9.468   12.965  1.00 25.76  ? 148 ASN A C   1 
ATOM   1223 O O   . ASN A 1 151 ? 6.803   10.464  13.661  1.00 25.62  ? 148 ASN A O   1 
ATOM   1224 C CB  . ASN A 1 151 ? 5.227   8.428   14.741  1.00 24.79  ? 148 ASN A CB  1 
ATOM   1225 C CG  . ASN A 1 151 ? 6.366   8.039   15.650  1.00 24.88  ? 148 ASN A CG  1 
ATOM   1226 O OD1 . ASN A 1 151 ? 7.311   7.397   15.232  1.00 22.02  ? 148 ASN A OD1 1 
ATOM   1227 N ND2 . ASN A 1 151 ? 6.278   8.445   16.919  1.00 24.99  ? 148 ASN A ND2 1 
ATOM   1228 N N   . ASP A 1 152 ? 7.495   9.253   11.907  1.00 25.79  ? 149 ASP A N   1 
ATOM   1229 C CA  . ASP A 1 152 ? 8.527   10.190  11.538  1.00 26.35  ? 149 ASP A CA  1 
ATOM   1230 C C   . ASP A 1 152 ? 8.057   11.640  11.439  1.00 27.33  ? 149 ASP A C   1 
ATOM   1231 O O   . ASP A 1 152 ? 7.113   11.981  10.739  1.00 27.14  ? 149 ASP A O   1 
ATOM   1232 C CB  . ASP A 1 152 ? 9.161   9.791   10.234  1.00 26.63  ? 149 ASP A CB  1 
ATOM   1233 C CG  . ASP A 1 152 ? 10.262  10.720  9.845   1.00 26.23  ? 149 ASP A CG  1 
ATOM   1234 O OD1 . ASP A 1 152 ? 9.960   11.717  9.161   1.00 24.45  ? 149 ASP A OD1 1 
ATOM   1235 O OD2 . ASP A 1 152 ? 11.444  10.548  10.217  1.00 27.49  ? 149 ASP A OD2 1 
ATOM   1236 N N   . PRO A 1 153 ? 8.740   12.492  12.174  1.00 28.92  ? 150 PRO A N   1 
ATOM   1237 C CA  . PRO A 1 153 ? 8.448   13.930  12.227  1.00 29.76  ? 150 PRO A CA  1 
ATOM   1238 C C   . PRO A 1 153 ? 8.470   14.678  10.896  1.00 30.34  ? 150 PRO A C   1 
ATOM   1239 O O   . PRO A 1 153 ? 7.635   15.567  10.738  1.00 30.23  ? 150 PRO A O   1 
ATOM   1240 C CB  . PRO A 1 153 ? 9.533   14.469  13.161  1.00 29.99  ? 150 PRO A CB  1 
ATOM   1241 C CG  . PRO A 1 153 ? 9.953   13.302  13.993  1.00 29.77  ? 150 PRO A CG  1 
ATOM   1242 C CD  . PRO A 1 153 ? 9.793   12.102  13.123  1.00 29.45  ? 150 PRO A CD  1 
ATOM   1243 N N   . GLU A 1 154 ? 9.367   14.359  9.970   1.00 30.99  ? 151 GLU A N   1 
ATOM   1244 C CA  . GLU A 1 154 ? 9.398   15.107  8.713   1.00 31.70  ? 151 GLU A CA  1 
ATOM   1245 C C   . GLU A 1 154 ? 8.313   14.638  7.771   1.00 32.09  ? 151 GLU A C   1 
ATOM   1246 O O   . GLU A 1 154 ? 7.686   15.445  7.095   1.00 32.28  ? 151 GLU A O   1 
ATOM   1247 C CB  . GLU A 1 154 ? 10.752  15.024  8.044   1.00 31.79  ? 151 GLU A CB  1 
ATOM   1248 C CG  . GLU A 1 154 ? 11.878  15.332  9.005   1.00 33.91  ? 151 GLU A CG  1 
ATOM   1249 C CD  . GLU A 1 154 ? 13.225  15.102  8.393   1.00 36.76  ? 151 GLU A CD  1 
ATOM   1250 O OE1 . GLU A 1 154 ? 13.695  13.943  8.410   1.00 39.22  ? 151 GLU A OE1 1 
ATOM   1251 O OE2 . GLU A 1 154 ? 13.794  16.084  7.892   1.00 39.08  ? 151 GLU A OE2 1 
ATOM   1252 N N   . LEU A 1 155 ? 8.080   13.336  7.716   1.00 32.81  ? 152 LEU A N   1 
ATOM   1253 C CA  . LEU A 1 155 ? 7.013   12.819  6.869   1.00 33.22  ? 152 LEU A CA  1 
ATOM   1254 C C   . LEU A 1 155 ? 5.693   13.316  7.437   1.00 33.94  ? 152 LEU A C   1 
ATOM   1255 O O   . LEU A 1 155 ? 4.793   13.686  6.700   1.00 33.77  ? 152 LEU A O   1 
ATOM   1256 C CB  . LEU A 1 155 ? 7.042   11.302  6.817   1.00 33.11  ? 152 LEU A CB  1 
ATOM   1257 C CG  . LEU A 1 155 ? 8.204   10.742  5.999   1.00 33.70  ? 152 LEU A CG  1 
ATOM   1258 C CD1 . LEU A 1 155 ? 8.086   9.239   5.893   1.00 34.54  ? 152 LEU A CD1 1 
ATOM   1259 C CD2 . LEU A 1 155 ? 8.294   11.368  4.603   1.00 33.90  ? 152 LEU A CD2 1 
ATOM   1260 N N   . LYS A 1 156 ? 5.609   13.330  8.762   1.00 34.90  ? 153 LYS A N   1 
ATOM   1261 C CA  . LYS A 1 156 ? 4.453   13.842  9.481   1.00 35.81  ? 153 LYS A CA  1 
ATOM   1262 C C   . LYS A 1 156 ? 3.171   13.301  8.903   1.00 35.53  ? 153 LYS A C   1 
ATOM   1263 O O   . LYS A 1 156 ? 2.276   14.057  8.548   1.00 35.71  ? 153 LYS A O   1 
ATOM   1264 C CB  . LYS A 1 156 ? 4.443   15.373  9.483   1.00 36.42  ? 153 LYS A CB  1 
ATOM   1265 C CG  . LYS A 1 156 ? 3.341   16.010  10.380  1.00 39.81  ? 153 LYS A CG  1 
ATOM   1266 C CD  . LYS A 1 156 ? 2.995   15.154  11.633  1.00 43.65  ? 153 LYS A CD  1 
ATOM   1267 C CE  . LYS A 1 156 ? 1.455   14.956  11.823  1.00 45.71  ? 153 LYS A CE  1 
ATOM   1268 N NZ  . LYS A 1 156 ? 1.092   14.003  12.932  1.00 46.09  ? 153 LYS A NZ  1 
ATOM   1269 N N   . ILE A 1 157 ? 3.097   11.978  8.815   1.00 35.47  ? 154 ILE A N   1 
ATOM   1270 C CA  . ILE A 1 157 ? 1.937   11.296  8.256   1.00 35.43  ? 154 ILE A CA  1 
ATOM   1271 C C   . ILE A 1 157 ? 0.679   11.444  9.106   1.00 36.09  ? 154 ILE A C   1 
ATOM   1272 O O   . ILE A 1 157 ? 0.708   11.382  10.322  1.00 35.75  ? 154 ILE A O   1 
ATOM   1273 C CB  . ILE A 1 157 ? 2.270   9.806   8.026   1.00 35.17  ? 154 ILE A CB  1 
ATOM   1274 C CG1 . ILE A 1 157 ? 3.238   9.667   6.852   1.00 33.38  ? 154 ILE A CG1 1 
ATOM   1275 C CG2 . ILE A 1 157 ? 1.005   8.998   7.734   1.00 34.96  ? 154 ILE A CG2 1 
ATOM   1276 C CD1 . ILE A 1 157 ? 4.088   8.430   6.921   1.00 32.18  ? 154 ILE A CD1 1 
ATOM   1277 N N   . ASP A 1 158 ? -0.437  11.593  8.419   1.00 37.40  ? 155 ASP A N   1 
ATOM   1278 C CA  . ASP A 1 158 ? -1.742  11.806  9.019   1.00 38.51  ? 155 ASP A CA  1 
ATOM   1279 C C   . ASP A 1 158 ? -2.460  10.530  9.396   1.00 38.93  ? 155 ASP A C   1 
ATOM   1280 O O   . ASP A 1 158 ? -3.494  10.243  8.815   1.00 38.65  ? 155 ASP A O   1 
ATOM   1281 C CB  . ASP A 1 158 ? -2.625  12.450  7.954   1.00 39.04  ? 155 ASP A CB  1 
ATOM   1282 C CG  . ASP A 1 158 ? -3.225  13.728  8.394   1.00 40.15  ? 155 ASP A CG  1 
ATOM   1283 O OD1 . ASP A 1 158 ? -3.992  13.723  9.381   1.00 41.59  ? 155 ASP A OD1 1 
ATOM   1284 O OD2 . ASP A 1 158 ? -2.978  14.796  7.798   1.00 43.20  ? 155 ASP A OD2 1 
ATOM   1285 N N   . TRP A 1 159 ? -1.955  9.770   10.349  1.00 39.88  ? 156 TRP A N   1 
ATOM   1286 C CA  . TRP A 1 159 ? -2.604  8.522   10.711  1.00 40.83  ? 156 TRP A CA  1 
ATOM   1287 C C   . TRP A 1 159 ? -3.962  8.820   11.364  1.00 43.08  ? 156 TRP A C   1 
ATOM   1288 O O   . TRP A 1 159 ? -3.993  9.257   12.519  1.00 42.39  ? 156 TRP A O   1 
ATOM   1289 C CB  . TRP A 1 159 ? -1.700  7.712   11.656  1.00 40.38  ? 156 TRP A CB  1 
ATOM   1290 C CG  . TRP A 1 159 ? -0.355  7.369   11.053  1.00 38.09  ? 156 TRP A CG  1 
ATOM   1291 C CD1 . TRP A 1 159 ? 0.839   8.012   11.272  1.00 37.92  ? 156 TRP A CD1 1 
ATOM   1292 C CD2 . TRP A 1 159 ? -0.069  6.322   10.125  1.00 34.98  ? 156 TRP A CD2 1 
ATOM   1293 N NE1 . TRP A 1 159 ? 1.839   7.418   10.536  1.00 36.86  ? 156 TRP A NE1 1 
ATOM   1294 C CE2 . TRP A 1 159 ? 1.306   6.375   9.831   1.00 35.08  ? 156 TRP A CE2 1 
ATOM   1295 C CE3 . TRP A 1 159 ? -0.837  5.327   9.520   1.00 34.47  ? 156 TRP A CE3 1 
ATOM   1296 C CZ2 . TRP A 1 159 ? 1.913   5.487   8.969   1.00 34.62  ? 156 TRP A CZ2 1 
ATOM   1297 C CZ3 . TRP A 1 159 ? -0.232  4.451   8.661   1.00 33.54  ? 156 TRP A CZ3 1 
ATOM   1298 C CH2 . TRP A 1 159 ? 1.127   4.535   8.392   1.00 34.70  ? 156 TRP A CH2 1 
ATOM   1299 N N   . PRO A 1 160 ? -5.074  8.756   10.615  1.00 45.91  ? 157 PRO A N   1 
ATOM   1300 C CA  . PRO A 1 160 ? -6.408  8.784   11.221  1.00 47.19  ? 157 PRO A CA  1 
ATOM   1301 C C   . PRO A 1 160 ? -6.530  8.159   12.587  1.00 48.34  ? 157 PRO A C   1 
ATOM   1302 O O   . PRO A 1 160 ? -7.598  8.192   13.162  1.00 49.19  ? 157 PRO A O   1 
ATOM   1303 C CB  . PRO A 1 160 ? -7.242  8.042   10.189  1.00 47.27  ? 157 PRO A CB  1 
ATOM   1304 C CG  . PRO A 1 160 ? -6.724  8.641   8.901   1.00 47.19  ? 157 PRO A CG  1 
ATOM   1305 C CD  . PRO A 1 160 ? -5.214  8.915   9.154   1.00 46.30  ? 157 PRO A CD  1 
ATOM   1306 N N   . LEU A 1 161 ? -5.432  7.654   13.114  1.00 49.73  ? 158 LEU A N   1 
ATOM   1307 C CA  . LEU A 1 161 ? -5.394  7.071   14.432  1.00 50.55  ? 158 LEU A CA  1 
ATOM   1308 C C   . LEU A 1 161 ? -5.704  8.006   15.557  1.00 51.51  ? 158 LEU A C   1 
ATOM   1309 O O   . LEU A 1 161 ? -5.735  9.229   15.425  1.00 52.04  ? 158 LEU A O   1 
ATOM   1310 C CB  . LEU A 1 161 ? -3.984  6.590   14.722  1.00 50.63  ? 158 LEU A CB  1 
ATOM   1311 C CG  . LEU A 1 161 ? -3.662  5.135   14.440  1.00 50.78  ? 158 LEU A CG  1 
ATOM   1312 C CD1 . LEU A 1 161 ? -2.372  4.883   15.120  1.00 51.53  ? 158 LEU A CD1 1 
ATOM   1313 C CD2 . LEU A 1 161 ? -4.717  4.189   14.957  1.00 50.06  ? 158 LEU A CD2 1 
ATOM   1314 N N   . GLN A 1 162 ? -5.872  7.378   16.703  1.00 52.35  ? 159 GLN A N   1 
ATOM   1315 C CA  . GLN A 1 162 ? -6.085  8.061   17.950  1.00 52.97  ? 159 GLN A CA  1 
ATOM   1316 C C   . GLN A 1 162 ? -6.035  6.906   18.933  1.00 53.10  ? 159 GLN A C   1 
ATOM   1317 O O   . GLN A 1 162 ? -7.044  6.385   19.380  1.00 53.71  ? 159 GLN A O   1 
ATOM   1318 C CB  . GLN A 1 162 ? -7.403  8.844   17.922  1.00 53.33  ? 159 GLN A CB  1 
ATOM   1319 C CG  . GLN A 1 162 ? -8.415  8.599   19.023  1.00 54.03  ? 159 GLN A CG  1 
ATOM   1320 C CD  . GLN A 1 162 ? -9.640  9.489   18.822  1.00 55.41  ? 159 GLN A CD  1 
ATOM   1321 O OE1 . GLN A 1 162 ? -9.573  10.463  18.067  1.00 56.68  ? 159 GLN A OE1 1 
ATOM   1322 N NE2 . GLN A 1 162 ? -10.753 9.158   19.476  1.00 54.59  ? 159 GLN A NE2 1 
ATOM   1323 N N   . ASP A 1 163 ? -4.817  6.431   19.117  1.00 53.03  ? 160 ASP A N   1 
ATOM   1324 C CA  . ASP A 1 163 ? -4.450  5.425   20.091  1.00 52.65  ? 160 ASP A CA  1 
ATOM   1325 C C   . ASP A 1 163 ? -3.092  4.969   19.566  1.00 51.64  ? 160 ASP A C   1 
ATOM   1326 O O   . ASP A 1 163 ? -2.821  5.069   18.363  1.00 51.18  ? 160 ASP A O   1 
ATOM   1327 C CB  . ASP A 1 163 ? -5.467  4.286   20.222  1.00 53.00  ? 160 ASP A CB  1 
ATOM   1328 C CG  . ASP A 1 163 ? -6.192  4.299   21.584  1.00 54.86  ? 160 ASP A CG  1 
ATOM   1329 O OD1 . ASP A 1 163 ? -6.693  5.366   22.017  1.00 55.97  ? 160 ASP A OD1 1 
ATOM   1330 O OD2 . ASP A 1 163 ? -6.307  3.287   22.308  1.00 58.05  ? 160 ASP A OD2 1 
ATOM   1331 N N   . ALA A 1 164 ? -2.230  4.533   20.469  1.00 50.25  ? 161 ALA A N   1 
ATOM   1332 C CA  . ALA A 1 164 ? -0.908  4.094   20.098  1.00 49.51  ? 161 ALA A CA  1 
ATOM   1333 C C   . ALA A 1 164 ? -1.008  2.761   19.345  1.00 48.62  ? 161 ALA A C   1 
ATOM   1334 O O   . ALA A 1 164 ? -1.746  1.887   19.782  1.00 48.66  ? 161 ALA A O   1 
ATOM   1335 C CB  . ALA A 1 164 ? -0.078  3.926   21.334  1.00 49.38  ? 161 ALA A CB  1 
ATOM   1336 N N   . PRO A 1 165 ? -0.576  2.729   18.100  1.00 47.16  ? 162 PRO A N   1 
ATOM   1337 C CA  . PRO A 1 165 ? -0.202  1.545   17.359  1.00 46.29  ? 162 PRO A CA  1 
ATOM   1338 C C   . PRO A 1 165 ? 0.459   0.448   18.089  1.00 45.15  ? 162 PRO A C   1 
ATOM   1339 O O   . PRO A 1 165 ? 1.298   0.626   18.946  1.00 44.85  ? 162 PRO A O   1 
ATOM   1340 C CB  . PRO A 1 165 ? 0.647   2.137   16.255  1.00 46.64  ? 162 PRO A CB  1 
ATOM   1341 C CG  . PRO A 1 165 ? -0.319  3.233   15.830  1.00 47.46  ? 162 PRO A CG  1 
ATOM   1342 C CD  . PRO A 1 165 ? -0.964  3.757   17.143  1.00 47.29  ? 162 PRO A CD  1 
ATOM   1343 N N   . LEU A 1 166 ? -0.038  -0.736  17.804  1.00 44.27  ? 163 LEU A N   1 
ATOM   1344 C CA  . LEU A 1 166 ? 0.643   -1.899  18.299  1.00 43.88  ? 163 LEU A CA  1 
ATOM   1345 C C   . LEU A 1 166 ? 1.589   -2.307  17.178  1.00 42.48  ? 163 LEU A C   1 
ATOM   1346 O O   . LEU A 1 166 ? 1.191   -2.807  16.129  1.00 42.23  ? 163 LEU A O   1 
ATOM   1347 C CB  . LEU A 1 166 ? -0.305  -2.998  18.758  1.00 44.23  ? 163 LEU A CB  1 
ATOM   1348 C CG  . LEU A 1 166 ? -1.459  -2.383  19.567  1.00 46.55  ? 163 LEU A CG  1 
ATOM   1349 C CD1 . LEU A 1 166 ? -2.316  -1.485  18.667  1.00 48.13  ? 163 LEU A CD1 1 
ATOM   1350 C CD2 . LEU A 1 166 ? -2.328  -3.439  20.201  1.00 47.59  ? 163 LEU A CD2 1 
ATOM   1351 N N   . LEU A 1 167 ? 2.854   -2.019  17.413  1.00 40.98  ? 164 LEU A N   1 
ATOM   1352 C CA  . LEU A 1 167 ? 3.886   -2.305  16.468  1.00 39.87  ? 164 LEU A CA  1 
ATOM   1353 C C   . LEU A 1 167 ? 4.713   -3.482  16.833  1.00 38.73  ? 164 LEU A C   1 
ATOM   1354 O O   . LEU A 1 167 ? 4.831   -3.852  17.989  1.00 38.15  ? 164 LEU A O   1 
ATOM   1355 C CB  . LEU A 1 167 ? 4.821   -1.131  16.396  1.00 40.00  ? 164 LEU A CB  1 
ATOM   1356 C CG  . LEU A 1 167 ? 4.097   0.120   15.933  1.00 41.43  ? 164 LEU A CG  1 
ATOM   1357 C CD1 . LEU A 1 167 ? 4.488   1.275   16.828  1.00 43.96  ? 164 LEU A CD1 1 
ATOM   1358 C CD2 . LEU A 1 167 ? 4.406   0.422   14.488  1.00 41.60  ? 164 LEU A CD2 1 
ATOM   1359 N N   . SER A 1 168 ? 5.311   -4.056  15.804  1.00 38.06  ? 165 SER A N   1 
ATOM   1360 C CA  . SER A 1 168 ? 6.284   -5.101  15.973  1.00 37.40  ? 165 SER A CA  1 
ATOM   1361 C C   . SER A 1 168 ? 7.559   -4.398  16.438  1.00 37.39  ? 165 SER A C   1 
ATOM   1362 O O   . SER A 1 168 ? 7.737   -3.198  16.229  1.00 36.98  ? 165 SER A O   1 
ATOM   1363 C CB  . SER A 1 168 ? 6.548   -5.793  14.648  1.00 36.88  ? 165 SER A CB  1 
ATOM   1364 O OG  . SER A 1 168 ? 7.419   -4.999  13.882  1.00 35.59  ? 165 SER A OG  1 
ATOM   1365 N N   . GLU A 1 169 ? 8.446   -5.154  17.059  1.00 37.29  ? 166 GLU A N   1 
ATOM   1366 C CA  . GLU A 1 169 ? 9.699   -4.605  17.519  1.00 37.42  ? 166 GLU A CA  1 
ATOM   1367 C C   . GLU A 1 169 ? 10.435  -3.948  16.362  1.00 37.35  ? 166 GLU A C   1 
ATOM   1368 O O   . GLU A 1 169 ? 10.888  -2.814  16.484  1.00 37.25  ? 166 GLU A O   1 
ATOM   1369 C CB  . GLU A 1 169 ? 10.556  -5.708  18.118  1.00 37.43  ? 166 GLU A CB  1 
ATOM   1370 C CG  . GLU A 1 169 ? 11.853  -5.201  18.699  1.00 38.69  ? 166 GLU A CG  1 
ATOM   1371 C CD  . GLU A 1 169 ? 11.637  -4.275  19.897  1.00 40.82  ? 166 GLU A CD  1 
ATOM   1372 O OE1 . GLU A 1 169 ? 10.482  -4.193  20.410  1.00 40.17  ? 166 GLU A OE1 1 
ATOM   1373 O OE2 . GLU A 1 169 ? 12.629  -3.634  20.331  1.00 39.93  ? 166 GLU A OE2 1 
ATOM   1374 N N   . LYS A 1 170 ? 10.536  -4.674  15.249  1.00 37.27  ? 167 LYS A N   1 
ATOM   1375 C CA  . LYS A 1 170 ? 11.217  -4.225  14.035  1.00 37.24  ? 167 LYS A CA  1 
ATOM   1376 C C   . LYS A 1 170 ? 10.765  -2.854  13.582  1.00 36.43  ? 167 LYS A C   1 
ATOM   1377 O O   . LYS A 1 170 ? 11.568  -2.003  13.206  1.00 35.70  ? 167 LYS A O   1 
ATOM   1378 C CB  . LYS A 1 170 ? 10.883  -5.189  12.887  1.00 37.92  ? 167 LYS A CB  1 
ATOM   1379 C CG  . LYS A 1 170 ? 11.985  -6.139  12.448  1.00 41.18  ? 167 LYS A CG  1 
ATOM   1380 C CD  . LYS A 1 170 ? 11.600  -6.964  11.142  1.00 44.72  ? 167 LYS A CD  1 
ATOM   1381 C CE  . LYS A 1 170 ? 10.386  -6.406  10.326  1.00 46.60  ? 167 LYS A CE  1 
ATOM   1382 N NZ  . LYS A 1 170 ? 10.511  -6.582  8.829   1.00 46.41  ? 167 LYS A NZ  1 
ATOM   1383 N N   . ASP A 1 171 ? 9.456   -2.676  13.557  1.00 36.08  ? 168 ASP A N   1 
ATOM   1384 C CA  . ASP A 1 171 ? 8.871   -1.458  13.057  1.00 36.02  ? 168 ASP A CA  1 
ATOM   1385 C C   . ASP A 1 171 ? 9.059   -0.354  14.076  1.00 36.18  ? 168 ASP A C   1 
ATOM   1386 O O   . ASP A 1 171 ? 9.078   0.820   13.742  1.00 36.70  ? 168 ASP A O   1 
ATOM   1387 C CB  . ASP A 1 171 ? 7.402   -1.695  12.696  1.00 36.06  ? 168 ASP A CB  1 
ATOM   1388 C CG  . ASP A 1 171 ? 7.246   -2.435  11.370  1.00 36.35  ? 168 ASP A CG  1 
ATOM   1389 O OD1 . ASP A 1 171 ? 8.262   -2.610  10.645  1.00 36.91  ? 168 ASP A OD1 1 
ATOM   1390 O OD2 . ASP A 1 171 ? 6.156   -2.873  10.955  1.00 36.98  ? 168 ASP A OD2 1 
ATOM   1391 N N   . ARG A 1 172 ? 9.227   -0.739  15.327  1.00 36.29  ? 169 ARG A N   1 
ATOM   1392 C CA  . ARG A 1 172 ? 9.528   0.214   16.380  1.00 36.64  ? 169 ARG A CA  1 
ATOM   1393 C C   . ARG A 1 172 ? 10.922  0.731   16.211  1.00 35.27  ? 169 ARG A C   1 
ATOM   1394 O O   . ARG A 1 172 ? 11.212  1.886   16.519  1.00 34.89  ? 169 ARG A O   1 
ATOM   1395 C CB  . ARG A 1 172 ? 9.504   -0.480  17.737  1.00 37.37  ? 169 ARG A CB  1 
ATOM   1396 C CG  . ARG A 1 172 ? 8.146   -0.620  18.339  1.00 40.99  ? 169 ARG A CG  1 
ATOM   1397 C CD  . ARG A 1 172 ? 7.978   0.157   19.636  1.00 45.75  ? 169 ARG A CD  1 
ATOM   1398 N NE  . ARG A 1 172 ? 6.715   -0.229  20.268  1.00 49.10  ? 169 ARG A NE  1 
ATOM   1399 C CZ  . ARG A 1 172 ? 5.731   0.612   20.570  1.00 51.67  ? 169 ARG A CZ  1 
ATOM   1400 N NH1 . ARG A 1 172 ? 5.853   1.917   20.343  1.00 52.59  ? 169 ARG A NH1 1 
ATOM   1401 N NH2 . ARG A 1 172 ? 4.623   0.143   21.115  1.00 52.98  ? 169 ARG A NH2 1 
ATOM   1402 N N   . GLN A 1 173 ? 11.791  -0.160  15.754  1.00 33.94  ? 170 GLN A N   1 
ATOM   1403 C CA  . GLN A 1 173 ? 13.191  0.156   15.573  1.00 33.32  ? 170 GLN A CA  1 
ATOM   1404 C C   . GLN A 1 173 ? 13.434  0.825   14.231  1.00 31.83  ? 170 GLN A C   1 
ATOM   1405 O O   . GLN A 1 173 ? 14.577  1.046   13.830  1.00 31.54  ? 170 GLN A O   1 
ATOM   1406 C CB  . GLN A 1 173 ? 14.032  -1.101  15.737  1.00 33.56  ? 170 GLN A CB  1 
ATOM   1407 C CG  . GLN A 1 173 ? 14.449  -1.337  17.184  1.00 35.65  ? 170 GLN A CG  1 
ATOM   1408 C CD  . GLN A 1 173 ? 15.171  -2.672  17.397  1.00 38.97  ? 170 GLN A CD  1 
ATOM   1409 O OE1 . GLN A 1 173 ? 14.916  -3.649  16.671  1.00 40.70  ? 170 GLN A OE1 1 
ATOM   1410 N NE2 . GLN A 1 173 ? 16.053  -2.722  18.402  1.00 38.63  ? 170 GLN A NE2 1 
ATOM   1411 N N   . GLY A 1 174 ? 12.353  1.182   13.559  1.00 30.04  ? 171 GLY A N   1 
ATOM   1412 C CA  . GLY A 1 174 ? 12.451  1.843   12.280  1.00 29.70  ? 171 GLY A CA  1 
ATOM   1413 C C   . GLY A 1 174 ? 13.358  3.055   12.160  1.00 29.23  ? 171 GLY A C   1 
ATOM   1414 O O   . GLY A 1 174 ? 13.483  3.880   13.061  1.00 28.62  ? 171 GLY A O   1 
ATOM   1415 N N   . LYS A 1 175 ? 13.964  3.196   10.989  1.00 29.09  ? 172 LYS A N   1 
ATOM   1416 C CA  . LYS A 1 175 ? 14.847  4.324   10.743  1.00 28.85  ? 172 LYS A CA  1 
ATOM   1417 C C   . LYS A 1 175 ? 14.091  5.630   10.597  1.00 27.94  ? 172 LYS A C   1 
ATOM   1418 O O   . LYS A 1 175 ? 12.944  5.663   10.152  1.00 28.09  ? 172 LYS A O   1 
ATOM   1419 C CB  . LYS A 1 175 ? 15.630  4.107   9.452   1.00 28.99  ? 172 LYS A CB  1 
ATOM   1420 C CG  . LYS A 1 175 ? 16.513  2.867   9.423   1.00 31.71  ? 172 LYS A CG  1 
ATOM   1421 C CD  . LYS A 1 175 ? 17.619  2.941   10.429  1.00 35.40  ? 172 LYS A CD  1 
ATOM   1422 C CE  . LYS A 1 175 ? 18.948  2.512   9.792   1.00 39.26  ? 172 LYS A CE  1 
ATOM   1423 N NZ  . LYS A 1 175 ? 20.159  3.164   10.460  1.00 40.65  ? 172 LYS A NZ  1 
ATOM   1424 N N   . ALA A 1 176 ? 14.754  6.716   10.948  1.00 26.87  ? 173 ALA A N   1 
ATOM   1425 C CA  . ALA A 1 176 ? 14.218  8.040   10.681  1.00 26.15  ? 173 ALA A CA  1 
ATOM   1426 C C   . ALA A 1 176 ? 14.388  8.358   9.193   1.00 25.24  ? 173 ALA A C   1 
ATOM   1427 O O   . ALA A 1 176 ? 15.423  8.080   8.603   1.00 24.95  ? 173 ALA A O   1 
ATOM   1428 C CB  . ALA A 1 176 ? 14.923  9.067   11.521  1.00 26.30  ? 173 ALA A CB  1 
ATOM   1429 N N   . PHE A 1 177 ? 13.356  8.930   8.594   1.00 24.69  ? 174 PHE A N   1 
ATOM   1430 C CA  . PHE A 1 177 ? 13.376  9.293   7.193   1.00 24.40  ? 174 PHE A CA  1 
ATOM   1431 C C   . PHE A 1 177 ? 14.698  9.952   6.844   1.00 24.70  ? 174 PHE A C   1 
ATOM   1432 O O   . PHE A 1 177 ? 15.266  9.667   5.832   1.00 24.99  ? 174 PHE A O   1 
ATOM   1433 C CB  . PHE A 1 177 ? 12.211  10.230  6.871   1.00 24.25  ? 174 PHE A CB  1 
ATOM   1434 C CG  . PHE A 1 177 ? 12.271  10.831  5.496   1.00 23.07  ? 174 PHE A CG  1 
ATOM   1435 C CD1 . PHE A 1 177 ? 12.075  10.052  4.374   1.00 24.31  ? 174 PHE A CD1 1 
ATOM   1436 C CD2 . PHE A 1 177 ? 12.501  12.171  5.323   1.00 22.47  ? 174 PHE A CD2 1 
ATOM   1437 C CE1 . PHE A 1 177 ? 12.123  10.603  3.094   1.00 22.04  ? 174 PHE A CE1 1 
ATOM   1438 C CE2 . PHE A 1 177 ? 12.564  12.728  4.047   1.00 22.34  ? 174 PHE A CE2 1 
ATOM   1439 C CZ  . PHE A 1 177 ? 12.369  11.933  2.929   1.00 21.05  ? 174 PHE A CZ  1 
ATOM   1440 N N   . ALA A 1 178 ? 15.198  10.808  7.711   1.00 25.22  ? 175 ALA A N   1 
ATOM   1441 C CA  . ALA A 1 178 ? 16.444  11.518  7.471   1.00 25.65  ? 175 ALA A CA  1 
ATOM   1442 C C   . ALA A 1 178 ? 17.639  10.600  7.247   1.00 26.22  ? 175 ALA A C   1 
ATOM   1443 O O   . ALA A 1 178 ? 18.536  10.930  6.478   1.00 26.44  ? 175 ALA A O   1 
ATOM   1444 C CB  . ALA A 1 178 ? 16.736  12.434  8.657   1.00 25.39  ? 175 ALA A CB  1 
ATOM   1445 N N   . ASP A 1 179 ? 17.647  9.463   7.928   1.00 26.50  ? 176 ASP A N   1 
ATOM   1446 C CA  . ASP A 1 179 ? 18.766  8.547   7.898   1.00 26.43  ? 176 ASP A CA  1 
ATOM   1447 C C   . ASP A 1 179 ? 18.556  7.403   6.942   1.00 26.63  ? 176 ASP A C   1 
ATOM   1448 O O   . ASP A 1 179 ? 19.424  6.574   6.791   1.00 26.85  ? 176 ASP A O   1 
ATOM   1449 C CB  . ASP A 1 179 ? 18.967  7.969   9.285   1.00 26.79  ? 176 ASP A CB  1 
ATOM   1450 C CG  . ASP A 1 179 ? 19.463  9.009   10.277  1.00 27.44  ? 176 ASP A CG  1 
ATOM   1451 O OD1 . ASP A 1 179 ? 20.361  9.787   9.886   1.00 29.86  ? 176 ASP A OD1 1 
ATOM   1452 O OD2 . ASP A 1 179 ? 19.022  9.134   11.442  1.00 25.87  ? 176 ASP A OD2 1 
ATOM   1453 N N   . ALA A 1 180 ? 17.416  7.392   6.268   1.00 26.53  ? 177 ALA A N   1 
ATOM   1454 C CA  . ALA A 1 180 ? 17.003  6.272   5.441   1.00 26.28  ? 177 ALA A CA  1 
ATOM   1455 C C   . ALA A 1 180 ? 17.712  6.142   4.118   1.00 26.73  ? 177 ALA A C   1 
ATOM   1456 O O   . ALA A 1 180 ? 17.744  7.080   3.320   1.00 27.50  ? 177 ALA A O   1 
ATOM   1457 C CB  . ALA A 1 180 ? 15.520  6.394   5.169   1.00 26.02  ? 177 ALA A CB  1 
ATOM   1458 N N   . ASP A 1 181 ? 18.257  4.973   3.844   1.00 26.40  ? 178 ASP A N   1 
ATOM   1459 C CA  . ASP A 1 181 ? 18.798  4.783   2.541   1.00 26.83  ? 178 ASP A CA  1 
ATOM   1460 C C   . ASP A 1 181 ? 17.590  4.766   1.645   1.00 27.69  ? 178 ASP A C   1 
ATOM   1461 O O   . ASP A 1 181 ? 16.562  4.223   2.024   1.00 28.32  ? 178 ASP A O   1 
ATOM   1462 C CB  . ASP A 1 181 ? 19.502  3.465   2.431   1.00 27.08  ? 178 ASP A CB  1 
ATOM   1463 C CG  . ASP A 1 181 ? 20.766  3.442   3.181   1.00 26.03  ? 178 ASP A CG  1 
ATOM   1464 O OD1 . ASP A 1 181 ? 21.262  4.522   3.510   1.00 26.29  ? 178 ASP A OD1 1 
ATOM   1465 O OD2 . ASP A 1 181 ? 21.346  2.390   3.471   1.00 27.28  ? 178 ASP A OD2 1 
ATOM   1466 N N   . CYS A 1 182 ? 17.720  5.320   0.444   1.00 27.69  ? 179 CYS A N   1 
ATOM   1467 C CA  . CYS A 1 182 ? 16.617  5.365   -0.501  1.00 27.22  ? 179 CYS A CA  1 
ATOM   1468 C C   . CYS A 1 182 ? 16.950  4.636   -1.816  1.00 26.71  ? 179 CYS A C   1 
ATOM   1469 O O   . CYS A 1 182 ? 18.011  4.033   -1.944  1.00 25.86  ? 179 CYS A O   1 
ATOM   1470 C CB  . CYS A 1 182 ? 16.243  6.823   -0.760  1.00 27.77  ? 179 CYS A CB  1 
ATOM   1471 S SG  . CYS A 1 182 ? 15.441  7.646   0.650   1.00 27.02  ? 179 CYS A SG  1 
ATOM   1472 N N   . PHE A 1 183 ? 16.036  4.683   -2.781  1.00 26.56  ? 180 PHE A N   1 
ATOM   1473 C CA  . PHE A 1 183 ? 16.210  3.958   -4.055  1.00 27.08  ? 180 PHE A CA  1 
ATOM   1474 C C   . PHE A 1 183 ? 17.060  4.658   -5.058  1.00 27.83  ? 180 PHE A C   1 
ATOM   1475 O O   . PHE A 1 183 ? 16.805  5.803   -5.351  1.00 27.30  ? 180 PHE A O   1 
ATOM   1476 C CB  . PHE A 1 183 ? 14.869  3.783   -4.756  1.00 26.42  ? 180 PHE A CB  1 
ATOM   1477 C CG  . PHE A 1 183 ? 14.044  2.732   -4.171  1.00 25.29  ? 180 PHE A CG  1 
ATOM   1478 C CD1 . PHE A 1 183 ? 13.240  2.999   -3.073  1.00 26.05  ? 180 PHE A CD1 1 
ATOM   1479 C CD2 . PHE A 1 183 ? 14.074  1.461   -4.677  1.00 23.53  ? 180 PHE A CD2 1 
ATOM   1480 C CE1 . PHE A 1 183 ? 12.479  2.010   -2.513  1.00 23.77  ? 180 PHE A CE1 1 
ATOM   1481 C CE2 . PHE A 1 183 ? 13.315  0.471   -4.111  1.00 23.56  ? 180 PHE A CE2 1 
ATOM   1482 C CZ  . PHE A 1 183 ? 12.540  0.738   -3.019  1.00 22.62  ? 180 PHE A CZ  1 
ATOM   1483 N N   . PRO A 1 184 ? 18.063  3.989   -5.602  1.00 29.85  ? 181 PRO A N   1 
ATOM   1484 C CA  . PRO A 1 184 ? 18.780  4.545   -6.744  1.00 30.88  ? 181 PRO A CA  1 
ATOM   1485 C C   . PRO A 1 184 ? 17.704  5.049   -7.698  1.00 32.39  ? 181 PRO A C   1 
ATOM   1486 O O   . PRO A 1 184 ? 17.875  5.320   -8.891  1.00 32.54  ? 181 PRO A O   1 
ATOM   1487 C CB  . PRO A 1 184 ? 19.471  3.325   -7.351  1.00 30.39  ? 181 PRO A CB  1 
ATOM   1488 C CG  . PRO A 1 184 ? 19.730  2.415   -6.217  1.00 30.38  ? 181 PRO A CG  1 
ATOM   1489 C CD  . PRO A 1 184 ? 18.639  2.704   -5.176  1.00 30.52  ? 181 PRO A CD  1 
ATOM   1490 O OXT . PRO A 1 184 ? 16.545  5.165   -7.277  1.00 34.44  ? 181 PRO A OXT 1 
HETATM 1491 O O1  . SRT B 2 .   ? 5.162   -8.783  5.344   1.00 51.12  ? 182 SRT A O1  1 
HETATM 1492 O O11 . SRT B 2 .   ? 3.873   -7.292  6.021   1.00 58.33  ? 182 SRT A O11 1 
HETATM 1493 C C1  . SRT B 2 .   ? 4.723   -7.652  5.227   1.00 52.49  ? 182 SRT A C1  1 
HETATM 1494 C C2  . SRT B 2 .   ? 5.218   -6.678  4.194   1.00 49.84  ? 182 SRT A C2  1 
HETATM 1495 O O2  . SRT B 2 .   ? 6.538   -6.271  4.496   1.00 46.90  ? 182 SRT A O2  1 
HETATM 1496 C C3  . SRT B 2 .   ? 4.404   -5.400  4.196   1.00 47.81  ? 182 SRT A C3  1 
HETATM 1497 O O3  . SRT B 2 .   ? 3.043   -5.715  4.305   1.00 49.03  ? 182 SRT A O3  1 
HETATM 1498 C C4  . SRT B 2 .   ? 4.625   -4.613  2.940   1.00 46.18  ? 182 SRT A C4  1 
HETATM 1499 O O4  . SRT B 2 .   ? 4.319   -3.453  2.931   1.00 43.21  ? 182 SRT A O4  1 
HETATM 1500 O O41 . SRT B 2 .   ? 5.088   -5.101  1.921   1.00 45.84  ? 182 SRT A O41 1 
HETATM 1501 O O   . HOH C 3 .   ? -17.782 11.428  -7.202  1.00 69.35  ? 183 HOH A O   1 
HETATM 1502 O O   . HOH C 3 .   ? -19.274 11.727  -4.930  1.00 138.01 ? 184 HOH A O   1 
HETATM 1503 O O   . HOH C 3 .   ? -6.524  12.743  -5.066  1.00 51.14  ? 185 HOH A O   1 
HETATM 1504 O O   . HOH C 3 .   ? -1.549  8.278   -18.316 1.00 49.06  ? 186 HOH A O   1 
HETATM 1505 O O   . HOH C 3 .   ? 6.985   -6.267  -13.335 1.00 41.50  ? 187 HOH A O   1 
HETATM 1506 O O   . HOH C 3 .   ? -5.754  -9.337  -4.388  1.00 35.99  ? 188 HOH A O   1 
HETATM 1507 O O   . HOH C 3 .   ? -6.891  -9.448  -5.171  1.00 87.26  ? 189 HOH A O   1 
HETATM 1508 O O   . HOH C 3 .   ? 8.913   17.090  -2.399  1.00 58.27  ? 190 HOH A O   1 
HETATM 1509 O O   . HOH C 3 .   ? 2.874   14.453  2.187   1.00 50.17  ? 191 HOH A O   1 
HETATM 1510 O O   . HOH C 3 .   ? -14.109 5.266   -22.520 1.00 51.01  ? 192 HOH A O   1 
HETATM 1511 O O   . HOH C 3 .   ? -10.209 9.487   -1.817  1.00 56.73  ? 193 HOH A O   1 
HETATM 1512 O O   . HOH C 3 .   ? -8.951  10.506  -3.959  1.00 49.89  ? 194 HOH A O   1 
HETATM 1513 O O   . HOH C 3 .   ? -11.283 -5.800  -1.700  1.00 34.61  ? 195 HOH A O   1 
HETATM 1514 O O   . HOH C 3 .   ? -10.936 -4.484  -4.459  1.00 32.02  ? 196 HOH A O   1 
HETATM 1515 O O   . HOH C 3 .   ? 9.902   -2.768  -1.724  1.00 49.50  ? 197 HOH A O   1 
HETATM 1516 O O   . HOH C 3 .   ? 5.860   -1.081  -3.583  1.00 29.21  ? 198 HOH A O   1 
HETATM 1517 O O   . HOH C 3 .   ? 6.605   -0.858  -1.163  1.00 30.42  ? 199 HOH A O   1 
HETATM 1518 O O   . HOH C 3 .   ? -15.219 -3.108  12.804  1.00 42.77  ? 200 HOH A O   1 
HETATM 1519 O O   . HOH C 3 .   ? 15.292  -0.857  8.038   1.00 29.11  ? 201 HOH A O   1 
HETATM 1520 O O   . HOH C 3 .   ? -20.113 13.772  -7.614  1.00 58.79  ? 202 HOH A O   1 
# 
loop_
_pdbx_poly_seq_scheme.asym_id 
_pdbx_poly_seq_scheme.entity_id 
_pdbx_poly_seq_scheme.seq_id 
_pdbx_poly_seq_scheme.mon_id 
_pdbx_poly_seq_scheme.ndb_seq_num 
_pdbx_poly_seq_scheme.pdb_seq_num 
_pdbx_poly_seq_scheme.auth_seq_num 
_pdbx_poly_seq_scheme.pdb_mon_id 
_pdbx_poly_seq_scheme.auth_mon_id 
_pdbx_poly_seq_scheme.pdb_strand_id 
_pdbx_poly_seq_scheme.pdb_ins_code 
_pdbx_poly_seq_scheme.hetero 
A 1 1   SER 1   -2  -2  SER SER A . n 
A 1 2   MET 2   -1  -1  MET MET A . n 
A 1 3   ALA 3   0   0   ALA ALA A . n 
A 1 4   MET 4   1   1   MET MET A . n 
A 1 5   LYS 5   2   2   LYS LYS A . n 
A 1 6   ALA 6   3   3   ALA ALA A . n 
A 1 7   THR 7   4   4   THR THR A . n 
A 1 8   ARG 8   5   5   ARG ARG A . n 
A 1 9   LEU 9   6   6   LEU LEU A . n 
A 1 10  ALA 10  7   7   ALA ALA A . n 
A 1 11  ILE 11  8   8   ILE ILE A . n 
A 1 12  PRO 12  9   9   PRO PRO A . n 
A 1 13  ASP 13  10  10  ASP ASP A . n 
A 1 14  VAL 14  11  11  VAL VAL A . n 
A 1 15  ILE 15  12  12  ILE ILE A . n 
A 1 16  LEU 16  13  13  LEU LEU A . n 
A 1 17  PHE 17  14  14  PHE PHE A . n 
A 1 18  GLU 18  15  15  GLU GLU A . n 
A 1 19  PRO 19  16  16  PRO PRO A . n 
A 1 20  ARG 20  17  17  ARG ARG A . n 
A 1 21  VAL 21  18  18  VAL VAL A . n 
A 1 22  PHE 22  19  19  PHE PHE A . n 
A 1 23  GLY 23  20  20  GLY GLY A . n 
A 1 24  ASP 24  21  21  ASP ASP A . n 
A 1 25  ASP 25  22  22  ASP ASP A . n 
A 1 26  ARG 26  23  23  ARG ARG A . n 
A 1 27  GLY 27  24  24  GLY GLY A . n 
A 1 28  PHE 28  25  25  PHE PHE A . n 
A 1 29  PHE 29  26  26  PHE PHE A . n 
A 1 30  PHE 30  27  27  PHE PHE A . n 
A 1 31  GLU 31  28  28  GLU GLU A . n 
A 1 32  SER 32  29  29  SER SER A . n 
A 1 33  TYR 33  30  30  TYR TYR A . n 
A 1 34  ASN 34  31  31  ASN ASN A . n 
A 1 35  GLN 35  32  32  GLN GLN A . n 
A 1 36  ARG 36  33  33  ARG ARG A . n 
A 1 37  ALA 37  34  34  ALA ALA A . n 
A 1 38  PHE 38  35  35  PHE PHE A . n 
A 1 39  GLU 39  36  36  GLU GLU A . n 
A 1 40  GLU 40  37  37  GLU GLU A . n 
A 1 41  ALA 41  38  38  ALA ALA A . n 
A 1 42  CYS 42  39  39  CYS CYS A . n 
A 1 43  GLY 43  40  40  GLY GLY A . n 
A 1 44  HIS 44  41  41  HIS HIS A . n 
A 1 45  PRO 45  42  42  PRO PRO A . n 
A 1 46  VAL 46  43  43  VAL VAL A . n 
A 1 47  SER 47  44  44  SER SER A . n 
A 1 48  PHE 48  45  45  PHE PHE A . n 
A 1 49  VAL 49  46  46  VAL VAL A . n 
A 1 50  GLN 50  47  47  GLN GLN A . n 
A 1 51  ASP 51  48  48  ASP ASP A . n 
A 1 52  ASN 52  49  49  ASN ASN A . n 
A 1 53  HIS 53  50  50  HIS HIS A . n 
A 1 54  SER 54  51  51  SER SER A . n 
A 1 55  ARG 55  52  52  ARG ARG A . n 
A 1 56  SER 56  53  53  SER SER A . n 
A 1 57  ALA 57  54  54  ALA ALA A . n 
A 1 58  ARG 58  55  55  ARG ARG A . n 
A 1 59  GLY 59  56  56  GLY GLY A . n 
A 1 60  VAL 60  57  57  VAL VAL A . n 
A 1 61  LEU 61  58  58  LEU LEU A . n 
A 1 62  ARG 62  59  59  ARG ARG A . n 
A 1 63  GLY 63  60  60  GLY GLY A . n 
A 1 64  LEU 64  61  61  LEU LEU A . n 
A 1 65  HIS 65  62  62  HIS HIS A . n 
A 1 66  TYR 66  63  63  TYR TYR A . n 
A 1 67  GLN 67  64  64  GLN GLN A . n 
A 1 68  ILE 68  65  65  ILE ILE A . n 
A 1 69  ARG 69  66  66  ARG ARG A . n 
A 1 70  GLN 70  67  67  GLN GLN A . n 
A 1 71  ALA 71  68  68  ALA ALA A . n 
A 1 72  GLN 72  69  69  GLN GLN A . n 
A 1 73  GLY 73  70  70  GLY GLY A . n 
A 1 74  LYS 74  71  71  LYS LYS A . n 
A 1 75  LEU 75  72  72  LEU LEU A . n 
A 1 76  VAL 76  73  73  VAL VAL A . n 
A 1 77  ARG 77  74  74  ARG ARG A . n 
A 1 78  ALA 78  75  75  ALA ALA A . n 
A 1 79  THR 79  76  76  THR THR A . n 
A 1 80  LEU 80  77  77  LEU LEU A . n 
A 1 81  GLY 81  78  78  GLY GLY A . n 
A 1 82  GLU 82  79  79  GLU GLU A . n 
A 1 83  VAL 83  80  80  VAL VAL A . n 
A 1 84  PHE 84  81  81  PHE PHE A . n 
A 1 85  ASP 85  82  82  ASP ASP A . n 
A 1 86  VAL 86  83  83  VAL VAL A . n 
A 1 87  ALA 87  84  84  ALA ALA A . n 
A 1 88  VAL 88  85  85  VAL VAL A . n 
A 1 89  ASP 89  86  86  ASP ASP A . n 
A 1 90  LEU 90  87  87  LEU LEU A . n 
A 1 91  ARG 91  88  88  ARG ARG A . n 
A 1 92  ARG 92  89  89  ARG ARG A . n 
A 1 93  GLY 93  90  90  GLY GLY A . n 
A 1 94  SER 94  91  91  SER SER A . n 
A 1 95  PRO 95  92  92  PRO PRO A . n 
A 1 96  THR 96  93  93  THR THR A . n 
A 1 97  PHE 97  94  94  PHE PHE A . n 
A 1 98  GLY 98  95  95  GLY GLY A . n 
A 1 99  GLN 99  96  96  GLN GLN A . n 
A 1 100 TRP 100 97  97  TRP TRP A . n 
A 1 101 VAL 101 98  98  VAL VAL A . n 
A 1 102 GLY 102 99  99  GLY GLY A . n 
A 1 103 GLU 103 100 100 GLU GLU A . n 
A 1 104 ARG 104 101 101 ARG ARG A . n 
A 1 105 LEU 105 102 102 LEU LEU A . n 
A 1 106 SER 106 103 103 SER SER A . n 
A 1 107 ALA 107 104 104 ALA ALA A . n 
A 1 108 GLU 108 105 105 GLU GLU A . n 
A 1 109 ASN 109 106 106 ASN ASN A . n 
A 1 110 LYS 110 107 107 LYS LYS A . n 
A 1 111 ARG 111 108 108 ARG ARG A . n 
A 1 112 GLN 112 109 109 GLN GLN A . n 
A 1 113 MET 113 110 110 MET MET A . n 
A 1 114 TRP 114 111 111 TRP TRP A . n 
A 1 115 ILE 115 112 112 ILE ILE A . n 
A 1 116 PRO 116 113 113 PRO PRO A . n 
A 1 117 ALA 117 114 114 ALA ALA A . n 
A 1 118 GLY 118 115 115 GLY GLY A . n 
A 1 119 PHE 119 116 116 PHE PHE A . n 
A 1 120 ALA 120 117 117 ALA ALA A . n 
A 1 121 HIS 121 118 118 HIS HIS A . n 
A 1 122 GLY 122 119 119 GLY GLY A . n 
A 1 123 PHE 123 120 120 PHE PHE A . n 
A 1 124 VAL 124 121 121 VAL VAL A . n 
A 1 125 VAL 125 122 122 VAL VAL A . n 
A 1 126 LEU 126 123 123 LEU LEU A . n 
A 1 127 SER 127 124 124 SER SER A . n 
A 1 128 GLU 128 125 125 GLU GLU A . n 
A 1 129 TYR 129 126 126 TYR TYR A . n 
A 1 130 ALA 130 127 127 ALA ALA A . n 
A 1 131 GLU 131 128 128 GLU GLU A . n 
A 1 132 PHE 132 129 129 PHE PHE A . n 
A 1 133 LEU 133 130 130 LEU LEU A . n 
A 1 134 TYR 134 131 131 TYR TYR A . n 
A 1 135 LYS 135 132 132 LYS LYS A . n 
A 1 136 THR 136 133 133 THR THR A . n 
A 1 137 THR 137 134 134 THR THR A . n 
A 1 138 ASP 138 135 135 ASP ASP A . n 
A 1 139 PHE 139 136 136 PHE PHE A . n 
A 1 140 TRP 140 137 137 TRP TRP A . n 
A 1 141 ALA 141 138 138 ALA ALA A . n 
A 1 142 PRO 142 139 139 PRO PRO A . n 
A 1 143 GLU 143 140 140 GLU GLU A . n 
A 1 144 HIS 144 141 141 HIS HIS A . n 
A 1 145 GLU 145 142 142 GLU GLU A . n 
A 1 146 ARG 146 143 143 ARG ARG A . n 
A 1 147 CYS 147 144 144 CYS CYS A . n 
A 1 148 ILE 148 145 145 ILE ILE A . n 
A 1 149 VAL 149 146 146 VAL VAL A . n 
A 1 150 TRP 150 147 147 TRP TRP A . n 
A 1 151 ASN 151 148 148 ASN ASN A . n 
A 1 152 ASP 152 149 149 ASP ASP A . n 
A 1 153 PRO 153 150 150 PRO PRO A . n 
A 1 154 GLU 154 151 151 GLU GLU A . n 
A 1 155 LEU 155 152 152 LEU LEU A . n 
A 1 156 LYS 156 153 153 LYS LYS A . n 
A 1 157 ILE 157 154 154 ILE ILE A . n 
A 1 158 ASP 158 155 155 ASP ASP A . n 
A 1 159 TRP 159 156 156 TRP TRP A . n 
A 1 160 PRO 160 157 157 PRO PRO A . n 
A 1 161 LEU 161 158 158 LEU LEU A . n 
A 1 162 GLN 162 159 159 GLN GLN A . n 
A 1 163 ASP 163 160 160 ASP ASP A . n 
A 1 164 ALA 164 161 161 ALA ALA A . n 
A 1 165 PRO 165 162 162 PRO PRO A . n 
A 1 166 LEU 166 163 163 LEU LEU A . n 
A 1 167 LEU 167 164 164 LEU LEU A . n 
A 1 168 SER 168 165 165 SER SER A . n 
A 1 169 GLU 169 166 166 GLU GLU A . n 
A 1 170 LYS 170 167 167 LYS LYS A . n 
A 1 171 ASP 171 168 168 ASP ASP A . n 
A 1 172 ARG 172 169 169 ARG ARG A . n 
A 1 173 GLN 173 170 170 GLN GLN A . n 
A 1 174 GLY 174 171 171 GLY GLY A . n 
A 1 175 LYS 175 172 172 LYS LYS A . n 
A 1 176 ALA 176 173 173 ALA ALA A . n 
A 1 177 PHE 177 174 174 PHE PHE A . n 
A 1 178 ALA 178 175 175 ALA ALA A . n 
A 1 179 ASP 179 176 176 ASP ASP A . n 
A 1 180 ALA 180 177 177 ALA ALA A . n 
A 1 181 ASP 181 178 178 ASP ASP A . n 
A 1 182 CYS 182 179 179 CYS CYS A . n 
A 1 183 PHE 183 180 180 PHE PHE A . n 
A 1 184 PRO 184 181 181 PRO PRO A . n 
# 
loop_
_pdbx_nonpoly_scheme.asym_id 
_pdbx_nonpoly_scheme.entity_id 
_pdbx_nonpoly_scheme.mon_id 
_pdbx_nonpoly_scheme.ndb_seq_num 
_pdbx_nonpoly_scheme.pdb_seq_num 
_pdbx_nonpoly_scheme.auth_seq_num 
_pdbx_nonpoly_scheme.pdb_mon_id 
_pdbx_nonpoly_scheme.auth_mon_id 
_pdbx_nonpoly_scheme.pdb_strand_id 
_pdbx_nonpoly_scheme.pdb_ins_code 
B 2 SRT 1  182 41 SRT TAR A . 
C 3 HOH 1  183 1  HOH HOH A . 
C 3 HOH 2  184 2  HOH HOH A . 
C 3 HOH 3  185 3  HOH HOH A . 
C 3 HOH 4  186 4  HOH HOH A . 
C 3 HOH 5  187 5  HOH HOH A . 
C 3 HOH 6  188 6  HOH HOH A . 
C 3 HOH 7  189 7  HOH HOH A . 
C 3 HOH 8  190 8  HOH HOH A . 
C 3 HOH 9  191 9  HOH HOH A . 
C 3 HOH 10 192 10 HOH HOH A . 
C 3 HOH 11 193 11 HOH HOH A . 
C 3 HOH 12 194 12 HOH HOH A . 
C 3 HOH 13 195 13 HOH HOH A . 
C 3 HOH 14 196 14 HOH HOH A . 
C 3 HOH 15 197 15 HOH HOH A . 
C 3 HOH 16 198 16 HOH HOH A . 
C 3 HOH 17 199 17 HOH HOH A . 
C 3 HOH 18 200 18 HOH HOH A . 
C 3 HOH 19 201 19 HOH HOH A . 
C 3 HOH 20 202 20 HOH HOH A . 
# 
_pdbx_struct_assembly.id                   1 
_pdbx_struct_assembly.details              author_defined_assembly 
_pdbx_struct_assembly.method_details       ? 
_pdbx_struct_assembly.oligomeric_details   dimeric 
_pdbx_struct_assembly.oligomeric_count     2 
# 
_pdbx_struct_assembly_gen.assembly_id       1 
_pdbx_struct_assembly_gen.oper_expression   1,2 
_pdbx_struct_assembly_gen.asym_id_list      A,B,C 
# 
loop_
_pdbx_struct_oper_list.id 
_pdbx_struct_oper_list.type 
_pdbx_struct_oper_list.name 
_pdbx_struct_oper_list.symmetry_operation 
_pdbx_struct_oper_list.matrix[1][1] 
_pdbx_struct_oper_list.matrix[1][2] 
_pdbx_struct_oper_list.matrix[1][3] 
_pdbx_struct_oper_list.vector[1] 
_pdbx_struct_oper_list.matrix[2][1] 
_pdbx_struct_oper_list.matrix[2][2] 
_pdbx_struct_oper_list.matrix[2][3] 
_pdbx_struct_oper_list.vector[2] 
_pdbx_struct_oper_list.matrix[3][1] 
_pdbx_struct_oper_list.matrix[3][2] 
_pdbx_struct_oper_list.matrix[3][3] 
_pdbx_struct_oper_list.vector[3] 
1 'identity operation'         1_555 x,y,z              1.0000000000 0.0000000000  0.0000000000 0.0000000000  0.0000000000 1.0000000000 0.0000000000  0.0000000000  0.0000000000 0.0000000000 1.0000000000 0.0000000000 
2 'crystal symmetry operation' 4_454 y-1/2,-x+1/2,z-1/4 0.5420206284 -0.2968330315 0.7861957707 38.7321320607 0.8388800203 0.1355183376 -0.5271765281 20.1222278717 0.0499394631 0.9452644771 0.3224610340 7.8929297586 
# 
loop_
_pdbx_audit_revision_history.ordinal 
_pdbx_audit_revision_history.data_content_type 
_pdbx_audit_revision_history.major_revision 
_pdbx_audit_revision_history.minor_revision 
_pdbx_audit_revision_history.revision_date 
1 'Structure model' 1 0 2004-03-02 
2 'Structure model' 1 1 2008-04-29 
3 'Structure model' 1 2 2011-07-13 
4 'Structure model' 1 3 2023-08-23 
# 
_pdbx_audit_revision_details.ordinal             1 
_pdbx_audit_revision_details.revision_ordinal    1 
_pdbx_audit_revision_details.data_content_type   'Structure model' 
_pdbx_audit_revision_details.provider            repository 
_pdbx_audit_revision_details.type                'Initial release' 
_pdbx_audit_revision_details.description         ? 
_pdbx_audit_revision_details.details             ? 
# 
loop_
_pdbx_audit_revision_group.ordinal 
_pdbx_audit_revision_group.revision_ordinal 
_pdbx_audit_revision_group.data_content_type 
_pdbx_audit_revision_group.group 
1 2 'Structure model' 'Version format compliance' 
2 3 'Structure model' 'Version format compliance' 
3 4 'Structure model' 'Data collection'           
4 4 'Structure model' 'Database references'       
5 4 'Structure model' 'Derived calculations'      
6 4 'Structure model' 'Refinement description'    
# 
loop_
_pdbx_audit_revision_category.ordinal 
_pdbx_audit_revision_category.revision_ordinal 
_pdbx_audit_revision_category.data_content_type 
_pdbx_audit_revision_category.category 
1 4 'Structure model' chem_comp_atom                
2 4 'Structure model' chem_comp_bond                
3 4 'Structure model' database_2                    
4 4 'Structure model' pdbx_initial_refinement_model 
5 4 'Structure model' struct_ref_seq_dif            
6 4 'Structure model' struct_site                   
# 
loop_
_pdbx_audit_revision_item.ordinal 
_pdbx_audit_revision_item.revision_ordinal 
_pdbx_audit_revision_item.data_content_type 
_pdbx_audit_revision_item.item 
1 4 'Structure model' '_database_2.pdbx_DOI'                
2 4 'Structure model' '_database_2.pdbx_database_accession' 
3 4 'Structure model' '_struct_ref_seq_dif.details'         
4 4 'Structure model' '_struct_site.pdbx_auth_asym_id'      
5 4 'Structure model' '_struct_site.pdbx_auth_comp_id'      
6 4 'Structure model' '_struct_site.pdbx_auth_seq_id'       
# 
_pdbx_refine_tls.id               1 
_pdbx_refine_tls.details          ? 
_pdbx_refine_tls.method           refined 
_pdbx_refine_tls.origin_x         -0.0918 
_pdbx_refine_tls.origin_y         -0.1275 
_pdbx_refine_tls.origin_z         0.0899 
_pdbx_refine_tls.T[1][1]          0.0741 
_pdbx_refine_tls.T[2][2]          0.0214 
_pdbx_refine_tls.T[3][3]          0.0260 
_pdbx_refine_tls.T[1][2]          0.0197 
_pdbx_refine_tls.T[1][3]          0.0219 
_pdbx_refine_tls.T[2][3]          -0.0099 
_pdbx_refine_tls.L[1][1]          4.9621 
_pdbx_refine_tls.L[2][2]          3.1659 
_pdbx_refine_tls.L[3][3]          2.1331 
_pdbx_refine_tls.L[1][2]          2.7248 
_pdbx_refine_tls.L[1][3]          1.4569 
_pdbx_refine_tls.L[2][3]          1.1177 
_pdbx_refine_tls.S[1][1]          -0.1070 
_pdbx_refine_tls.S[1][2]          -0.2747 
_pdbx_refine_tls.S[1][3]          0.5118 
_pdbx_refine_tls.S[2][1]          -0.0677 
_pdbx_refine_tls.S[2][2]          -0.0808 
_pdbx_refine_tls.S[2][3]          0.2987 
_pdbx_refine_tls.S[3][1]          -0.2599 
_pdbx_refine_tls.S[3][2]          0.0121 
_pdbx_refine_tls.S[3][3]          0.1878 
_pdbx_refine_tls.pdbx_refine_id   'X-RAY DIFFRACTION' 
# 
_pdbx_refine_tls_group.id                  1 
_pdbx_refine_tls_group.refine_tls_id       1 
_pdbx_refine_tls_group.beg_label_asym_id   A 
_pdbx_refine_tls_group.beg_label_seq_id    4 
_pdbx_refine_tls_group.beg_auth_seq_id     1 
_pdbx_refine_tls_group.end_label_asym_id   C 
_pdbx_refine_tls_group.end_label_seq_id    2 
_pdbx_refine_tls_group.end_auth_seq_id     184 
_pdbx_refine_tls_group.selection           ? 
_pdbx_refine_tls_group.beg_auth_asym_id    A 
_pdbx_refine_tls_group.end_auth_asym_id    A 
_pdbx_refine_tls_group.pdbx_refine_id      'X-RAY DIFFRACTION' 
_pdbx_refine_tls_group.selection_details   ? 
# 
loop_
_software.name 
_software.classification 
_software.version 
_software.citation_id 
_software.pdbx_ordinal 
REFMAC refinement       5.0       ? 1 
MOSFLM 'data reduction' .         ? 2 
CCP4   'data scaling'   '(SCALA)' ? 3 
AMoRE  phasing          .         ? 4 
# 
_pdbx_validate_close_contact.id               1 
_pdbx_validate_close_contact.PDB_model_num    1 
_pdbx_validate_close_contact.auth_atom_id_1   O 
_pdbx_validate_close_contact.auth_asym_id_1   A 
_pdbx_validate_close_contact.auth_comp_id_1   HOH 
_pdbx_validate_close_contact.auth_seq_id_1    188 
_pdbx_validate_close_contact.PDB_ins_code_1   ? 
_pdbx_validate_close_contact.label_alt_id_1   ? 
_pdbx_validate_close_contact.auth_atom_id_2   O 
_pdbx_validate_close_contact.auth_asym_id_2   A 
_pdbx_validate_close_contact.auth_comp_id_2   HOH 
_pdbx_validate_close_contact.auth_seq_id_2    189 
_pdbx_validate_close_contact.PDB_ins_code_2   ? 
_pdbx_validate_close_contact.label_alt_id_2   ? 
_pdbx_validate_close_contact.dist             1.38 
# 
_pdbx_validate_symm_contact.id                1 
_pdbx_validate_symm_contact.PDB_model_num     1 
_pdbx_validate_symm_contact.auth_atom_id_1    NH2 
_pdbx_validate_symm_contact.auth_asym_id_1    A 
_pdbx_validate_symm_contact.auth_comp_id_1    ARG 
_pdbx_validate_symm_contact.auth_seq_id_1     17 
_pdbx_validate_symm_contact.PDB_ins_code_1    ? 
_pdbx_validate_symm_contact.label_alt_id_1    ? 
_pdbx_validate_symm_contact.site_symmetry_1   1_555 
_pdbx_validate_symm_contact.auth_atom_id_2    O 
_pdbx_validate_symm_contact.auth_asym_id_2    A 
_pdbx_validate_symm_contact.auth_comp_id_2    PHE 
_pdbx_validate_symm_contact.auth_seq_id_2     174 
_pdbx_validate_symm_contact.PDB_ins_code_2    ? 
_pdbx_validate_symm_contact.label_alt_id_2    ? 
_pdbx_validate_symm_contact.site_symmetry_2   3_555 
_pdbx_validate_symm_contact.dist              2.14 
# 
loop_
_pdbx_validate_rmsd_angle.id 
_pdbx_validate_rmsd_angle.PDB_model_num 
_pdbx_validate_rmsd_angle.auth_atom_id_1 
_pdbx_validate_rmsd_angle.auth_asym_id_1 
_pdbx_validate_rmsd_angle.auth_comp_id_1 
_pdbx_validate_rmsd_angle.auth_seq_id_1 
_pdbx_validate_rmsd_angle.PDB_ins_code_1 
_pdbx_validate_rmsd_angle.label_alt_id_1 
_pdbx_validate_rmsd_angle.auth_atom_id_2 
_pdbx_validate_rmsd_angle.auth_asym_id_2 
_pdbx_validate_rmsd_angle.auth_comp_id_2 
_pdbx_validate_rmsd_angle.auth_seq_id_2 
_pdbx_validate_rmsd_angle.PDB_ins_code_2 
_pdbx_validate_rmsd_angle.label_alt_id_2 
_pdbx_validate_rmsd_angle.auth_atom_id_3 
_pdbx_validate_rmsd_angle.auth_asym_id_3 
_pdbx_validate_rmsd_angle.auth_comp_id_3 
_pdbx_validate_rmsd_angle.auth_seq_id_3 
_pdbx_validate_rmsd_angle.PDB_ins_code_3 
_pdbx_validate_rmsd_angle.label_alt_id_3 
_pdbx_validate_rmsd_angle.angle_value 
_pdbx_validate_rmsd_angle.angle_target_value 
_pdbx_validate_rmsd_angle.angle_deviation 
_pdbx_validate_rmsd_angle.angle_standard_deviation 
_pdbx_validate_rmsd_angle.linker_flag 
1 1 N  A MET -1  ? ? CA A MET -1  ? ? C   A MET -1  ? ? 127.69 111.00 16.69 2.70 N 
2 1 N  A GLY 60  ? ? CA A GLY 60  ? ? C   A GLY 60  ? ? 128.48 113.10 15.38 2.50 N 
3 1 CA A LEU 130 ? ? CB A LEU 130 ? ? CG  A LEU 130 ? ? 131.35 115.30 16.05 2.30 N 
4 1 CB A ASP 135 ? ? CG A ASP 135 ? ? OD2 A ASP 135 ? ? 125.17 118.30 6.87  0.90 N 
5 1 CB A ASP 176 ? ? CG A ASP 176 ? ? OD2 A ASP 176 ? ? 124.07 118.30 5.77  0.90 N 
# 
loop_
_pdbx_validate_torsion.id 
_pdbx_validate_torsion.PDB_model_num 
_pdbx_validate_torsion.auth_comp_id 
_pdbx_validate_torsion.auth_asym_id 
_pdbx_validate_torsion.auth_seq_id 
_pdbx_validate_torsion.PDB_ins_code 
_pdbx_validate_torsion.label_alt_id 
_pdbx_validate_torsion.phi 
_pdbx_validate_torsion.psi 
1  1 MET A -1  ? ? -139.51 -122.00 
2  1 ALA A 0   ? ? 132.77  31.17   
3  1 MET A 1   ? ? -172.40 136.59  
4  1 ASP A 21  ? ? -144.96 -157.77 
5  1 LEU A 61  ? ? 61.67   62.99   
6  1 LYS A 107 ? ? 57.73   19.47   
7  1 TRP A 156 ? ? -67.50  97.70   
8  1 PRO A 157 ? ? -32.04  0.42    
9  1 GLN A 159 ? ? -173.07 72.96   
10 1 ASP A 160 ? ? 162.95  150.58  
11 1 PRO A 162 ? ? -35.46  134.18  
# 
loop_
_pdbx_validate_chiral.id 
_pdbx_validate_chiral.PDB_model_num 
_pdbx_validate_chiral.auth_atom_id 
_pdbx_validate_chiral.label_alt_id 
_pdbx_validate_chiral.auth_asym_id 
_pdbx_validate_chiral.auth_comp_id 
_pdbx_validate_chiral.auth_seq_id 
_pdbx_validate_chiral.PDB_ins_code 
_pdbx_validate_chiral.details 
_pdbx_validate_chiral.omega 
1 1 C2 ? A SRT 182 ? 'WRONG HAND' . 
2 1 C3 ? A SRT 182 ? 'WRONG HAND' . 
# 
loop_
_chem_comp_atom.comp_id 
_chem_comp_atom.atom_id 
_chem_comp_atom.type_symbol 
_chem_comp_atom.pdbx_aromatic_flag 
_chem_comp_atom.pdbx_stereo_config 
_chem_comp_atom.pdbx_ordinal 
ALA N    N N N 1   
ALA CA   C N S 2   
ALA C    C N N 3   
ALA O    O N N 4   
ALA CB   C N N 5   
ALA OXT  O N N 6   
ALA H    H N N 7   
ALA H2   H N N 8   
ALA HA   H N N 9   
ALA HB1  H N N 10  
ALA HB2  H N N 11  
ALA HB3  H N N 12  
ALA HXT  H N N 13  
ARG N    N N N 14  
ARG CA   C N S 15  
ARG C    C N N 16  
ARG O    O N N 17  
ARG CB   C N N 18  
ARG CG   C N N 19  
ARG CD   C N N 20  
ARG NE   N N N 21  
ARG CZ   C N N 22  
ARG NH1  N N N 23  
ARG NH2  N N N 24  
ARG OXT  O N N 25  
ARG H    H N N 26  
ARG H2   H N N 27  
ARG HA   H N N 28  
ARG HB2  H N N 29  
ARG HB3  H N N 30  
ARG HG2  H N N 31  
ARG HG3  H N N 32  
ARG HD2  H N N 33  
ARG HD3  H N N 34  
ARG HE   H N N 35  
ARG HH11 H N N 36  
ARG HH12 H N N 37  
ARG HH21 H N N 38  
ARG HH22 H N N 39  
ARG HXT  H N N 40  
ASN N    N N N 41  
ASN CA   C N S 42  
ASN C    C N N 43  
ASN O    O N N 44  
ASN CB   C N N 45  
ASN CG   C N N 46  
ASN OD1  O N N 47  
ASN ND2  N N N 48  
ASN OXT  O N N 49  
ASN H    H N N 50  
ASN H2   H N N 51  
ASN HA   H N N 52  
ASN HB2  H N N 53  
ASN HB3  H N N 54  
ASN HD21 H N N 55  
ASN HD22 H N N 56  
ASN HXT  H N N 57  
ASP N    N N N 58  
ASP CA   C N S 59  
ASP C    C N N 60  
ASP O    O N N 61  
ASP CB   C N N 62  
ASP CG   C N N 63  
ASP OD1  O N N 64  
ASP OD2  O N N 65  
ASP OXT  O N N 66  
ASP H    H N N 67  
ASP H2   H N N 68  
ASP HA   H N N 69  
ASP HB2  H N N 70  
ASP HB3  H N N 71  
ASP HD2  H N N 72  
ASP HXT  H N N 73  
CYS N    N N N 74  
CYS CA   C N R 75  
CYS C    C N N 76  
CYS O    O N N 77  
CYS CB   C N N 78  
CYS SG   S N N 79  
CYS OXT  O N N 80  
CYS H    H N N 81  
CYS H2   H N N 82  
CYS HA   H N N 83  
CYS HB2  H N N 84  
CYS HB3  H N N 85  
CYS HG   H N N 86  
CYS HXT  H N N 87  
GLN N    N N N 88  
GLN CA   C N S 89  
GLN C    C N N 90  
GLN O    O N N 91  
GLN CB   C N N 92  
GLN CG   C N N 93  
GLN CD   C N N 94  
GLN OE1  O N N 95  
GLN NE2  N N N 96  
GLN OXT  O N N 97  
GLN H    H N N 98  
GLN H2   H N N 99  
GLN HA   H N N 100 
GLN HB2  H N N 101 
GLN HB3  H N N 102 
GLN HG2  H N N 103 
GLN HG3  H N N 104 
GLN HE21 H N N 105 
GLN HE22 H N N 106 
GLN HXT  H N N 107 
GLU N    N N N 108 
GLU CA   C N S 109 
GLU C    C N N 110 
GLU O    O N N 111 
GLU CB   C N N 112 
GLU CG   C N N 113 
GLU CD   C N N 114 
GLU OE1  O N N 115 
GLU OE2  O N N 116 
GLU OXT  O N N 117 
GLU H    H N N 118 
GLU H2   H N N 119 
GLU HA   H N N 120 
GLU HB2  H N N 121 
GLU HB3  H N N 122 
GLU HG2  H N N 123 
GLU HG3  H N N 124 
GLU HE2  H N N 125 
GLU HXT  H N N 126 
GLY N    N N N 127 
GLY CA   C N N 128 
GLY C    C N N 129 
GLY O    O N N 130 
GLY OXT  O N N 131 
GLY H    H N N 132 
GLY H2   H N N 133 
GLY HA2  H N N 134 
GLY HA3  H N N 135 
GLY HXT  H N N 136 
HIS N    N N N 137 
HIS CA   C N S 138 
HIS C    C N N 139 
HIS O    O N N 140 
HIS CB   C N N 141 
HIS CG   C Y N 142 
HIS ND1  N Y N 143 
HIS CD2  C Y N 144 
HIS CE1  C Y N 145 
HIS NE2  N Y N 146 
HIS OXT  O N N 147 
HIS H    H N N 148 
HIS H2   H N N 149 
HIS HA   H N N 150 
HIS HB2  H N N 151 
HIS HB3  H N N 152 
HIS HD1  H N N 153 
HIS HD2  H N N 154 
HIS HE1  H N N 155 
HIS HE2  H N N 156 
HIS HXT  H N N 157 
HOH O    O N N 158 
HOH H1   H N N 159 
HOH H2   H N N 160 
ILE N    N N N 161 
ILE CA   C N S 162 
ILE C    C N N 163 
ILE O    O N N 164 
ILE CB   C N S 165 
ILE CG1  C N N 166 
ILE CG2  C N N 167 
ILE CD1  C N N 168 
ILE OXT  O N N 169 
ILE H    H N N 170 
ILE H2   H N N 171 
ILE HA   H N N 172 
ILE HB   H N N 173 
ILE HG12 H N N 174 
ILE HG13 H N N 175 
ILE HG21 H N N 176 
ILE HG22 H N N 177 
ILE HG23 H N N 178 
ILE HD11 H N N 179 
ILE HD12 H N N 180 
ILE HD13 H N N 181 
ILE HXT  H N N 182 
LEU N    N N N 183 
LEU CA   C N S 184 
LEU C    C N N 185 
LEU O    O N N 186 
LEU CB   C N N 187 
LEU CG   C N N 188 
LEU CD1  C N N 189 
LEU CD2  C N N 190 
LEU OXT  O N N 191 
LEU H    H N N 192 
LEU H2   H N N 193 
LEU HA   H N N 194 
LEU HB2  H N N 195 
LEU HB3  H N N 196 
LEU HG   H N N 197 
LEU HD11 H N N 198 
LEU HD12 H N N 199 
LEU HD13 H N N 200 
LEU HD21 H N N 201 
LEU HD22 H N N 202 
LEU HD23 H N N 203 
LEU HXT  H N N 204 
LYS N    N N N 205 
LYS CA   C N S 206 
LYS C    C N N 207 
LYS O    O N N 208 
LYS CB   C N N 209 
LYS CG   C N N 210 
LYS CD   C N N 211 
LYS CE   C N N 212 
LYS NZ   N N N 213 
LYS OXT  O N N 214 
LYS H    H N N 215 
LYS H2   H N N 216 
LYS HA   H N N 217 
LYS HB2  H N N 218 
LYS HB3  H N N 219 
LYS HG2  H N N 220 
LYS HG3  H N N 221 
LYS HD2  H N N 222 
LYS HD3  H N N 223 
LYS HE2  H N N 224 
LYS HE3  H N N 225 
LYS HZ1  H N N 226 
LYS HZ2  H N N 227 
LYS HZ3  H N N 228 
LYS HXT  H N N 229 
MET N    N N N 230 
MET CA   C N S 231 
MET C    C N N 232 
MET O    O N N 233 
MET CB   C N N 234 
MET CG   C N N 235 
MET SD   S N N 236 
MET CE   C N N 237 
MET OXT  O N N 238 
MET H    H N N 239 
MET H2   H N N 240 
MET HA   H N N 241 
MET HB2  H N N 242 
MET HB3  H N N 243 
MET HG2  H N N 244 
MET HG3  H N N 245 
MET HE1  H N N 246 
MET HE2  H N N 247 
MET HE3  H N N 248 
MET HXT  H N N 249 
PHE N    N N N 250 
PHE CA   C N S 251 
PHE C    C N N 252 
PHE O    O N N 253 
PHE CB   C N N 254 
PHE CG   C Y N 255 
PHE CD1  C Y N 256 
PHE CD2  C Y N 257 
PHE CE1  C Y N 258 
PHE CE2  C Y N 259 
PHE CZ   C Y N 260 
PHE OXT  O N N 261 
PHE H    H N N 262 
PHE H2   H N N 263 
PHE HA   H N N 264 
PHE HB2  H N N 265 
PHE HB3  H N N 266 
PHE HD1  H N N 267 
PHE HD2  H N N 268 
PHE HE1  H N N 269 
PHE HE2  H N N 270 
PHE HZ   H N N 271 
PHE HXT  H N N 272 
PRO N    N N N 273 
PRO CA   C N S 274 
PRO C    C N N 275 
PRO O    O N N 276 
PRO CB   C N N 277 
PRO CG   C N N 278 
PRO CD   C N N 279 
PRO OXT  O N N 280 
PRO H    H N N 281 
PRO HA   H N N 282 
PRO HB2  H N N 283 
PRO HB3  H N N 284 
PRO HG2  H N N 285 
PRO HG3  H N N 286 
PRO HD2  H N N 287 
PRO HD3  H N N 288 
PRO HXT  H N N 289 
SER N    N N N 290 
SER CA   C N S 291 
SER C    C N N 292 
SER O    O N N 293 
SER CB   C N N 294 
SER OG   O N N 295 
SER OXT  O N N 296 
SER H    H N N 297 
SER H2   H N N 298 
SER HA   H N N 299 
SER HB2  H N N 300 
SER HB3  H N N 301 
SER HG   H N N 302 
SER HXT  H N N 303 
SRT O1   O N N 304 
SRT O11  O N N 305 
SRT C1   C N N 306 
SRT C2   C N S 307 
SRT O2   O N N 308 
SRT C3   C N R 309 
SRT O3   O N N 310 
SRT C4   C N N 311 
SRT O4   O N N 312 
SRT O41  O N N 313 
SRT H1   H N N 314 
SRT H2   H N N 315 
SRT HA   H N N 316 
SRT H3   H N N 317 
SRT HB   H N N 318 
SRT H41  H N N 319 
THR N    N N N 320 
THR CA   C N S 321 
THR C    C N N 322 
THR O    O N N 323 
THR CB   C N R 324 
THR OG1  O N N 325 
THR CG2  C N N 326 
THR OXT  O N N 327 
THR H    H N N 328 
THR H2   H N N 329 
THR HA   H N N 330 
THR HB   H N N 331 
THR HG1  H N N 332 
THR HG21 H N N 333 
THR HG22 H N N 334 
THR HG23 H N N 335 
THR HXT  H N N 336 
TRP N    N N N 337 
TRP CA   C N S 338 
TRP C    C N N 339 
TRP O    O N N 340 
TRP CB   C N N 341 
TRP CG   C Y N 342 
TRP CD1  C Y N 343 
TRP CD2  C Y N 344 
TRP NE1  N Y N 345 
TRP CE2  C Y N 346 
TRP CE3  C Y N 347 
TRP CZ2  C Y N 348 
TRP CZ3  C Y N 349 
TRP CH2  C Y N 350 
TRP OXT  O N N 351 
TRP H    H N N 352 
TRP H2   H N N 353 
TRP HA   H N N 354 
TRP HB2  H N N 355 
TRP HB3  H N N 356 
TRP HD1  H N N 357 
TRP HE1  H N N 358 
TRP HE3  H N N 359 
TRP HZ2  H N N 360 
TRP HZ3  H N N 361 
TRP HH2  H N N 362 
TRP HXT  H N N 363 
TYR N    N N N 364 
TYR CA   C N S 365 
TYR C    C N N 366 
TYR O    O N N 367 
TYR CB   C N N 368 
TYR CG   C Y N 369 
TYR CD1  C Y N 370 
TYR CD2  C Y N 371 
TYR CE1  C Y N 372 
TYR CE2  C Y N 373 
TYR CZ   C Y N 374 
TYR OH   O N N 375 
TYR OXT  O N N 376 
TYR H    H N N 377 
TYR H2   H N N 378 
TYR HA   H N N 379 
TYR HB2  H N N 380 
TYR HB3  H N N 381 
TYR HD1  H N N 382 
TYR HD2  H N N 383 
TYR HE1  H N N 384 
TYR HE2  H N N 385 
TYR HH   H N N 386 
TYR HXT  H N N 387 
VAL N    N N N 388 
VAL CA   C N S 389 
VAL C    C N N 390 
VAL O    O N N 391 
VAL CB   C N N 392 
VAL CG1  C N N 393 
VAL CG2  C N N 394 
VAL OXT  O N N 395 
VAL H    H N N 396 
VAL H2   H N N 397 
VAL HA   H N N 398 
VAL HB   H N N 399 
VAL HG11 H N N 400 
VAL HG12 H N N 401 
VAL HG13 H N N 402 
VAL HG21 H N N 403 
VAL HG22 H N N 404 
VAL HG23 H N N 405 
VAL HXT  H N N 406 
# 
loop_
_chem_comp_bond.comp_id 
_chem_comp_bond.atom_id_1 
_chem_comp_bond.atom_id_2 
_chem_comp_bond.value_order 
_chem_comp_bond.pdbx_aromatic_flag 
_chem_comp_bond.pdbx_stereo_config 
_chem_comp_bond.pdbx_ordinal 
ALA N   CA   sing N N 1   
ALA N   H    sing N N 2   
ALA N   H2   sing N N 3   
ALA CA  C    sing N N 4   
ALA CA  CB   sing N N 5   
ALA CA  HA   sing N N 6   
ALA C   O    doub N N 7   
ALA C   OXT  sing N N 8   
ALA CB  HB1  sing N N 9   
ALA CB  HB2  sing N N 10  
ALA CB  HB3  sing N N 11  
ALA OXT HXT  sing N N 12  
ARG N   CA   sing N N 13  
ARG N   H    sing N N 14  
ARG N   H2   sing N N 15  
ARG CA  C    sing N N 16  
ARG CA  CB   sing N N 17  
ARG CA  HA   sing N N 18  
ARG C   O    doub N N 19  
ARG C   OXT  sing N N 20  
ARG CB  CG   sing N N 21  
ARG CB  HB2  sing N N 22  
ARG CB  HB3  sing N N 23  
ARG CG  CD   sing N N 24  
ARG CG  HG2  sing N N 25  
ARG CG  HG3  sing N N 26  
ARG CD  NE   sing N N 27  
ARG CD  HD2  sing N N 28  
ARG CD  HD3  sing N N 29  
ARG NE  CZ   sing N N 30  
ARG NE  HE   sing N N 31  
ARG CZ  NH1  sing N N 32  
ARG CZ  NH2  doub N N 33  
ARG NH1 HH11 sing N N 34  
ARG NH1 HH12 sing N N 35  
ARG NH2 HH21 sing N N 36  
ARG NH2 HH22 sing N N 37  
ARG OXT HXT  sing N N 38  
ASN N   CA   sing N N 39  
ASN N   H    sing N N 40  
ASN N   H2   sing N N 41  
ASN CA  C    sing N N 42  
ASN CA  CB   sing N N 43  
ASN CA  HA   sing N N 44  
ASN C   O    doub N N 45  
ASN C   OXT  sing N N 46  
ASN CB  CG   sing N N 47  
ASN CB  HB2  sing N N 48  
ASN CB  HB3  sing N N 49  
ASN CG  OD1  doub N N 50  
ASN CG  ND2  sing N N 51  
ASN ND2 HD21 sing N N 52  
ASN ND2 HD22 sing N N 53  
ASN OXT HXT  sing N N 54  
ASP N   CA   sing N N 55  
ASP N   H    sing N N 56  
ASP N   H2   sing N N 57  
ASP CA  C    sing N N 58  
ASP CA  CB   sing N N 59  
ASP CA  HA   sing N N 60  
ASP C   O    doub N N 61  
ASP C   OXT  sing N N 62  
ASP CB  CG   sing N N 63  
ASP CB  HB2  sing N N 64  
ASP CB  HB3  sing N N 65  
ASP CG  OD1  doub N N 66  
ASP CG  OD2  sing N N 67  
ASP OD2 HD2  sing N N 68  
ASP OXT HXT  sing N N 69  
CYS N   CA   sing N N 70  
CYS N   H    sing N N 71  
CYS N   H2   sing N N 72  
CYS CA  C    sing N N 73  
CYS CA  CB   sing N N 74  
CYS CA  HA   sing N N 75  
CYS C   O    doub N N 76  
CYS C   OXT  sing N N 77  
CYS CB  SG   sing N N 78  
CYS CB  HB2  sing N N 79  
CYS CB  HB3  sing N N 80  
CYS SG  HG   sing N N 81  
CYS OXT HXT  sing N N 82  
GLN N   CA   sing N N 83  
GLN N   H    sing N N 84  
GLN N   H2   sing N N 85  
GLN CA  C    sing N N 86  
GLN CA  CB   sing N N 87  
GLN CA  HA   sing N N 88  
GLN C   O    doub N N 89  
GLN C   OXT  sing N N 90  
GLN CB  CG   sing N N 91  
GLN CB  HB2  sing N N 92  
GLN CB  HB3  sing N N 93  
GLN CG  CD   sing N N 94  
GLN CG  HG2  sing N N 95  
GLN CG  HG3  sing N N 96  
GLN CD  OE1  doub N N 97  
GLN CD  NE2  sing N N 98  
GLN NE2 HE21 sing N N 99  
GLN NE2 HE22 sing N N 100 
GLN OXT HXT  sing N N 101 
GLU N   CA   sing N N 102 
GLU N   H    sing N N 103 
GLU N   H2   sing N N 104 
GLU CA  C    sing N N 105 
GLU CA  CB   sing N N 106 
GLU CA  HA   sing N N 107 
GLU C   O    doub N N 108 
GLU C   OXT  sing N N 109 
GLU CB  CG   sing N N 110 
GLU CB  HB2  sing N N 111 
GLU CB  HB3  sing N N 112 
GLU CG  CD   sing N N 113 
GLU CG  HG2  sing N N 114 
GLU CG  HG3  sing N N 115 
GLU CD  OE1  doub N N 116 
GLU CD  OE2  sing N N 117 
GLU OE2 HE2  sing N N 118 
GLU OXT HXT  sing N N 119 
GLY N   CA   sing N N 120 
GLY N   H    sing N N 121 
GLY N   H2   sing N N 122 
GLY CA  C    sing N N 123 
GLY CA  HA2  sing N N 124 
GLY CA  HA3  sing N N 125 
GLY C   O    doub N N 126 
GLY C   OXT  sing N N 127 
GLY OXT HXT  sing N N 128 
HIS N   CA   sing N N 129 
HIS N   H    sing N N 130 
HIS N   H2   sing N N 131 
HIS CA  C    sing N N 132 
HIS CA  CB   sing N N 133 
HIS CA  HA   sing N N 134 
HIS C   O    doub N N 135 
HIS C   OXT  sing N N 136 
HIS CB  CG   sing N N 137 
HIS CB  HB2  sing N N 138 
HIS CB  HB3  sing N N 139 
HIS CG  ND1  sing Y N 140 
HIS CG  CD2  doub Y N 141 
HIS ND1 CE1  doub Y N 142 
HIS ND1 HD1  sing N N 143 
HIS CD2 NE2  sing Y N 144 
HIS CD2 HD2  sing N N 145 
HIS CE1 NE2  sing Y N 146 
HIS CE1 HE1  sing N N 147 
HIS NE2 HE2  sing N N 148 
HIS OXT HXT  sing N N 149 
HOH O   H1   sing N N 150 
HOH O   H2   sing N N 151 
ILE N   CA   sing N N 152 
ILE N   H    sing N N 153 
ILE N   H2   sing N N 154 
ILE CA  C    sing N N 155 
ILE CA  CB   sing N N 156 
ILE CA  HA   sing N N 157 
ILE C   O    doub N N 158 
ILE C   OXT  sing N N 159 
ILE CB  CG1  sing N N 160 
ILE CB  CG2  sing N N 161 
ILE CB  HB   sing N N 162 
ILE CG1 CD1  sing N N 163 
ILE CG1 HG12 sing N N 164 
ILE CG1 HG13 sing N N 165 
ILE CG2 HG21 sing N N 166 
ILE CG2 HG22 sing N N 167 
ILE CG2 HG23 sing N N 168 
ILE CD1 HD11 sing N N 169 
ILE CD1 HD12 sing N N 170 
ILE CD1 HD13 sing N N 171 
ILE OXT HXT  sing N N 172 
LEU N   CA   sing N N 173 
LEU N   H    sing N N 174 
LEU N   H2   sing N N 175 
LEU CA  C    sing N N 176 
LEU CA  CB   sing N N 177 
LEU CA  HA   sing N N 178 
LEU C   O    doub N N 179 
LEU C   OXT  sing N N 180 
LEU CB  CG   sing N N 181 
LEU CB  HB2  sing N N 182 
LEU CB  HB3  sing N N 183 
LEU CG  CD1  sing N N 184 
LEU CG  CD2  sing N N 185 
LEU CG  HG   sing N N 186 
LEU CD1 HD11 sing N N 187 
LEU CD1 HD12 sing N N 188 
LEU CD1 HD13 sing N N 189 
LEU CD2 HD21 sing N N 190 
LEU CD2 HD22 sing N N 191 
LEU CD2 HD23 sing N N 192 
LEU OXT HXT  sing N N 193 
LYS N   CA   sing N N 194 
LYS N   H    sing N N 195 
LYS N   H2   sing N N 196 
LYS CA  C    sing N N 197 
LYS CA  CB   sing N N 198 
LYS CA  HA   sing N N 199 
LYS C   O    doub N N 200 
LYS C   OXT  sing N N 201 
LYS CB  CG   sing N N 202 
LYS CB  HB2  sing N N 203 
LYS CB  HB3  sing N N 204 
LYS CG  CD   sing N N 205 
LYS CG  HG2  sing N N 206 
LYS CG  HG3  sing N N 207 
LYS CD  CE   sing N N 208 
LYS CD  HD2  sing N N 209 
LYS CD  HD3  sing N N 210 
LYS CE  NZ   sing N N 211 
LYS CE  HE2  sing N N 212 
LYS CE  HE3  sing N N 213 
LYS NZ  HZ1  sing N N 214 
LYS NZ  HZ2  sing N N 215 
LYS NZ  HZ3  sing N N 216 
LYS OXT HXT  sing N N 217 
MET N   CA   sing N N 218 
MET N   H    sing N N 219 
MET N   H2   sing N N 220 
MET CA  C    sing N N 221 
MET CA  CB   sing N N 222 
MET CA  HA   sing N N 223 
MET C   O    doub N N 224 
MET C   OXT  sing N N 225 
MET CB  CG   sing N N 226 
MET CB  HB2  sing N N 227 
MET CB  HB3  sing N N 228 
MET CG  SD   sing N N 229 
MET CG  HG2  sing N N 230 
MET CG  HG3  sing N N 231 
MET SD  CE   sing N N 232 
MET CE  HE1  sing N N 233 
MET CE  HE2  sing N N 234 
MET CE  HE3  sing N N 235 
MET OXT HXT  sing N N 236 
PHE N   CA   sing N N 237 
PHE N   H    sing N N 238 
PHE N   H2   sing N N 239 
PHE CA  C    sing N N 240 
PHE CA  CB   sing N N 241 
PHE CA  HA   sing N N 242 
PHE C   O    doub N N 243 
PHE C   OXT  sing N N 244 
PHE CB  CG   sing N N 245 
PHE CB  HB2  sing N N 246 
PHE CB  HB3  sing N N 247 
PHE CG  CD1  doub Y N 248 
PHE CG  CD2  sing Y N 249 
PHE CD1 CE1  sing Y N 250 
PHE CD1 HD1  sing N N 251 
PHE CD2 CE2  doub Y N 252 
PHE CD2 HD2  sing N N 253 
PHE CE1 CZ   doub Y N 254 
PHE CE1 HE1  sing N N 255 
PHE CE2 CZ   sing Y N 256 
PHE CE2 HE2  sing N N 257 
PHE CZ  HZ   sing N N 258 
PHE OXT HXT  sing N N 259 
PRO N   CA   sing N N 260 
PRO N   CD   sing N N 261 
PRO N   H    sing N N 262 
PRO CA  C    sing N N 263 
PRO CA  CB   sing N N 264 
PRO CA  HA   sing N N 265 
PRO C   O    doub N N 266 
PRO C   OXT  sing N N 267 
PRO CB  CG   sing N N 268 
PRO CB  HB2  sing N N 269 
PRO CB  HB3  sing N N 270 
PRO CG  CD   sing N N 271 
PRO CG  HG2  sing N N 272 
PRO CG  HG3  sing N N 273 
PRO CD  HD2  sing N N 274 
PRO CD  HD3  sing N N 275 
PRO OXT HXT  sing N N 276 
SER N   CA   sing N N 277 
SER N   H    sing N N 278 
SER N   H2   sing N N 279 
SER CA  C    sing N N 280 
SER CA  CB   sing N N 281 
SER CA  HA   sing N N 282 
SER C   O    doub N N 283 
SER C   OXT  sing N N 284 
SER CB  OG   sing N N 285 
SER CB  HB2  sing N N 286 
SER CB  HB3  sing N N 287 
SER OG  HG   sing N N 288 
SER OXT HXT  sing N N 289 
SRT O1  C1   sing N N 290 
SRT O1  H1   sing N N 291 
SRT O11 C1   doub N N 292 
SRT C1  C2   sing N N 293 
SRT C2  O2   sing N N 294 
SRT C2  C3   sing N N 295 
SRT C2  H2   sing N N 296 
SRT O2  HA   sing N N 297 
SRT C3  O3   sing N N 298 
SRT C3  C4   sing N N 299 
SRT C3  H3   sing N N 300 
SRT O3  HB   sing N N 301 
SRT C4  O4   doub N N 302 
SRT C4  O41  sing N N 303 
SRT O41 H41  sing N N 304 
THR N   CA   sing N N 305 
THR N   H    sing N N 306 
THR N   H2   sing N N 307 
THR CA  C    sing N N 308 
THR CA  CB   sing N N 309 
THR CA  HA   sing N N 310 
THR C   O    doub N N 311 
THR C   OXT  sing N N 312 
THR CB  OG1  sing N N 313 
THR CB  CG2  sing N N 314 
THR CB  HB   sing N N 315 
THR OG1 HG1  sing N N 316 
THR CG2 HG21 sing N N 317 
THR CG2 HG22 sing N N 318 
THR CG2 HG23 sing N N 319 
THR OXT HXT  sing N N 320 
TRP N   CA   sing N N 321 
TRP N   H    sing N N 322 
TRP N   H2   sing N N 323 
TRP CA  C    sing N N 324 
TRP CA  CB   sing N N 325 
TRP CA  HA   sing N N 326 
TRP C   O    doub N N 327 
TRP C   OXT  sing N N 328 
TRP CB  CG   sing N N 329 
TRP CB  HB2  sing N N 330 
TRP CB  HB3  sing N N 331 
TRP CG  CD1  doub Y N 332 
TRP CG  CD2  sing Y N 333 
TRP CD1 NE1  sing Y N 334 
TRP CD1 HD1  sing N N 335 
TRP CD2 CE2  doub Y N 336 
TRP CD2 CE3  sing Y N 337 
TRP NE1 CE2  sing Y N 338 
TRP NE1 HE1  sing N N 339 
TRP CE2 CZ2  sing Y N 340 
TRP CE3 CZ3  doub Y N 341 
TRP CE3 HE3  sing N N 342 
TRP CZ2 CH2  doub Y N 343 
TRP CZ2 HZ2  sing N N 344 
TRP CZ3 CH2  sing Y N 345 
TRP CZ3 HZ3  sing N N 346 
TRP CH2 HH2  sing N N 347 
TRP OXT HXT  sing N N 348 
TYR N   CA   sing N N 349 
TYR N   H    sing N N 350 
TYR N   H2   sing N N 351 
TYR CA  C    sing N N 352 
TYR CA  CB   sing N N 353 
TYR CA  HA   sing N N 354 
TYR C   O    doub N N 355 
TYR C   OXT  sing N N 356 
TYR CB  CG   sing N N 357 
TYR CB  HB2  sing N N 358 
TYR CB  HB3  sing N N 359 
TYR CG  CD1  doub Y N 360 
TYR CG  CD2  sing Y N 361 
TYR CD1 CE1  sing Y N 362 
TYR CD1 HD1  sing N N 363 
TYR CD2 CE2  doub Y N 364 
TYR CD2 HD2  sing N N 365 
TYR CE1 CZ   doub Y N 366 
TYR CE1 HE1  sing N N 367 
TYR CE2 CZ   sing Y N 368 
TYR CE2 HE2  sing N N 369 
TYR CZ  OH   sing N N 370 
TYR OH  HH   sing N N 371 
TYR OXT HXT  sing N N 372 
VAL N   CA   sing N N 373 
VAL N   H    sing N N 374 
VAL N   H2   sing N N 375 
VAL CA  C    sing N N 376 
VAL CA  CB   sing N N 377 
VAL CA  HA   sing N N 378 
VAL C   O    doub N N 379 
VAL C   OXT  sing N N 380 
VAL CB  CG1  sing N N 381 
VAL CB  CG2  sing N N 382 
VAL CB  HB   sing N N 383 
VAL CG1 HG11 sing N N 384 
VAL CG1 HG12 sing N N 385 
VAL CG1 HG13 sing N N 386 
VAL CG2 HG21 sing N N 387 
VAL CG2 HG22 sing N N 388 
VAL CG2 HG23 sing N N 389 
VAL OXT HXT  sing N N 390 
# 
loop_
_pdbx_entity_nonpoly.entity_id 
_pdbx_entity_nonpoly.name 
_pdbx_entity_nonpoly.comp_id 
2 'S,R MESO-TARTARIC ACID' SRT 
3 water                    HOH 
# 
_pdbx_initial_refinement_model.id               1 
_pdbx_initial_refinement_model.entity_id_list   ? 
_pdbx_initial_refinement_model.type             'experimental model' 
_pdbx_initial_refinement_model.source_name      PDB 
_pdbx_initial_refinement_model.accession_code   1DZR 
_pdbx_initial_refinement_model.details          'pdb entry 1DZR' 
# 
